data_3FFM
# 
_entry.id   3FFM 
# 
_audit_conform.dict_name       mmcif_pdbx.dic 
_audit_conform.dict_version    5.403 
_audit_conform.dict_location   http://mmcif.pdb.org/dictionaries/ascii/mmcif_pdbx.dic 
# 
loop_
_database_2.database_id 
_database_2.database_code 
_database_2.pdbx_database_accession 
_database_2.pdbx_DOI 
PDB   3FFM         pdb_00003ffm 10.2210/pdb3ffm/pdb 
RCSB  RCSB050530   ?            ?                   
WWPDB D_1000050530 ?            ?                   
# 
loop_
_pdbx_audit_revision_history.ordinal 
_pdbx_audit_revision_history.data_content_type 
_pdbx_audit_revision_history.major_revision 
_pdbx_audit_revision_history.minor_revision 
_pdbx_audit_revision_history.revision_date 
_pdbx_audit_revision_history.part_number 
1 'Structure model' 1 0 2010-01-19 ? 
2 'Structure model' 1 1 2011-07-13 ? 
3 'Structure model' 1 2 2024-03-20 ? 
4 'Structure model' 1 3 2025-05-28 ? 
# 
_pdbx_audit_revision_details.ordinal             1 
_pdbx_audit_revision_details.revision_ordinal    1 
_pdbx_audit_revision_details.data_content_type   'Structure model' 
_pdbx_audit_revision_details.provider            repository 
_pdbx_audit_revision_details.type                'Initial release' 
_pdbx_audit_revision_details.description         ? 
_pdbx_audit_revision_details.details             ? 
# 
loop_
_pdbx_audit_revision_group.ordinal 
_pdbx_audit_revision_group.revision_ordinal 
_pdbx_audit_revision_group.data_content_type 
_pdbx_audit_revision_group.group 
1 2 'Structure model' 'Version format compliance' 
2 3 'Structure model' 'Data collection'           
3 3 'Structure model' 'Database references'       
4 4 'Structure model' 'Structure summary'         
# 
loop_
_pdbx_audit_revision_category.ordinal 
_pdbx_audit_revision_category.revision_ordinal 
_pdbx_audit_revision_category.data_content_type 
_pdbx_audit_revision_category.category 
1 3 'Structure model' chem_comp_atom     
2 3 'Structure model' chem_comp_bond     
3 3 'Structure model' database_2         
4 3 'Structure model' struct_ref_seq_dif 
5 4 'Structure model' pdbx_entry_details 
# 
loop_
_pdbx_audit_revision_item.ordinal 
_pdbx_audit_revision_item.revision_ordinal 
_pdbx_audit_revision_item.data_content_type 
_pdbx_audit_revision_item.item 
1 3 'Structure model' '_database_2.pdbx_DOI'                
2 3 'Structure model' '_database_2.pdbx_database_accession' 
3 3 'Structure model' '_struct_ref_seq_dif.details'         
# 
_pdbx_database_status.status_code                     REL 
_pdbx_database_status.entry_id                        3FFM 
_pdbx_database_status.recvd_initial_deposition_date   2008-12-04 
_pdbx_database_status.deposit_site                    RCSB 
_pdbx_database_status.process_site                    PDBJ 
_pdbx_database_status.status_code_sf                  REL 
_pdbx_database_status.status_code_mr                  ? 
_pdbx_database_status.SG_entry                        ? 
_pdbx_database_status.pdb_format_compatible           Y 
_pdbx_database_status.status_code_cs                  ? 
_pdbx_database_status.status_code_nmr_data            ? 
_pdbx_database_status.methods_development_category    ? 
# 
loop_
_audit_author.name 
_audit_author.pdbx_ordinal 
'Zhang, W.Z.' 1 
'Fu, S.'      2 
'Zeng, Z.H.'  3 
'Rao, Z.H.'   4 
# 
_citation.id                        primary 
_citation.title                     'The crystal structure of human Gadd45g' 
_citation.journal_abbrev            'To be Published' 
_citation.journal_volume            ? 
_citation.page_first                ? 
_citation.page_last                 ? 
_citation.year                      ? 
_citation.journal_id_ASTM           ? 
_citation.country                   ? 
_citation.journal_id_ISSN           ? 
_citation.journal_id_CSD            0353 
_citation.book_publisher            ? 
_citation.pdbx_database_id_PubMed   ? 
_citation.pdbx_database_id_DOI      ? 
# 
loop_
_citation_author.citation_id 
_citation_author.name 
_citation_author.ordinal 
_citation_author.identifier_ORCID 
primary 'Zhang, W.Z.' 1 ? 
primary 'Fu, S.'      2 ? 
primary 'Zeng, Z.H.'  3 ? 
primary 'Rao, Z.H.'   4 ? 
# 
loop_
_entity.id 
_entity.type 
_entity.src_method 
_entity.pdbx_description 
_entity.formula_weight 
_entity.pdbx_number_of_molecules 
_entity.pdbx_ec 
_entity.pdbx_mutation 
_entity.pdbx_fragment 
_entity.details 
1 polymer man 'Growth arrest and DNA-damage-inducible protein GADD45 gamma' 17919.033 1  ? ? ? ? 
2 water   nat water                                                         18.015    68 ? ? ? ? 
# 
_entity_name_com.entity_id   1 
_entity_name_com.name        'Cytokine-responsive protein CR6, DNA-damage-inducible transcript 2, DDIT-2' 
# 
_entity_poly.entity_id                      1 
_entity_poly.type                           'polypeptide(L)' 
_entity_poly.nstd_linkage                   no 
_entity_poly.nstd_monomer                   no 
_entity_poly.pdbx_seq_one_letter_code       
;GPLGSPEFMTLEEVRGQDTVPESTARMQGAGKALHELLLSAQRQGCLTAGVYESAKVLNVDPDNVTFCVLAAGEEDEGDI
ALQIHFTLIQAFCCENDIDIVRVGDVQRLAAIVGAGEEAGAPGDLHCILISNPNEDAWKDPALEKLSLFCEESRSVNDWV
PSITLPE
;
_entity_poly.pdbx_seq_one_letter_code_can   
;GPLGSPEFMTLEEVRGQDTVPESTARMQGAGKALHELLLSAQRQGCLTAGVYESAKVLNVDPDNVTFCVLAAGEEDEGDI
ALQIHFTLIQAFCCENDIDIVRVGDVQRLAAIVGAGEEAGAPGDLHCILISNPNEDAWKDPALEKLSLFCEESRSVNDWV
PSITLPE
;
_entity_poly.pdbx_strand_id                 A 
_entity_poly.pdbx_target_identifier         ? 
# 
_pdbx_entity_nonpoly.entity_id   2 
_pdbx_entity_nonpoly.name        water 
_pdbx_entity_nonpoly.comp_id     HOH 
# 
loop_
_entity_poly_seq.entity_id 
_entity_poly_seq.num 
_entity_poly_seq.mon_id 
_entity_poly_seq.hetero 
1 1   GLY n 
1 2   PRO n 
1 3   LEU n 
1 4   GLY n 
1 5   SER n 
1 6   PRO n 
1 7   GLU n 
1 8   PHE n 
1 9   MET n 
1 10  THR n 
1 11  LEU n 
1 12  GLU n 
1 13  GLU n 
1 14  VAL n 
1 15  ARG n 
1 16  GLY n 
1 17  GLN n 
1 18  ASP n 
1 19  THR n 
1 20  VAL n 
1 21  PRO n 
1 22  GLU n 
1 23  SER n 
1 24  THR n 
1 25  ALA n 
1 26  ARG n 
1 27  MET n 
1 28  GLN n 
1 29  GLY n 
1 30  ALA n 
1 31  GLY n 
1 32  LYS n 
1 33  ALA n 
1 34  LEU n 
1 35  HIS n 
1 36  GLU n 
1 37  LEU n 
1 38  LEU n 
1 39  LEU n 
1 40  SER n 
1 41  ALA n 
1 42  GLN n 
1 43  ARG n 
1 44  GLN n 
1 45  GLY n 
1 46  CYS n 
1 47  LEU n 
1 48  THR n 
1 49  ALA n 
1 50  GLY n 
1 51  VAL n 
1 52  TYR n 
1 53  GLU n 
1 54  SER n 
1 55  ALA n 
1 56  LYS n 
1 57  VAL n 
1 58  LEU n 
1 59  ASN n 
1 60  VAL n 
1 61  ASP n 
1 62  PRO n 
1 63  ASP n 
1 64  ASN n 
1 65  VAL n 
1 66  THR n 
1 67  PHE n 
1 68  CYS n 
1 69  VAL n 
1 70  LEU n 
1 71  ALA n 
1 72  ALA n 
1 73  GLY n 
1 74  GLU n 
1 75  GLU n 
1 76  ASP n 
1 77  GLU n 
1 78  GLY n 
1 79  ASP n 
1 80  ILE n 
1 81  ALA n 
1 82  LEU n 
1 83  GLN n 
1 84  ILE n 
1 85  HIS n 
1 86  PHE n 
1 87  THR n 
1 88  LEU n 
1 89  ILE n 
1 90  GLN n 
1 91  ALA n 
1 92  PHE n 
1 93  CYS n 
1 94  CYS n 
1 95  GLU n 
1 96  ASN n 
1 97  ASP n 
1 98  ILE n 
1 99  ASP n 
1 100 ILE n 
1 101 VAL n 
1 102 ARG n 
1 103 VAL n 
1 104 GLY n 
1 105 ASP n 
1 106 VAL n 
1 107 GLN n 
1 108 ARG n 
1 109 LEU n 
1 110 ALA n 
1 111 ALA n 
1 112 ILE n 
1 113 VAL n 
1 114 GLY n 
1 115 ALA n 
1 116 GLY n 
1 117 GLU n 
1 118 GLU n 
1 119 ALA n 
1 120 GLY n 
1 121 ALA n 
1 122 PRO n 
1 123 GLY n 
1 124 ASP n 
1 125 LEU n 
1 126 HIS n 
1 127 CYS n 
1 128 ILE n 
1 129 LEU n 
1 130 ILE n 
1 131 SER n 
1 132 ASN n 
1 133 PRO n 
1 134 ASN n 
1 135 GLU n 
1 136 ASP n 
1 137 ALA n 
1 138 TRP n 
1 139 LYS n 
1 140 ASP n 
1 141 PRO n 
1 142 ALA n 
1 143 LEU n 
1 144 GLU n 
1 145 LYS n 
1 146 LEU n 
1 147 SER n 
1 148 LEU n 
1 149 PHE n 
1 150 CYS n 
1 151 GLU n 
1 152 GLU n 
1 153 SER n 
1 154 ARG n 
1 155 SER n 
1 156 VAL n 
1 157 ASN n 
1 158 ASP n 
1 159 TRP n 
1 160 VAL n 
1 161 PRO n 
1 162 SER n 
1 163 ILE n 
1 164 THR n 
1 165 LEU n 
1 166 PRO n 
1 167 GLU n 
# 
_entity_src_gen.entity_id                          1 
_entity_src_gen.pdbx_src_id                        1 
_entity_src_gen.pdbx_alt_source_flag               sample 
_entity_src_gen.pdbx_seq_type                      ? 
_entity_src_gen.pdbx_beg_seq_num                   ? 
_entity_src_gen.pdbx_end_seq_num                   ? 
_entity_src_gen.gene_src_common_name               human 
_entity_src_gen.gene_src_genus                     ? 
_entity_src_gen.pdbx_gene_src_gene                 'CR6, DDIT2, GADD45G' 
_entity_src_gen.gene_src_species                   ? 
_entity_src_gen.gene_src_strain                    ? 
_entity_src_gen.gene_src_tissue                    ? 
_entity_src_gen.gene_src_tissue_fraction           ? 
_entity_src_gen.gene_src_details                   ? 
_entity_src_gen.pdbx_gene_src_fragment             ? 
_entity_src_gen.pdbx_gene_src_scientific_name      'Homo sapiens' 
_entity_src_gen.pdbx_gene_src_ncbi_taxonomy_id     9606 
_entity_src_gen.pdbx_gene_src_variant              ? 
_entity_src_gen.pdbx_gene_src_cell_line            ? 
_entity_src_gen.pdbx_gene_src_atcc                 ? 
_entity_src_gen.pdbx_gene_src_organ                ? 
_entity_src_gen.pdbx_gene_src_organelle            ? 
_entity_src_gen.pdbx_gene_src_cell                 ? 
_entity_src_gen.pdbx_gene_src_cellular_location    ? 
_entity_src_gen.host_org_common_name               ? 
_entity_src_gen.pdbx_host_org_scientific_name      'Escherichia coli' 
_entity_src_gen.pdbx_host_org_ncbi_taxonomy_id     562 
_entity_src_gen.host_org_genus                     ? 
_entity_src_gen.pdbx_host_org_gene                 ? 
_entity_src_gen.pdbx_host_org_organ                ? 
_entity_src_gen.host_org_species                   ? 
_entity_src_gen.pdbx_host_org_tissue               ? 
_entity_src_gen.pdbx_host_org_tissue_fraction      ? 
_entity_src_gen.pdbx_host_org_strain               'BL21(DE3)' 
_entity_src_gen.pdbx_host_org_variant              ? 
_entity_src_gen.pdbx_host_org_cell_line            ? 
_entity_src_gen.pdbx_host_org_atcc                 ? 
_entity_src_gen.pdbx_host_org_culture_collection   ? 
_entity_src_gen.pdbx_host_org_cell                 ? 
_entity_src_gen.pdbx_host_org_organelle            ? 
_entity_src_gen.pdbx_host_org_cellular_location    ? 
_entity_src_gen.pdbx_host_org_vector_type          PLASMID 
_entity_src_gen.pdbx_host_org_vector               ? 
_entity_src_gen.host_org_details                   ? 
_entity_src_gen.expression_system_id               ? 
_entity_src_gen.plasmid_name                       pGEX-6p-1 
_entity_src_gen.plasmid_details                    ? 
_entity_src_gen.pdbx_description                   ? 
# 
loop_
_chem_comp.id 
_chem_comp.type 
_chem_comp.mon_nstd_flag 
_chem_comp.name 
_chem_comp.pdbx_synonyms 
_chem_comp.formula 
_chem_comp.formula_weight 
ALA 'L-peptide linking' y ALANINE         ? 'C3 H7 N O2'     89.093  
ARG 'L-peptide linking' y ARGININE        ? 'C6 H15 N4 O2 1' 175.209 
ASN 'L-peptide linking' y ASPARAGINE      ? 'C4 H8 N2 O3'    132.118 
ASP 'L-peptide linking' y 'ASPARTIC ACID' ? 'C4 H7 N O4'     133.103 
CYS 'L-peptide linking' y CYSTEINE        ? 'C3 H7 N O2 S'   121.158 
GLN 'L-peptide linking' y GLUTAMINE       ? 'C5 H10 N2 O3'   146.144 
GLU 'L-peptide linking' y 'GLUTAMIC ACID' ? 'C5 H9 N O4'     147.129 
GLY 'peptide linking'   y GLYCINE         ? 'C2 H5 N O2'     75.067  
HIS 'L-peptide linking' y HISTIDINE       ? 'C6 H10 N3 O2 1' 156.162 
HOH non-polymer         . WATER           ? 'H2 O'           18.015  
ILE 'L-peptide linking' y ISOLEUCINE      ? 'C6 H13 N O2'    131.173 
LEU 'L-peptide linking' y LEUCINE         ? 'C6 H13 N O2'    131.173 
LYS 'L-peptide linking' y LYSINE          ? 'C6 H15 N2 O2 1' 147.195 
MET 'L-peptide linking' y METHIONINE      ? 'C5 H11 N O2 S'  149.211 
PHE 'L-peptide linking' y PHENYLALANINE   ? 'C9 H11 N O2'    165.189 
PRO 'L-peptide linking' y PROLINE         ? 'C5 H9 N O2'     115.130 
SER 'L-peptide linking' y SERINE          ? 'C3 H7 N O3'     105.093 
THR 'L-peptide linking' y THREONINE       ? 'C4 H9 N O3'     119.119 
TRP 'L-peptide linking' y TRYPTOPHAN      ? 'C11 H12 N2 O2'  204.225 
TYR 'L-peptide linking' y TYROSINE        ? 'C9 H11 N O3'    181.189 
VAL 'L-peptide linking' y VALINE          ? 'C5 H11 N O2'    117.146 
# 
loop_
_pdbx_poly_seq_scheme.asym_id 
_pdbx_poly_seq_scheme.entity_id 
_pdbx_poly_seq_scheme.seq_id 
_pdbx_poly_seq_scheme.mon_id 
_pdbx_poly_seq_scheme.ndb_seq_num 
_pdbx_poly_seq_scheme.pdb_seq_num 
_pdbx_poly_seq_scheme.auth_seq_num 
_pdbx_poly_seq_scheme.pdb_mon_id 
_pdbx_poly_seq_scheme.auth_mon_id 
_pdbx_poly_seq_scheme.pdb_strand_id 
_pdbx_poly_seq_scheme.pdb_ins_code 
_pdbx_poly_seq_scheme.hetero 
A 1 1   GLY 1   -7  ?   ?   ?   A . n 
A 1 2   PRO 2   -6  ?   ?   ?   A . n 
A 1 3   LEU 3   -5  ?   ?   ?   A . n 
A 1 4   GLY 4   -4  ?   ?   ?   A . n 
A 1 5   SER 5   -3  ?   ?   ?   A . n 
A 1 6   PRO 6   -2  ?   ?   ?   A . n 
A 1 7   GLU 7   -1  ?   ?   ?   A . n 
A 1 8   PHE 8   0   ?   ?   ?   A . n 
A 1 9   MET 9   1   ?   ?   ?   A . n 
A 1 10  THR 10  2   ?   ?   ?   A . n 
A 1 11  LEU 11  3   ?   ?   ?   A . n 
A 1 12  GLU 12  4   ?   ?   ?   A . n 
A 1 13  GLU 13  5   ?   ?   ?   A . n 
A 1 14  VAL 14  6   ?   ?   ?   A . n 
A 1 15  ARG 15  7   ?   ?   ?   A . n 
A 1 16  GLY 16  8   ?   ?   ?   A . n 
A 1 17  GLN 17  9   ?   ?   ?   A . n 
A 1 18  ASP 18  10  ?   ?   ?   A . n 
A 1 19  THR 19  11  ?   ?   ?   A . n 
A 1 20  VAL 20  12  ?   ?   ?   A . n 
A 1 21  PRO 21  13  ?   ?   ?   A . n 
A 1 22  GLU 22  14  ?   ?   ?   A . n 
A 1 23  SER 23  15  15  SER SER A . n 
A 1 24  THR 24  16  16  THR THR A . n 
A 1 25  ALA 25  17  17  ALA ALA A . n 
A 1 26  ARG 26  18  18  ARG ARG A . n 
A 1 27  MET 27  19  19  MET MET A . n 
A 1 28  GLN 28  20  20  GLN GLN A . n 
A 1 29  GLY 29  21  21  GLY GLY A . n 
A 1 30  ALA 30  22  22  ALA ALA A . n 
A 1 31  GLY 31  23  23  GLY GLY A . n 
A 1 32  LYS 32  24  24  LYS LYS A . n 
A 1 33  ALA 33  25  25  ALA ALA A . n 
A 1 34  LEU 34  26  26  LEU LEU A . n 
A 1 35  HIS 35  27  27  HIS HIS A . n 
A 1 36  GLU 36  28  28  GLU GLU A . n 
A 1 37  LEU 37  29  29  LEU LEU A . n 
A 1 38  LEU 38  30  30  LEU LEU A . n 
A 1 39  LEU 39  31  31  LEU LEU A . n 
A 1 40  SER 40  32  32  SER SER A . n 
A 1 41  ALA 41  33  33  ALA ALA A . n 
A 1 42  GLN 42  34  34  GLN GLN A . n 
A 1 43  ARG 43  35  35  ARG ARG A . n 
A 1 44  GLN 44  36  36  GLN GLN A . n 
A 1 45  GLY 45  37  37  GLY GLY A . n 
A 1 46  CYS 46  38  38  CYS CYS A . n 
A 1 47  LEU 47  39  39  LEU LEU A . n 
A 1 48  THR 48  40  40  THR THR A . n 
A 1 49  ALA 49  41  41  ALA ALA A . n 
A 1 50  GLY 50  42  42  GLY GLY A . n 
A 1 51  VAL 51  43  43  VAL VAL A . n 
A 1 52  TYR 52  44  44  TYR TYR A . n 
A 1 53  GLU 53  45  45  GLU GLU A . n 
A 1 54  SER 54  46  46  SER SER A . n 
A 1 55  ALA 55  47  47  ALA ALA A . n 
A 1 56  LYS 56  48  48  LYS LYS A . n 
A 1 57  VAL 57  49  49  VAL VAL A . n 
A 1 58  LEU 58  50  50  LEU LEU A . n 
A 1 59  ASN 59  51  51  ASN ASN A . n 
A 1 60  VAL 60  52  52  VAL VAL A . n 
A 1 61  ASP 61  53  53  ASP ASP A . n 
A 1 62  PRO 62  54  54  PRO PRO A . n 
A 1 63  ASP 63  55  55  ASP ASP A . n 
A 1 64  ASN 64  56  56  ASN ASN A . n 
A 1 65  VAL 65  57  57  VAL VAL A . n 
A 1 66  THR 66  58  58  THR THR A . n 
A 1 67  PHE 67  59  59  PHE PHE A . n 
A 1 68  CYS 68  60  60  CYS CYS A . n 
A 1 69  VAL 69  61  61  VAL VAL A . n 
A 1 70  LEU 70  62  62  LEU LEU A . n 
A 1 71  ALA 71  63  63  ALA ALA A . n 
A 1 72  ALA 72  64  64  ALA ALA A . n 
A 1 73  GLY 73  65  65  GLY GLY A . n 
A 1 74  GLU 74  66  66  GLU GLU A . n 
A 1 75  GLU 75  67  67  GLU GLU A . n 
A 1 76  ASP 76  68  68  ASP ASP A . n 
A 1 77  GLU 77  69  69  GLU GLU A . n 
A 1 78  GLY 78  70  70  GLY GLY A . n 
A 1 79  ASP 79  71  71  ASP ASP A . n 
A 1 80  ILE 80  72  72  ILE ILE A . n 
A 1 81  ALA 81  73  73  ALA ALA A . n 
A 1 82  LEU 82  74  74  LEU LEU A . n 
A 1 83  GLN 83  75  75  GLN GLN A . n 
A 1 84  ILE 84  76  76  ILE ILE A . n 
A 1 85  HIS 85  77  77  HIS HIS A . n 
A 1 86  PHE 86  78  78  PHE PHE A . n 
A 1 87  THR 87  79  79  THR THR A . n 
A 1 88  LEU 88  80  80  LEU LEU A . n 
A 1 89  ILE 89  81  81  ILE ILE A . n 
A 1 90  GLN 90  82  82  GLN GLN A . n 
A 1 91  ALA 91  83  83  ALA ALA A . n 
A 1 92  PHE 92  84  84  PHE PHE A . n 
A 1 93  CYS 93  85  85  CYS CYS A . n 
A 1 94  CYS 94  86  86  CYS CYS A . n 
A 1 95  GLU 95  87  87  GLU GLU A . n 
A 1 96  ASN 96  88  88  ASN ASN A . n 
A 1 97  ASP 97  89  89  ASP ASP A . n 
A 1 98  ILE 98  90  90  ILE ILE A . n 
A 1 99  ASP 99  91  91  ASP ASP A . n 
A 1 100 ILE 100 92  92  ILE ILE A . n 
A 1 101 VAL 101 93  93  VAL VAL A . n 
A 1 102 ARG 102 94  94  ARG ARG A . n 
A 1 103 VAL 103 95  95  VAL VAL A . n 
A 1 104 GLY 104 96  96  GLY GLY A . n 
A 1 105 ASP 105 97  97  ASP ASP A . n 
A 1 106 VAL 106 98  98  VAL VAL A . n 
A 1 107 GLN 107 99  99  GLN GLN A . n 
A 1 108 ARG 108 100 100 ARG ARG A . n 
A 1 109 LEU 109 101 101 LEU LEU A . n 
A 1 110 ALA 110 102 102 ALA ALA A . n 
A 1 111 ALA 111 103 103 ALA ALA A . n 
A 1 112 ILE 112 104 104 ILE ILE A . n 
A 1 113 VAL 113 105 105 VAL VAL A . n 
A 1 114 GLY 114 106 106 GLY GLY A . n 
A 1 115 ALA 115 107 107 ALA ALA A . n 
A 1 116 GLY 116 108 108 GLY GLY A . n 
A 1 117 GLU 117 109 109 GLU GLU A . n 
A 1 118 GLU 118 110 110 GLU GLU A . n 
A 1 119 ALA 119 111 111 ALA ALA A . n 
A 1 120 GLY 120 112 112 GLY GLY A . n 
A 1 121 ALA 121 113 113 ALA ALA A . n 
A 1 122 PRO 122 114 114 PRO PRO A . n 
A 1 123 GLY 123 115 115 GLY GLY A . n 
A 1 124 ASP 124 116 116 ASP ASP A . n 
A 1 125 LEU 125 117 117 LEU LEU A . n 
A 1 126 HIS 126 118 118 HIS HIS A . n 
A 1 127 CYS 127 119 119 CYS CYS A . n 
A 1 128 ILE 128 120 120 ILE ILE A . n 
A 1 129 LEU 129 121 121 LEU LEU A . n 
A 1 130 ILE 130 122 122 ILE ILE A . n 
A 1 131 SER 131 123 123 SER SER A . n 
A 1 132 ASN 132 124 124 ASN ASN A . n 
A 1 133 PRO 133 125 125 PRO PRO A . n 
A 1 134 ASN 134 126 126 ASN ASN A . n 
A 1 135 GLU 135 127 127 GLU GLU A . n 
A 1 136 ASP 136 128 128 ASP ASP A . n 
A 1 137 ALA 137 129 129 ALA ALA A . n 
A 1 138 TRP 138 130 130 TRP TRP A . n 
A 1 139 LYS 139 131 131 LYS LYS A . n 
A 1 140 ASP 140 132 132 ASP ASP A . n 
A 1 141 PRO 141 133 133 PRO PRO A . n 
A 1 142 ALA 142 134 134 ALA ALA A . n 
A 1 143 LEU 143 135 135 LEU LEU A . n 
A 1 144 GLU 144 136 136 GLU GLU A . n 
A 1 145 LYS 145 137 137 LYS LYS A . n 
A 1 146 LEU 146 138 138 LEU LEU A . n 
A 1 147 SER 147 139 139 SER SER A . n 
A 1 148 LEU 148 140 140 LEU LEU A . n 
A 1 149 PHE 149 141 141 PHE PHE A . n 
A 1 150 CYS 150 142 142 CYS CYS A . n 
A 1 151 GLU 151 143 143 GLU GLU A . n 
A 1 152 GLU 152 144 144 GLU GLU A . n 
A 1 153 SER 153 145 145 SER SER A . n 
A 1 154 ARG 154 146 146 ARG ARG A . n 
A 1 155 SER 155 147 147 SER SER A . n 
A 1 156 VAL 156 148 148 VAL VAL A . n 
A 1 157 ASN 157 149 149 ASN ASN A . n 
A 1 158 ASP 158 150 150 ASP ASP A . n 
A 1 159 TRP 159 151 151 TRP TRP A . n 
A 1 160 VAL 160 152 152 VAL VAL A . n 
A 1 161 PRO 161 153 153 PRO PRO A . n 
A 1 162 SER 162 154 154 SER SER A . n 
A 1 163 ILE 163 155 155 ILE ILE A . n 
A 1 164 THR 164 156 156 THR THR A . n 
A 1 165 LEU 165 157 157 LEU LEU A . n 
A 1 166 PRO 166 158 158 PRO PRO A . n 
A 1 167 GLU 167 159 159 GLU GLU A . n 
# 
loop_
_pdbx_nonpoly_scheme.asym_id 
_pdbx_nonpoly_scheme.entity_id 
_pdbx_nonpoly_scheme.mon_id 
_pdbx_nonpoly_scheme.ndb_seq_num 
_pdbx_nonpoly_scheme.pdb_seq_num 
_pdbx_nonpoly_scheme.auth_seq_num 
_pdbx_nonpoly_scheme.pdb_mon_id 
_pdbx_nonpoly_scheme.auth_mon_id 
_pdbx_nonpoly_scheme.pdb_strand_id 
_pdbx_nonpoly_scheme.pdb_ins_code 
B 2 HOH 1  160 1  HOH HOH A . 
B 2 HOH 2  161 2  HOH HOH A . 
B 2 HOH 3  162 3  HOH HOH A . 
B 2 HOH 4  163 4  HOH HOH A . 
B 2 HOH 5  164 5  HOH HOH A . 
B 2 HOH 6  165 6  HOH HOH A . 
B 2 HOH 7  166 7  HOH HOH A . 
B 2 HOH 8  167 8  HOH HOH A . 
B 2 HOH 9  168 9  HOH HOH A . 
B 2 HOH 10 169 10 HOH HOH A . 
B 2 HOH 11 170 11 HOH HOH A . 
B 2 HOH 12 171 12 HOH HOH A . 
B 2 HOH 13 172 13 HOH HOH A . 
B 2 HOH 14 173 14 HOH HOH A . 
B 2 HOH 15 174 15 HOH HOH A . 
B 2 HOH 16 175 16 HOH HOH A . 
B 2 HOH 17 176 17 HOH HOH A . 
B 2 HOH 18 177 18 HOH HOH A . 
B 2 HOH 19 178 19 HOH HOH A . 
B 2 HOH 20 179 20 HOH HOH A . 
B 2 HOH 21 180 21 HOH HOH A . 
B 2 HOH 22 181 22 HOH HOH A . 
B 2 HOH 23 182 23 HOH HOH A . 
B 2 HOH 24 183 24 HOH HOH A . 
B 2 HOH 25 184 25 HOH HOH A . 
B 2 HOH 26 185 26 HOH HOH A . 
B 2 HOH 27 186 27 HOH HOH A . 
B 2 HOH 28 187 28 HOH HOH A . 
B 2 HOH 29 188 29 HOH HOH A . 
B 2 HOH 30 189 30 HOH HOH A . 
B 2 HOH 31 190 31 HOH HOH A . 
B 2 HOH 32 191 32 HOH HOH A . 
B 2 HOH 33 192 33 HOH HOH A . 
B 2 HOH 34 193 34 HOH HOH A . 
B 2 HOH 35 194 35 HOH HOH A . 
B 2 HOH 36 195 36 HOH HOH A . 
B 2 HOH 37 196 37 HOH HOH A . 
B 2 HOH 38 197 38 HOH HOH A . 
B 2 HOH 39 198 39 HOH HOH A . 
B 2 HOH 40 199 40 HOH HOH A . 
B 2 HOH 41 200 41 HOH HOH A . 
B 2 HOH 42 201 42 HOH HOH A . 
B 2 HOH 43 202 43 HOH HOH A . 
B 2 HOH 44 203 44 HOH HOH A . 
B 2 HOH 45 204 45 HOH HOH A . 
B 2 HOH 46 205 46 HOH HOH A . 
B 2 HOH 47 206 47 HOH HOH A . 
B 2 HOH 48 207 48 HOH HOH A . 
B 2 HOH 49 208 49 HOH HOH A . 
B 2 HOH 50 209 50 HOH HOH A . 
B 2 HOH 51 210 51 HOH HOH A . 
B 2 HOH 52 211 52 HOH HOH A . 
B 2 HOH 53 212 53 HOH HOH A . 
B 2 HOH 54 213 54 HOH HOH A . 
B 2 HOH 55 214 55 HOH HOH A . 
B 2 HOH 56 215 56 HOH HOH A . 
B 2 HOH 57 216 57 HOH HOH A . 
B 2 HOH 58 217 58 HOH HOH A . 
B 2 HOH 59 218 59 HOH HOH A . 
B 2 HOH 60 219 60 HOH HOH A . 
B 2 HOH 61 220 61 HOH HOH A . 
B 2 HOH 62 221 62 HOH HOH A . 
B 2 HOH 63 222 63 HOH HOH A . 
B 2 HOH 64 223 64 HOH HOH A . 
B 2 HOH 65 224 65 HOH HOH A . 
B 2 HOH 66 225 66 HOH HOH A . 
B 2 HOH 67 226 67 HOH HOH A . 
B 2 HOH 68 227 68 HOH HOH A . 
# 
loop_
_software.name 
_software.classification 
_software.version 
_software.citation_id 
_software.pdbx_ordinal 
HKL-2000 'data collection' .   ? 1 
SHELXS   phasing           .   ? 2 
CNS      refinement        1.1 ? 3 
HKL-2000 'data reduction'  .   ? 4 
HKL-2000 'data scaling'    .   ? 5 
# 
_cell.entry_id           3FFM 
_cell.length_a           126.413 
_cell.length_b           126.413 
_cell.length_c           126.413 
_cell.angle_alpha        90.00 
_cell.angle_beta         90.00 
_cell.angle_gamma        90.00 
_cell.Z_PDB              24 
_cell.pdbx_unique_axis   ? 
_cell.length_a_esd       ? 
_cell.length_b_esd       ? 
_cell.length_c_esd       ? 
_cell.angle_alpha_esd    ? 
_cell.angle_beta_esd     ? 
_cell.angle_gamma_esd    ? 
# 
_symmetry.entry_id                         3FFM 
_symmetry.space_group_name_H-M             'I 21 3' 
_symmetry.pdbx_full_space_group_name_H-M   ? 
_symmetry.cell_setting                     ? 
_symmetry.Int_Tables_number                199 
_symmetry.space_group_name_Hall            ? 
# 
_exptl.entry_id          3FFM 
_exptl.method            'X-RAY DIFFRACTION' 
_exptl.crystals_number   2 
# 
loop_
_exptl_crystal.id 
_exptl_crystal.density_meas 
_exptl_crystal.density_Matthews 
_exptl_crystal.density_percent_sol 
_exptl_crystal.description 
_exptl_crystal.F_000 
_exptl_crystal.preparation 
1 ? 4.70 73.81 ? ? ? 
2 ? ?    ?     ? ? ? 
# 
_exptl_crystal_grow.crystal_id      1 
_exptl_crystal_grow.method          'VAPOR DIFFUSION, HANGING DROP' 
_exptl_crystal_grow.temp            298.0 
_exptl_crystal_grow.temp_details    ? 
_exptl_crystal_grow.pH              6.5 
_exptl_crystal_grow.pdbx_details    '25% PEG 3350, 0.2M Nacl, pH 6.5, VAPOR DIFFUSION, HANGING DROP, temperature 298.0K' 
_exptl_crystal_grow.pdbx_pH_range   . 
# 
loop_
_diffrn.id 
_diffrn.ambient_temp 
_diffrn.ambient_temp_details 
_diffrn.crystal_id 
1 ? ? 1 
2 ? ? 2 
# 
loop_
_diffrn_detector.diffrn_id 
_diffrn_detector.detector 
_diffrn_detector.type 
_diffrn_detector.pdbx_collection_date 
_diffrn_detector.details 
1 CCD 'ADSC QUANTUM 315' 2007-11-01 ? 
2 CCD 'MAR CCD 165 mm'   2007-07-26 ? 
# 
loop_
_diffrn_radiation.diffrn_id 
_diffrn_radiation.wavelength_id 
_diffrn_radiation.pdbx_monochromatic_or_laue_m_l 
_diffrn_radiation.monochromator 
_diffrn_radiation.pdbx_diffrn_protocol 
_diffrn_radiation.pdbx_scattering_type 
1 1 M ? 'SINGLE WAVELENGTH' x-ray 
2 2 M ? 'SINGLE WAVELENGTH' x-ray 
# 
loop_
_diffrn_radiation_wavelength.id 
_diffrn_radiation_wavelength.wavelength 
_diffrn_radiation_wavelength.wt 
1 1.0000 1.0 
2 0.9803 1.0 
# 
loop_
_diffrn_source.diffrn_id 
_diffrn_source.source 
_diffrn_source.type 
_diffrn_source.pdbx_synchrotron_site 
_diffrn_source.pdbx_synchrotron_beamline 
_diffrn_source.pdbx_wavelength 
_diffrn_source.pdbx_wavelength_list 
1 SYNCHROTRON 'PHOTON FACTORY BEAMLINE BL-5A' 'Photon Factory' BL-5A ? 1.0000 
2 SYNCHROTRON 'BSRF BEAMLINE 3W1A'            BSRF             3W1A  ? 0.9803 
# 
_reflns.entry_id                     3FFM 
_reflns.observed_criterion_sigma_I   ? 
_reflns.observed_criterion_sigma_F   ? 
_reflns.d_resolution_low             50 
_reflns.d_resolution_high            2.3 
_reflns.number_obs                   13290 
_reflns.number_all                   15266 
_reflns.percent_possible_obs         ? 
_reflns.pdbx_Rmerge_I_obs            ? 
_reflns.pdbx_Rsym_value              ? 
_reflns.pdbx_netI_over_sigmaI        ? 
_reflns.B_iso_Wilson_estimate        ? 
_reflns.pdbx_redundancy              10.6 
_reflns.R_free_details               ? 
_reflns.limit_h_max                  ? 
_reflns.limit_h_min                  ? 
_reflns.limit_k_max                  ? 
_reflns.limit_k_min                  ? 
_reflns.limit_l_max                  ? 
_reflns.limit_l_min                  ? 
_reflns.observed_criterion_F_max     ? 
_reflns.observed_criterion_F_min     ? 
_reflns.pdbx_chi_squared             ? 
_reflns.pdbx_scaling_rejects         ? 
_reflns.pdbx_diffrn_id               1,2 
_reflns.pdbx_ordinal                 1 
# 
_refine.entry_id                                 3FFM 
_refine.ls_number_reflns_obs                     13290 
_refine.ls_number_reflns_all                     15266 
_refine.pdbx_ls_sigma_I                          ? 
_refine.pdbx_ls_sigma_F                          0.00 
_refine.pdbx_data_cutoff_high_absF               ? 
_refine.pdbx_data_cutoff_low_absF                ? 
_refine.pdbx_data_cutoff_high_rms_absF           ? 
_refine.ls_d_res_low                             39.98 
_refine.ls_d_res_high                            2.30 
_refine.ls_percent_reflns_obs                    87.1 
_refine.ls_R_factor_obs                          ? 
_refine.ls_R_factor_all                          ? 
_refine.ls_R_factor_R_work                       0.2331 
_refine.ls_R_factor_R_free                       0.2598 
_refine.ls_R_factor_R_free_error                 ? 
_refine.ls_R_factor_R_free_error_details         ? 
_refine.ls_percent_reflns_R_free                 8.600 
_refine.ls_number_reflns_R_free                  1314 
_refine.ls_number_parameters                     ? 
_refine.ls_number_restraints                     ? 
_refine.occupancy_min                            ? 
_refine.occupancy_max                            ? 
_refine.correlation_coeff_Fo_to_Fc               ? 
_refine.correlation_coeff_Fo_to_Fc_free          ? 
_refine.B_iso_mean                               70.740 
_refine.aniso_B[1][1]                            ? 
_refine.aniso_B[2][2]                            ? 
_refine.aniso_B[3][3]                            ? 
_refine.aniso_B[1][2]                            ? 
_refine.aniso_B[1][3]                            ? 
_refine.aniso_B[2][3]                            ? 
_refine.solvent_model_details                    ? 
_refine.solvent_model_param_ksol                 ? 
_refine.solvent_model_param_bsol                 75.395 
_refine.pdbx_solvent_vdw_probe_radii             ? 
_refine.pdbx_solvent_ion_probe_radii             ? 
_refine.pdbx_solvent_shrinkage_radii             ? 
_refine.pdbx_ls_cross_valid_method               THROUGHOUT 
_refine.details                                  ? 
_refine.pdbx_starting_model                      ? 
_refine.pdbx_method_to_determine_struct          SAD 
_refine.pdbx_isotropic_thermal_model             ? 
_refine.pdbx_stereochemistry_target_values       ? 
_refine.pdbx_stereochem_target_val_spec_case     ? 
_refine.pdbx_R_Free_selection_details            RANDOM 
_refine.pdbx_overall_ESU_R                       ? 
_refine.pdbx_overall_ESU_R_Free                  ? 
_refine.overall_SU_ML                            ? 
_refine.overall_SU_B                             ? 
_refine.ls_redundancy_reflns_obs                 ? 
_refine.B_iso_min                                ? 
_refine.B_iso_max                                167.64 
_refine.overall_SU_R_Cruickshank_DPI             25.37 
_refine.overall_SU_R_free                        ? 
_refine.ls_wR_factor_R_free                      ? 
_refine.ls_wR_factor_R_work                      ? 
_refine.overall_FOM_free_R_set                   ? 
_refine.overall_FOM_work_R_set                   ? 
_refine.pdbx_refine_id                           'X-RAY DIFFRACTION' 
_refine.pdbx_overall_phase_error                 ? 
_refine.pdbx_diffrn_id                           1 
_refine.pdbx_TLS_residual_ADP_flag               ? 
_refine.pdbx_overall_SU_R_free_Cruickshank_DPI   ? 
_refine.pdbx_overall_SU_R_Blow_DPI               ? 
_refine.pdbx_overall_SU_R_free_Blow_DPI          ? 
# 
_refine_hist.pdbx_refine_id                   'X-RAY DIFFRACTION' 
_refine_hist.cycle_id                         LAST 
_refine_hist.pdbx_number_atoms_protein        1088 
_refine_hist.pdbx_number_atoms_nucleic_acid   0 
_refine_hist.pdbx_number_atoms_ligand         0 
_refine_hist.number_atoms_solvent             68 
_refine_hist.number_atoms_total               1156 
_refine_hist.d_res_high                       2.30 
_refine_hist.d_res_low                        39.98 
# 
loop_
_refine_ls_restr.type 
_refine_ls_restr.number 
_refine_ls_restr.dev_ideal 
_refine_ls_restr.dev_ideal_target 
_refine_ls_restr.weight 
_refine_ls_restr.pdbx_refine_id 
_refine_ls_restr.pdbx_restraint_function 
c_bond_d  ? 0.006 ? ? 'X-RAY DIFFRACTION' ? 
c_angle_d ? 1.122 ? ? 'X-RAY DIFFRACTION' ? 
# 
_refine_ls_shell.R_factor_R_free                  ? 
_refine_ls_shell.R_factor_R_free_error            ? 
_refine_ls_shell.R_factor_R_work                  ? 
_refine_ls_shell.d_res_high                       2.29 
_refine_ls_shell.d_res_low                        2.32 
_refine_ls_shell.pdbx_total_number_of_bins_used   30 
_refine_ls_shell.number_reflns_R_free             ? 
_refine_ls_shell.number_reflns_R_work             ? 
_refine_ls_shell.percent_reflns_R_free            ? 
_refine_ls_shell.percent_reflns_obs               ? 
_refine_ls_shell.redundancy_reflns_obs            ? 
_refine_ls_shell.number_reflns_all                ? 
_refine_ls_shell.number_reflns_obs                ? 
_refine_ls_shell.R_factor_all                     ? 
_refine_ls_shell.pdbx_refine_id                   'X-RAY DIFFRACTION' 
# 
loop_
_pdbx_xplor_file.serial_no 
_pdbx_xplor_file.param_file 
_pdbx_xplor_file.topol_file 
_pdbx_xplor_file.pdbx_refine_id 
1 protein_rep.param ? 'X-RAY DIFFRACTION' 
2 water.param       ? 'X-RAY DIFFRACTION' 
# 
_struct.entry_id                  3FFM 
_struct.title                     'The crystal structure of human Gadd45g' 
_struct.pdbx_model_details        ? 
_struct.pdbx_CASP_flag            ? 
_struct.pdbx_model_type_details   ? 
# 
_struct_keywords.entry_id        3FFM 
_struct_keywords.pdbx_keywords   'CELL CYCLE' 
_struct_keywords.text            'beta-turn-helix, CELL CYCLE' 
# 
loop_
_struct_asym.id 
_struct_asym.pdbx_blank_PDB_chainid_flag 
_struct_asym.pdbx_modified 
_struct_asym.entity_id 
_struct_asym.details 
A N N 1 ? 
B N N 2 ? 
# 
_struct_ref.id                         1 
_struct_ref.db_name                    UNP 
_struct_ref.db_code                    GA45G_HUMAN 
_struct_ref.pdbx_db_accession          O95257 
_struct_ref.entity_id                  1 
_struct_ref.pdbx_seq_one_letter_code   
;MTLEEVRGQDTVPESTARMQGAGKALHELLLSAQRQGCLTAGVYESAKVLNVDPDNVTFCVLAAGEEDEGDIALQIHFTL
IQAFCCENDIDIVRVGDVQRLAAIVGAGEEAGAPGDLHCILISNPNEDAWKDPALEKLSLFCEESRSVNDWVPSITLPE
;
_struct_ref.pdbx_align_begin           1 
_struct_ref.pdbx_db_isoform            ? 
# 
_struct_ref_seq.align_id                      1 
_struct_ref_seq.ref_id                        1 
_struct_ref_seq.pdbx_PDB_id_code              3FFM 
_struct_ref_seq.pdbx_strand_id                A 
_struct_ref_seq.seq_align_beg                 9 
_struct_ref_seq.pdbx_seq_align_beg_ins_code   ? 
_struct_ref_seq.seq_align_end                 167 
_struct_ref_seq.pdbx_seq_align_end_ins_code   ? 
_struct_ref_seq.pdbx_db_accession             O95257 
_struct_ref_seq.db_align_beg                  1 
_struct_ref_seq.pdbx_db_align_beg_ins_code    ? 
_struct_ref_seq.db_align_end                  159 
_struct_ref_seq.pdbx_db_align_end_ins_code    ? 
_struct_ref_seq.pdbx_auth_seq_align_beg       1 
_struct_ref_seq.pdbx_auth_seq_align_end       159 
# 
loop_
_struct_ref_seq_dif.align_id 
_struct_ref_seq_dif.pdbx_pdb_id_code 
_struct_ref_seq_dif.mon_id 
_struct_ref_seq_dif.pdbx_pdb_strand_id 
_struct_ref_seq_dif.seq_num 
_struct_ref_seq_dif.pdbx_pdb_ins_code 
_struct_ref_seq_dif.pdbx_seq_db_name 
_struct_ref_seq_dif.pdbx_seq_db_accession_code 
_struct_ref_seq_dif.db_mon_id 
_struct_ref_seq_dif.pdbx_seq_db_seq_num 
_struct_ref_seq_dif.details 
_struct_ref_seq_dif.pdbx_auth_seq_num 
_struct_ref_seq_dif.pdbx_ordinal 
1 3FFM GLY A 1 ? UNP O95257 ? ? 'expression tag' -7 1 
1 3FFM PRO A 2 ? UNP O95257 ? ? 'expression tag' -6 2 
1 3FFM LEU A 3 ? UNP O95257 ? ? 'expression tag' -5 3 
1 3FFM GLY A 4 ? UNP O95257 ? ? 'expression tag' -4 4 
1 3FFM SER A 5 ? UNP O95257 ? ? 'expression tag' -3 5 
1 3FFM PRO A 6 ? UNP O95257 ? ? 'expression tag' -2 6 
1 3FFM GLU A 7 ? UNP O95257 ? ? 'expression tag' -1 7 
1 3FFM PHE A 8 ? UNP O95257 ? ? 'expression tag' 0  8 
# 
_pdbx_struct_assembly.id                   1 
_pdbx_struct_assembly.details              author_and_software_defined_assembly 
_pdbx_struct_assembly.method_details       PISA 
_pdbx_struct_assembly.oligomeric_details   dimeric 
_pdbx_struct_assembly.oligomeric_count     2 
# 
loop_
_pdbx_struct_assembly_prop.biol_id 
_pdbx_struct_assembly_prop.type 
_pdbx_struct_assembly_prop.value 
_pdbx_struct_assembly_prop.details 
1 'ABSA (A^2)' 1590  ? 
1 MORE         -14   ? 
1 'SSA (A^2)'  14580 ? 
# 
_pdbx_struct_assembly_gen.assembly_id       1 
_pdbx_struct_assembly_gen.oper_expression   1,2 
_pdbx_struct_assembly_gen.asym_id_list      A,B 
# 
loop_
_pdbx_struct_oper_list.id 
_pdbx_struct_oper_list.type 
_pdbx_struct_oper_list.name 
_pdbx_struct_oper_list.symmetry_operation 
_pdbx_struct_oper_list.matrix[1][1] 
_pdbx_struct_oper_list.matrix[1][2] 
_pdbx_struct_oper_list.matrix[1][3] 
_pdbx_struct_oper_list.vector[1] 
_pdbx_struct_oper_list.matrix[2][1] 
_pdbx_struct_oper_list.matrix[2][2] 
_pdbx_struct_oper_list.matrix[2][3] 
_pdbx_struct_oper_list.vector[2] 
_pdbx_struct_oper_list.matrix[3][1] 
_pdbx_struct_oper_list.matrix[3][2] 
_pdbx_struct_oper_list.matrix[3][3] 
_pdbx_struct_oper_list.vector[3] 
1 'identity operation'         1_555  x,y,z       1.0000000000  0.0000000000 0.0000000000 0.0000000000  0.0000000000 1.0000000000  0.0000000000 0.0000000000  0.0000000000 0.0000000000 1.0000000000 0.0000000000   
2 'crystal symmetry operation' 14_545 -x,-y-1/2,z -0.6328709149 0.4203078881 0.6502427887 18.0816369431 0.4203078881 -0.5188103368 0.7444307312 14.5806359288 0.6502427887 0.7444307312 0.1516812517 -19.6336681370 
# 
_struct_biol.id        1 
_struct_biol.details   2 
# 
loop_
_struct_conf.conf_type_id 
_struct_conf.id 
_struct_conf.pdbx_PDB_helix_id 
_struct_conf.beg_label_comp_id 
_struct_conf.beg_label_asym_id 
_struct_conf.beg_label_seq_id 
_struct_conf.pdbx_beg_PDB_ins_code 
_struct_conf.end_label_comp_id 
_struct_conf.end_label_asym_id 
_struct_conf.end_label_seq_id 
_struct_conf.pdbx_end_PDB_ins_code 
_struct_conf.beg_auth_comp_id 
_struct_conf.beg_auth_asym_id 
_struct_conf.beg_auth_seq_id 
_struct_conf.end_auth_comp_id 
_struct_conf.end_auth_asym_id 
_struct_conf.end_auth_seq_id 
_struct_conf.pdbx_PDB_helix_class 
_struct_conf.details 
_struct_conf.pdbx_PDB_helix_length 
HELX_P HELX_P1 1 THR A 24  ? GLN A 44  ? THR A 16  GLN A 36  1 ? 21 
HELX_P HELX_P2 2 GLY A 50  ? ASP A 61  ? GLY A 42  ASP A 53  1 ? 12 
HELX_P HELX_P3 3 GLY A 73  ? GLU A 77  ? GLY A 65  GLU A 69  5 ? 5  
HELX_P HELX_P4 4 ASP A 79  ? ASN A 96  ? ASP A 71  ASN A 88  1 ? 18 
HELX_P HELX_P5 5 ASP A 105 ? GLY A 114 ? ASP A 97  GLY A 106 1 ? 10 
HELX_P HELX_P6 6 ASP A 140 ? VAL A 156 ? ASP A 132 VAL A 148 1 ? 17 
# 
_struct_conf_type.id          HELX_P 
_struct_conf_type.criteria    ? 
_struct_conf_type.reference   ? 
# 
_struct_sheet.id               A 
_struct_sheet.type             ? 
_struct_sheet.number_strands   4 
_struct_sheet.details          ? 
# 
loop_
_struct_sheet_order.sheet_id 
_struct_sheet_order.range_id_1 
_struct_sheet_order.range_id_2 
_struct_sheet_order.offset 
_struct_sheet_order.sense 
A 1 2 ? anti-parallel 
A 2 3 ? anti-parallel 
A 3 4 ? parallel      
# 
loop_
_struct_sheet_range.sheet_id 
_struct_sheet_range.id 
_struct_sheet_range.beg_label_comp_id 
_struct_sheet_range.beg_label_asym_id 
_struct_sheet_range.beg_label_seq_id 
_struct_sheet_range.pdbx_beg_PDB_ins_code 
_struct_sheet_range.end_label_comp_id 
_struct_sheet_range.end_label_asym_id 
_struct_sheet_range.end_label_seq_id 
_struct_sheet_range.pdbx_end_PDB_ins_code 
_struct_sheet_range.beg_auth_comp_id 
_struct_sheet_range.beg_auth_asym_id 
_struct_sheet_range.beg_auth_seq_id 
_struct_sheet_range.end_auth_comp_id 
_struct_sheet_range.end_auth_asym_id 
_struct_sheet_range.end_auth_seq_id 
A 1 LEU A 47  ? ALA A 49  ? LEU A 39  ALA A 41  
A 2 CYS A 127 ? SER A 131 ? CYS A 119 SER A 123 
A 3 VAL A 65  ? ALA A 71  ? VAL A 57  ALA A 63  
A 4 ASP A 99  ? VAL A 103 ? ASP A 91  VAL A 95  
# 
loop_
_pdbx_struct_sheet_hbond.sheet_id 
_pdbx_struct_sheet_hbond.range_id_1 
_pdbx_struct_sheet_hbond.range_id_2 
_pdbx_struct_sheet_hbond.range_1_label_atom_id 
_pdbx_struct_sheet_hbond.range_1_label_comp_id 
_pdbx_struct_sheet_hbond.range_1_label_asym_id 
_pdbx_struct_sheet_hbond.range_1_label_seq_id 
_pdbx_struct_sheet_hbond.range_1_PDB_ins_code 
_pdbx_struct_sheet_hbond.range_1_auth_atom_id 
_pdbx_struct_sheet_hbond.range_1_auth_comp_id 
_pdbx_struct_sheet_hbond.range_1_auth_asym_id 
_pdbx_struct_sheet_hbond.range_1_auth_seq_id 
_pdbx_struct_sheet_hbond.range_2_label_atom_id 
_pdbx_struct_sheet_hbond.range_2_label_comp_id 
_pdbx_struct_sheet_hbond.range_2_label_asym_id 
_pdbx_struct_sheet_hbond.range_2_label_seq_id 
_pdbx_struct_sheet_hbond.range_2_PDB_ins_code 
_pdbx_struct_sheet_hbond.range_2_auth_atom_id 
_pdbx_struct_sheet_hbond.range_2_auth_comp_id 
_pdbx_struct_sheet_hbond.range_2_auth_asym_id 
_pdbx_struct_sheet_hbond.range_2_auth_seq_id 
A 1 2 N THR A 48  ? N THR A 40  O LEU A 129 ? O LEU A 121 
A 2 3 O ILE A 130 ? O ILE A 122 N THR A 66  ? N THR A 58  
A 3 4 N CYS A 68  ? N CYS A 60  O VAL A 101 ? O VAL A 93  
# 
_pdbx_entry_details.entry_id                   3FFM 
_pdbx_entry_details.compound_details           ? 
_pdbx_entry_details.source_details             ? 
_pdbx_entry_details.nonpolymer_details         ? 
_pdbx_entry_details.sequence_details           ? 
_pdbx_entry_details.has_ligand_of_interest     ? 
_pdbx_entry_details.has_protein_modification   N 
# 
loop_
_pdbx_validate_torsion.id 
_pdbx_validate_torsion.PDB_model_num 
_pdbx_validate_torsion.auth_comp_id 
_pdbx_validate_torsion.auth_asym_id 
_pdbx_validate_torsion.auth_seq_id 
_pdbx_validate_torsion.PDB_ins_code 
_pdbx_validate_torsion.label_alt_id 
_pdbx_validate_torsion.phi 
_pdbx_validate_torsion.psi 
1 1 ALA A 111 ? ? -84.17 34.49  
2 1 ALA A 113 ? ? 161.00 120.10 
3 1 PRO A 114 ? ? -36.15 88.89  
# 
_pdbx_struct_special_symmetry.id              1 
_pdbx_struct_special_symmetry.PDB_model_num   1 
_pdbx_struct_special_symmetry.auth_asym_id    A 
_pdbx_struct_special_symmetry.auth_comp_id    HOH 
_pdbx_struct_special_symmetry.auth_seq_id     161 
_pdbx_struct_special_symmetry.PDB_ins_code    ? 
_pdbx_struct_special_symmetry.label_asym_id   B 
_pdbx_struct_special_symmetry.label_comp_id   HOH 
_pdbx_struct_special_symmetry.label_seq_id    . 
# 
loop_
_pdbx_unobs_or_zero_occ_residues.id 
_pdbx_unobs_or_zero_occ_residues.PDB_model_num 
_pdbx_unobs_or_zero_occ_residues.polymer_flag 
_pdbx_unobs_or_zero_occ_residues.occupancy_flag 
_pdbx_unobs_or_zero_occ_residues.auth_asym_id 
_pdbx_unobs_or_zero_occ_residues.auth_comp_id 
_pdbx_unobs_or_zero_occ_residues.auth_seq_id 
_pdbx_unobs_or_zero_occ_residues.PDB_ins_code 
_pdbx_unobs_or_zero_occ_residues.label_asym_id 
_pdbx_unobs_or_zero_occ_residues.label_comp_id 
_pdbx_unobs_or_zero_occ_residues.label_seq_id 
1  1 Y 1 A GLY -7 ? A GLY 1  
2  1 Y 1 A PRO -6 ? A PRO 2  
3  1 Y 1 A LEU -5 ? A LEU 3  
4  1 Y 1 A GLY -4 ? A GLY 4  
5  1 Y 1 A SER -3 ? A SER 5  
6  1 Y 1 A PRO -2 ? A PRO 6  
7  1 Y 1 A GLU -1 ? A GLU 7  
8  1 Y 1 A PHE 0  ? A PHE 8  
9  1 Y 1 A MET 1  ? A MET 9  
10 1 Y 1 A THR 2  ? A THR 10 
11 1 Y 1 A LEU 3  ? A LEU 11 
12 1 Y 1 A GLU 4  ? A GLU 12 
13 1 Y 1 A GLU 5  ? A GLU 13 
14 1 Y 1 A VAL 6  ? A VAL 14 
15 1 Y 1 A ARG 7  ? A ARG 15 
16 1 Y 1 A GLY 8  ? A GLY 16 
17 1 Y 1 A GLN 9  ? A GLN 17 
18 1 Y 1 A ASP 10 ? A ASP 18 
19 1 Y 1 A THR 11 ? A THR 19 
20 1 Y 1 A VAL 12 ? A VAL 20 
21 1 Y 1 A PRO 13 ? A PRO 21 
22 1 Y 1 A GLU 14 ? A GLU 22 
# 
loop_
_chem_comp_atom.comp_id 
_chem_comp_atom.atom_id 
_chem_comp_atom.type_symbol 
_chem_comp_atom.pdbx_aromatic_flag 
_chem_comp_atom.pdbx_stereo_config 
_chem_comp_atom.pdbx_ordinal 
ALA N    N N N 1   
ALA CA   C N S 2   
ALA C    C N N 3   
ALA O    O N N 4   
ALA CB   C N N 5   
ALA OXT  O N N 6   
ALA H    H N N 7   
ALA H2   H N N 8   
ALA HA   H N N 9   
ALA HB1  H N N 10  
ALA HB2  H N N 11  
ALA HB3  H N N 12  
ALA HXT  H N N 13  
ARG N    N N N 14  
ARG CA   C N S 15  
ARG C    C N N 16  
ARG O    O N N 17  
ARG CB   C N N 18  
ARG CG   C N N 19  
ARG CD   C N N 20  
ARG NE   N N N 21  
ARG CZ   C N N 22  
ARG NH1  N N N 23  
ARG NH2  N N N 24  
ARG OXT  O N N 25  
ARG H    H N N 26  
ARG H2   H N N 27  
ARG HA   H N N 28  
ARG HB2  H N N 29  
ARG HB3  H N N 30  
ARG HG2  H N N 31  
ARG HG3  H N N 32  
ARG HD2  H N N 33  
ARG HD3  H N N 34  
ARG HE   H N N 35  
ARG HH11 H N N 36  
ARG HH12 H N N 37  
ARG HH21 H N N 38  
ARG HH22 H N N 39  
ARG HXT  H N N 40  
ASN N    N N N 41  
ASN CA   C N S 42  
ASN C    C N N 43  
ASN O    O N N 44  
ASN CB   C N N 45  
ASN CG   C N N 46  
ASN OD1  O N N 47  
ASN ND2  N N N 48  
ASN OXT  O N N 49  
ASN H    H N N 50  
ASN H2   H N N 51  
ASN HA   H N N 52  
ASN HB2  H N N 53  
ASN HB3  H N N 54  
ASN HD21 H N N 55  
ASN HD22 H N N 56  
ASN HXT  H N N 57  
ASP N    N N N 58  
ASP CA   C N S 59  
ASP C    C N N 60  
ASP O    O N N 61  
ASP CB   C N N 62  
ASP CG   C N N 63  
ASP OD1  O N N 64  
ASP OD2  O N N 65  
ASP OXT  O N N 66  
ASP H    H N N 67  
ASP H2   H N N 68  
ASP HA   H N N 69  
ASP HB2  H N N 70  
ASP HB3  H N N 71  
ASP HD2  H N N 72  
ASP HXT  H N N 73  
CYS N    N N N 74  
CYS CA   C N R 75  
CYS C    C N N 76  
CYS O    O N N 77  
CYS CB   C N N 78  
CYS SG   S N N 79  
CYS OXT  O N N 80  
CYS H    H N N 81  
CYS H2   H N N 82  
CYS HA   H N N 83  
CYS HB2  H N N 84  
CYS HB3  H N N 85  
CYS HG   H N N 86  
CYS HXT  H N N 87  
GLN N    N N N 88  
GLN CA   C N S 89  
GLN C    C N N 90  
GLN O    O N N 91  
GLN CB   C N N 92  
GLN CG   C N N 93  
GLN CD   C N N 94  
GLN OE1  O N N 95  
GLN NE2  N N N 96  
GLN OXT  O N N 97  
GLN H    H N N 98  
GLN H2   H N N 99  
GLN HA   H N N 100 
GLN HB2  H N N 101 
GLN HB3  H N N 102 
GLN HG2  H N N 103 
GLN HG3  H N N 104 
GLN HE21 H N N 105 
GLN HE22 H N N 106 
GLN HXT  H N N 107 
GLU N    N N N 108 
GLU CA   C N S 109 
GLU C    C N N 110 
GLU O    O N N 111 
GLU CB   C N N 112 
GLU CG   C N N 113 
GLU CD   C N N 114 
GLU OE1  O N N 115 
GLU OE2  O N N 116 
GLU OXT  O N N 117 
GLU H    H N N 118 
GLU H2   H N N 119 
GLU HA   H N N 120 
GLU HB2  H N N 121 
GLU HB3  H N N 122 
GLU HG2  H N N 123 
GLU HG3  H N N 124 
GLU HE2  H N N 125 
GLU HXT  H N N 126 
GLY N    N N N 127 
GLY CA   C N N 128 
GLY C    C N N 129 
GLY O    O N N 130 
GLY OXT  O N N 131 
GLY H    H N N 132 
GLY H2   H N N 133 
GLY HA2  H N N 134 
GLY HA3  H N N 135 
GLY HXT  H N N 136 
HIS N    N N N 137 
HIS CA   C N S 138 
HIS C    C N N 139 
HIS O    O N N 140 
HIS CB   C N N 141 
HIS CG   C Y N 142 
HIS ND1  N Y N 143 
HIS CD2  C Y N 144 
HIS CE1  C Y N 145 
HIS NE2  N Y N 146 
HIS OXT  O N N 147 
HIS H    H N N 148 
HIS H2   H N N 149 
HIS HA   H N N 150 
HIS HB2  H N N 151 
HIS HB3  H N N 152 
HIS HD1  H N N 153 
HIS HD2  H N N 154 
HIS HE1  H N N 155 
HIS HE2  H N N 156 
HIS HXT  H N N 157 
HOH O    O N N 158 
HOH H1   H N N 159 
HOH H2   H N N 160 
ILE N    N N N 161 
ILE CA   C N S 162 
ILE C    C N N 163 
ILE O    O N N 164 
ILE CB   C N S 165 
ILE CG1  C N N 166 
ILE CG2  C N N 167 
ILE CD1  C N N 168 
ILE OXT  O N N 169 
ILE H    H N N 170 
ILE H2   H N N 171 
ILE HA   H N N 172 
ILE HB   H N N 173 
ILE HG12 H N N 174 
ILE HG13 H N N 175 
ILE HG21 H N N 176 
ILE HG22 H N N 177 
ILE HG23 H N N 178 
ILE HD11 H N N 179 
ILE HD12 H N N 180 
ILE HD13 H N N 181 
ILE HXT  H N N 182 
LEU N    N N N 183 
LEU CA   C N S 184 
LEU C    C N N 185 
LEU O    O N N 186 
LEU CB   C N N 187 
LEU CG   C N N 188 
LEU CD1  C N N 189 
LEU CD2  C N N 190 
LEU OXT  O N N 191 
LEU H    H N N 192 
LEU H2   H N N 193 
LEU HA   H N N 194 
LEU HB2  H N N 195 
LEU HB3  H N N 196 
LEU HG   H N N 197 
LEU HD11 H N N 198 
LEU HD12 H N N 199 
LEU HD13 H N N 200 
LEU HD21 H N N 201 
LEU HD22 H N N 202 
LEU HD23 H N N 203 
LEU HXT  H N N 204 
LYS N    N N N 205 
LYS CA   C N S 206 
LYS C    C N N 207 
LYS O    O N N 208 
LYS CB   C N N 209 
LYS CG   C N N 210 
LYS CD   C N N 211 
LYS CE   C N N 212 
LYS NZ   N N N 213 
LYS OXT  O N N 214 
LYS H    H N N 215 
LYS H2   H N N 216 
LYS HA   H N N 217 
LYS HB2  H N N 218 
LYS HB3  H N N 219 
LYS HG2  H N N 220 
LYS HG3  H N N 221 
LYS HD2  H N N 222 
LYS HD3  H N N 223 
LYS HE2  H N N 224 
LYS HE3  H N N 225 
LYS HZ1  H N N 226 
LYS HZ2  H N N 227 
LYS HZ3  H N N 228 
LYS HXT  H N N 229 
MET N    N N N 230 
MET CA   C N S 231 
MET C    C N N 232 
MET O    O N N 233 
MET CB   C N N 234 
MET CG   C N N 235 
MET SD   S N N 236 
MET CE   C N N 237 
MET OXT  O N N 238 
MET H    H N N 239 
MET H2   H N N 240 
MET HA   H N N 241 
MET HB2  H N N 242 
MET HB3  H N N 243 
MET HG2  H N N 244 
MET HG3  H N N 245 
MET HE1  H N N 246 
MET HE2  H N N 247 
MET HE3  H N N 248 
MET HXT  H N N 249 
PHE N    N N N 250 
PHE CA   C N S 251 
PHE C    C N N 252 
PHE O    O N N 253 
PHE CB   C N N 254 
PHE CG   C Y N 255 
PHE CD1  C Y N 256 
PHE CD2  C Y N 257 
PHE CE1  C Y N 258 
PHE CE2  C Y N 259 
PHE CZ   C Y N 260 
PHE OXT  O N N 261 
PHE H    H N N 262 
PHE H2   H N N 263 
PHE HA   H N N 264 
PHE HB2  H N N 265 
PHE HB3  H N N 266 
PHE HD1  H N N 267 
PHE HD2  H N N 268 
PHE HE1  H N N 269 
PHE HE2  H N N 270 
PHE HZ   H N N 271 
PHE HXT  H N N 272 
PRO N    N N N 273 
PRO CA   C N S 274 
PRO C    C N N 275 
PRO O    O N N 276 
PRO CB   C N N 277 
PRO CG   C N N 278 
PRO CD   C N N 279 
PRO OXT  O N N 280 
PRO H    H N N 281 
PRO HA   H N N 282 
PRO HB2  H N N 283 
PRO HB3  H N N 284 
PRO HG2  H N N 285 
PRO HG3  H N N 286 
PRO HD2  H N N 287 
PRO HD3  H N N 288 
PRO HXT  H N N 289 
SER N    N N N 290 
SER CA   C N S 291 
SER C    C N N 292 
SER O    O N N 293 
SER CB   C N N 294 
SER OG   O N N 295 
SER OXT  O N N 296 
SER H    H N N 297 
SER H2   H N N 298 
SER HA   H N N 299 
SER HB2  H N N 300 
SER HB3  H N N 301 
SER HG   H N N 302 
SER HXT  H N N 303 
THR N    N N N 304 
THR CA   C N S 305 
THR C    C N N 306 
THR O    O N N 307 
THR CB   C N R 308 
THR OG1  O N N 309 
THR CG2  C N N 310 
THR OXT  O N N 311 
THR H    H N N 312 
THR H2   H N N 313 
THR HA   H N N 314 
THR HB   H N N 315 
THR HG1  H N N 316 
THR HG21 H N N 317 
THR HG22 H N N 318 
THR HG23 H N N 319 
THR HXT  H N N 320 
TRP N    N N N 321 
TRP CA   C N S 322 
TRP C    C N N 323 
TRP O    O N N 324 
TRP CB   C N N 325 
TRP CG   C Y N 326 
TRP CD1  C Y N 327 
TRP CD2  C Y N 328 
TRP NE1  N Y N 329 
TRP CE2  C Y N 330 
TRP CE3  C Y N 331 
TRP CZ2  C Y N 332 
TRP CZ3  C Y N 333 
TRP CH2  C Y N 334 
TRP OXT  O N N 335 
TRP H    H N N 336 
TRP H2   H N N 337 
TRP HA   H N N 338 
TRP HB2  H N N 339 
TRP HB3  H N N 340 
TRP HD1  H N N 341 
TRP HE1  H N N 342 
TRP HE3  H N N 343 
TRP HZ2  H N N 344 
TRP HZ3  H N N 345 
TRP HH2  H N N 346 
TRP HXT  H N N 347 
TYR N    N N N 348 
TYR CA   C N S 349 
TYR C    C N N 350 
TYR O    O N N 351 
TYR CB   C N N 352 
TYR CG   C Y N 353 
TYR CD1  C Y N 354 
TYR CD2  C Y N 355 
TYR CE1  C Y N 356 
TYR CE2  C Y N 357 
TYR CZ   C Y N 358 
TYR OH   O N N 359 
TYR OXT  O N N 360 
TYR H    H N N 361 
TYR H2   H N N 362 
TYR HA   H N N 363 
TYR HB2  H N N 364 
TYR HB3  H N N 365 
TYR HD1  H N N 366 
TYR HD2  H N N 367 
TYR HE1  H N N 368 
TYR HE2  H N N 369 
TYR HH   H N N 370 
TYR HXT  H N N 371 
VAL N    N N N 372 
VAL CA   C N S 373 
VAL C    C N N 374 
VAL O    O N N 375 
VAL CB   C N N 376 
VAL CG1  C N N 377 
VAL CG2  C N N 378 
VAL OXT  O N N 379 
VAL H    H N N 380 
VAL H2   H N N 381 
VAL HA   H N N 382 
VAL HB   H N N 383 
VAL HG11 H N N 384 
VAL HG12 H N N 385 
VAL HG13 H N N 386 
VAL HG21 H N N 387 
VAL HG22 H N N 388 
VAL HG23 H N N 389 
VAL HXT  H N N 390 
# 
loop_
_chem_comp_bond.comp_id 
_chem_comp_bond.atom_id_1 
_chem_comp_bond.atom_id_2 
_chem_comp_bond.value_order 
_chem_comp_bond.pdbx_aromatic_flag 
_chem_comp_bond.pdbx_stereo_config 
_chem_comp_bond.pdbx_ordinal 
ALA N   CA   sing N N 1   
ALA N   H    sing N N 2   
ALA N   H2   sing N N 3   
ALA CA  C    sing N N 4   
ALA CA  CB   sing N N 5   
ALA CA  HA   sing N N 6   
ALA C   O    doub N N 7   
ALA C   OXT  sing N N 8   
ALA CB  HB1  sing N N 9   
ALA CB  HB2  sing N N 10  
ALA CB  HB3  sing N N 11  
ALA OXT HXT  sing N N 12  
ARG N   CA   sing N N 13  
ARG N   H    sing N N 14  
ARG N   H2   sing N N 15  
ARG CA  C    sing N N 16  
ARG CA  CB   sing N N 17  
ARG CA  HA   sing N N 18  
ARG C   O    doub N N 19  
ARG C   OXT  sing N N 20  
ARG CB  CG   sing N N 21  
ARG CB  HB2  sing N N 22  
ARG CB  HB3  sing N N 23  
ARG CG  CD   sing N N 24  
ARG CG  HG2  sing N N 25  
ARG CG  HG3  sing N N 26  
ARG CD  NE   sing N N 27  
ARG CD  HD2  sing N N 28  
ARG CD  HD3  sing N N 29  
ARG NE  CZ   sing N N 30  
ARG NE  HE   sing N N 31  
ARG CZ  NH1  sing N N 32  
ARG CZ  NH2  doub N N 33  
ARG NH1 HH11 sing N N 34  
ARG NH1 HH12 sing N N 35  
ARG NH2 HH21 sing N N 36  
ARG NH2 HH22 sing N N 37  
ARG OXT HXT  sing N N 38  
ASN N   CA   sing N N 39  
ASN N   H    sing N N 40  
ASN N   H2   sing N N 41  
ASN CA  C    sing N N 42  
ASN CA  CB   sing N N 43  
ASN CA  HA   sing N N 44  
ASN C   O    doub N N 45  
ASN C   OXT  sing N N 46  
ASN CB  CG   sing N N 47  
ASN CB  HB2  sing N N 48  
ASN CB  HB3  sing N N 49  
ASN CG  OD1  doub N N 50  
ASN CG  ND2  sing N N 51  
ASN ND2 HD21 sing N N 52  
ASN ND2 HD22 sing N N 53  
ASN OXT HXT  sing N N 54  
ASP N   CA   sing N N 55  
ASP N   H    sing N N 56  
ASP N   H2   sing N N 57  
ASP CA  C    sing N N 58  
ASP CA  CB   sing N N 59  
ASP CA  HA   sing N N 60  
ASP C   O    doub N N 61  
ASP C   OXT  sing N N 62  
ASP CB  CG   sing N N 63  
ASP CB  HB2  sing N N 64  
ASP CB  HB3  sing N N 65  
ASP CG  OD1  doub N N 66  
ASP CG  OD2  sing N N 67  
ASP OD2 HD2  sing N N 68  
ASP OXT HXT  sing N N 69  
CYS N   CA   sing N N 70  
CYS N   H    sing N N 71  
CYS N   H2   sing N N 72  
CYS CA  C    sing N N 73  
CYS CA  CB   sing N N 74  
CYS CA  HA   sing N N 75  
CYS C   O    doub N N 76  
CYS C   OXT  sing N N 77  
CYS CB  SG   sing N N 78  
CYS CB  HB2  sing N N 79  
CYS CB  HB3  sing N N 80  
CYS SG  HG   sing N N 81  
CYS OXT HXT  sing N N 82  
GLN N   CA   sing N N 83  
GLN N   H    sing N N 84  
GLN N   H2   sing N N 85  
GLN CA  C    sing N N 86  
GLN CA  CB   sing N N 87  
GLN CA  HA   sing N N 88  
GLN C   O    doub N N 89  
GLN C   OXT  sing N N 90  
GLN CB  CG   sing N N 91  
GLN CB  HB2  sing N N 92  
GLN CB  HB3  sing N N 93  
GLN CG  CD   sing N N 94  
GLN CG  HG2  sing N N 95  
GLN CG  HG3  sing N N 96  
GLN CD  OE1  doub N N 97  
GLN CD  NE2  sing N N 98  
GLN NE2 HE21 sing N N 99  
GLN NE2 HE22 sing N N 100 
GLN OXT HXT  sing N N 101 
GLU N   CA   sing N N 102 
GLU N   H    sing N N 103 
GLU N   H2   sing N N 104 
GLU CA  C    sing N N 105 
GLU CA  CB   sing N N 106 
GLU CA  HA   sing N N 107 
GLU C   O    doub N N 108 
GLU C   OXT  sing N N 109 
GLU CB  CG   sing N N 110 
GLU CB  HB2  sing N N 111 
GLU CB  HB3  sing N N 112 
GLU CG  CD   sing N N 113 
GLU CG  HG2  sing N N 114 
GLU CG  HG3  sing N N 115 
GLU CD  OE1  doub N N 116 
GLU CD  OE2  sing N N 117 
GLU OE2 HE2  sing N N 118 
GLU OXT HXT  sing N N 119 
GLY N   CA   sing N N 120 
GLY N   H    sing N N 121 
GLY N   H2   sing N N 122 
GLY CA  C    sing N N 123 
GLY CA  HA2  sing N N 124 
GLY CA  HA3  sing N N 125 
GLY C   O    doub N N 126 
GLY C   OXT  sing N N 127 
GLY OXT HXT  sing N N 128 
HIS N   CA   sing N N 129 
HIS N   H    sing N N 130 
HIS N   H2   sing N N 131 
HIS CA  C    sing N N 132 
HIS CA  CB   sing N N 133 
HIS CA  HA   sing N N 134 
HIS C   O    doub N N 135 
HIS C   OXT  sing N N 136 
HIS CB  CG   sing N N 137 
HIS CB  HB2  sing N N 138 
HIS CB  HB3  sing N N 139 
HIS CG  ND1  sing Y N 140 
HIS CG  CD2  doub Y N 141 
HIS ND1 CE1  doub Y N 142 
HIS ND1 HD1  sing N N 143 
HIS CD2 NE2  sing Y N 144 
HIS CD2 HD2  sing N N 145 
HIS CE1 NE2  sing Y N 146 
HIS CE1 HE1  sing N N 147 
HIS NE2 HE2  sing N N 148 
HIS OXT HXT  sing N N 149 
HOH O   H1   sing N N 150 
HOH O   H2   sing N N 151 
ILE N   CA   sing N N 152 
ILE N   H    sing N N 153 
ILE N   H2   sing N N 154 
ILE CA  C    sing N N 155 
ILE CA  CB   sing N N 156 
ILE CA  HA   sing N N 157 
ILE C   O    doub N N 158 
ILE C   OXT  sing N N 159 
ILE CB  CG1  sing N N 160 
ILE CB  CG2  sing N N 161 
ILE CB  HB   sing N N 162 
ILE CG1 CD1  sing N N 163 
ILE CG1 HG12 sing N N 164 
ILE CG1 HG13 sing N N 165 
ILE CG2 HG21 sing N N 166 
ILE CG2 HG22 sing N N 167 
ILE CG2 HG23 sing N N 168 
ILE CD1 HD11 sing N N 169 
ILE CD1 HD12 sing N N 170 
ILE CD1 HD13 sing N N 171 
ILE OXT HXT  sing N N 172 
LEU N   CA   sing N N 173 
LEU N   H    sing N N 174 
LEU N   H2   sing N N 175 
LEU CA  C    sing N N 176 
LEU CA  CB   sing N N 177 
LEU CA  HA   sing N N 178 
LEU C   O    doub N N 179 
LEU C   OXT  sing N N 180 
LEU CB  CG   sing N N 181 
LEU CB  HB2  sing N N 182 
LEU CB  HB3  sing N N 183 
LEU CG  CD1  sing N N 184 
LEU CG  CD2  sing N N 185 
LEU CG  HG   sing N N 186 
LEU CD1 HD11 sing N N 187 
LEU CD1 HD12 sing N N 188 
LEU CD1 HD13 sing N N 189 
LEU CD2 HD21 sing N N 190 
LEU CD2 HD22 sing N N 191 
LEU CD2 HD23 sing N N 192 
LEU OXT HXT  sing N N 193 
LYS N   CA   sing N N 194 
LYS N   H    sing N N 195 
LYS N   H2   sing N N 196 
LYS CA  C    sing N N 197 
LYS CA  CB   sing N N 198 
LYS CA  HA   sing N N 199 
LYS C   O    doub N N 200 
LYS C   OXT  sing N N 201 
LYS CB  CG   sing N N 202 
LYS CB  HB2  sing N N 203 
LYS CB  HB3  sing N N 204 
LYS CG  CD   sing N N 205 
LYS CG  HG2  sing N N 206 
LYS CG  HG3  sing N N 207 
LYS CD  CE   sing N N 208 
LYS CD  HD2  sing N N 209 
LYS CD  HD3  sing N N 210 
LYS CE  NZ   sing N N 211 
LYS CE  HE2  sing N N 212 
LYS CE  HE3  sing N N 213 
LYS NZ  HZ1  sing N N 214 
LYS NZ  HZ2  sing N N 215 
LYS NZ  HZ3  sing N N 216 
LYS OXT HXT  sing N N 217 
MET N   CA   sing N N 218 
MET N   H    sing N N 219 
MET N   H2   sing N N 220 
MET CA  C    sing N N 221 
MET CA  CB   sing N N 222 
MET CA  HA   sing N N 223 
MET C   O    doub N N 224 
MET C   OXT  sing N N 225 
MET CB  CG   sing N N 226 
MET CB  HB2  sing N N 227 
MET CB  HB3  sing N N 228 
MET CG  SD   sing N N 229 
MET CG  HG2  sing N N 230 
MET CG  HG3  sing N N 231 
MET SD  CE   sing N N 232 
MET CE  HE1  sing N N 233 
MET CE  HE2  sing N N 234 
MET CE  HE3  sing N N 235 
MET OXT HXT  sing N N 236 
PHE N   CA   sing N N 237 
PHE N   H    sing N N 238 
PHE N   H2   sing N N 239 
PHE CA  C    sing N N 240 
PHE CA  CB   sing N N 241 
PHE CA  HA   sing N N 242 
PHE C   O    doub N N 243 
PHE C   OXT  sing N N 244 
PHE CB  CG   sing N N 245 
PHE CB  HB2  sing N N 246 
PHE CB  HB3  sing N N 247 
PHE CG  CD1  doub Y N 248 
PHE CG  CD2  sing Y N 249 
PHE CD1 CE1  sing Y N 250 
PHE CD1 HD1  sing N N 251 
PHE CD2 CE2  doub Y N 252 
PHE CD2 HD2  sing N N 253 
PHE CE1 CZ   doub Y N 254 
PHE CE1 HE1  sing N N 255 
PHE CE2 CZ   sing Y N 256 
PHE CE2 HE2  sing N N 257 
PHE CZ  HZ   sing N N 258 
PHE OXT HXT  sing N N 259 
PRO N   CA   sing N N 260 
PRO N   CD   sing N N 261 
PRO N   H    sing N N 262 
PRO CA  C    sing N N 263 
PRO CA  CB   sing N N 264 
PRO CA  HA   sing N N 265 
PRO C   O    doub N N 266 
PRO C   OXT  sing N N 267 
PRO CB  CG   sing N N 268 
PRO CB  HB2  sing N N 269 
PRO CB  HB3  sing N N 270 
PRO CG  CD   sing N N 271 
PRO CG  HG2  sing N N 272 
PRO CG  HG3  sing N N 273 
PRO CD  HD2  sing N N 274 
PRO CD  HD3  sing N N 275 
PRO OXT HXT  sing N N 276 
SER N   CA   sing N N 277 
SER N   H    sing N N 278 
SER N   H2   sing N N 279 
SER CA  C    sing N N 280 
SER CA  CB   sing N N 281 
SER CA  HA   sing N N 282 
SER C   O    doub N N 283 
SER C   OXT  sing N N 284 
SER CB  OG   sing N N 285 
SER CB  HB2  sing N N 286 
SER CB  HB3  sing N N 287 
SER OG  HG   sing N N 288 
SER OXT HXT  sing N N 289 
THR N   CA   sing N N 290 
THR N   H    sing N N 291 
THR N   H2   sing N N 292 
THR CA  C    sing N N 293 
THR CA  CB   sing N N 294 
THR CA  HA   sing N N 295 
THR C   O    doub N N 296 
THR C   OXT  sing N N 297 
THR CB  OG1  sing N N 298 
THR CB  CG2  sing N N 299 
THR CB  HB   sing N N 300 
THR OG1 HG1  sing N N 301 
THR CG2 HG21 sing N N 302 
THR CG2 HG22 sing N N 303 
THR CG2 HG23 sing N N 304 
THR OXT HXT  sing N N 305 
TRP N   CA   sing N N 306 
TRP N   H    sing N N 307 
TRP N   H2   sing N N 308 
TRP CA  C    sing N N 309 
TRP CA  CB   sing N N 310 
TRP CA  HA   sing N N 311 
TRP C   O    doub N N 312 
TRP C   OXT  sing N N 313 
TRP CB  CG   sing N N 314 
TRP CB  HB2  sing N N 315 
TRP CB  HB3  sing N N 316 
TRP CG  CD1  doub Y N 317 
TRP CG  CD2  sing Y N 318 
TRP CD1 NE1  sing Y N 319 
TRP CD1 HD1  sing N N 320 
TRP CD2 CE2  doub Y N 321 
TRP CD2 CE3  sing Y N 322 
TRP NE1 CE2  sing Y N 323 
TRP NE1 HE1  sing N N 324 
TRP CE2 CZ2  sing Y N 325 
TRP CE3 CZ3  doub Y N 326 
TRP CE3 HE3  sing N N 327 
TRP CZ2 CH2  doub Y N 328 
TRP CZ2 HZ2  sing N N 329 
TRP CZ3 CH2  sing Y N 330 
TRP CZ3 HZ3  sing N N 331 
TRP CH2 HH2  sing N N 332 
TRP OXT HXT  sing N N 333 
TYR N   CA   sing N N 334 
TYR N   H    sing N N 335 
TYR N   H2   sing N N 336 
TYR CA  C    sing N N 337 
TYR CA  CB   sing N N 338 
TYR CA  HA   sing N N 339 
TYR C   O    doub N N 340 
TYR C   OXT  sing N N 341 
TYR CB  CG   sing N N 342 
TYR CB  HB2  sing N N 343 
TYR CB  HB3  sing N N 344 
TYR CG  CD1  doub Y N 345 
TYR CG  CD2  sing Y N 346 
TYR CD1 CE1  sing Y N 347 
TYR CD1 HD1  sing N N 348 
TYR CD2 CE2  doub Y N 349 
TYR CD2 HD2  sing N N 350 
TYR CE1 CZ   doub Y N 351 
TYR CE1 HE1  sing N N 352 
TYR CE2 CZ   sing Y N 353 
TYR CE2 HE2  sing N N 354 
TYR CZ  OH   sing N N 355 
TYR OH  HH   sing N N 356 
TYR OXT HXT  sing N N 357 
VAL N   CA   sing N N 358 
VAL N   H    sing N N 359 
VAL N   H2   sing N N 360 
VAL CA  C    sing N N 361 
VAL CA  CB   sing N N 362 
VAL CA  HA   sing N N 363 
VAL C   O    doub N N 364 
VAL C   OXT  sing N N 365 
VAL CB  CG1  sing N N 366 
VAL CB  CG2  sing N N 367 
VAL CB  HB   sing N N 368 
VAL CG1 HG11 sing N N 369 
VAL CG1 HG12 sing N N 370 
VAL CG1 HG13 sing N N 371 
VAL CG2 HG21 sing N N 372 
VAL CG2 HG22 sing N N 373 
VAL CG2 HG23 sing N N 374 
VAL OXT HXT  sing N N 375 
# 
_atom_sites.entry_id                    3FFM 
_atom_sites.fract_transf_matrix[1][1]   0.00152181 
_atom_sites.fract_transf_matrix[1][2]   0.00609985 
_atom_sites.fract_transf_matrix[1][3]   -0.00480207 
_atom_sites.fract_transf_matrix[2][1]   -0.00698426 
_atom_sites.fract_transf_matrix[2][2]   0.00321223 
_atom_sites.fract_transf_matrix[2][3]   0.00186699 
_atom_sites.fract_transf_matrix[3][1]   0.00338942 
_atom_sites.fract_transf_matrix[3][2]   0.00388038 
_atom_sites.fract_transf_matrix[3][3]   0.00600320 
_atom_sites.fract_transf_vector[1]      -0.105369 
_atom_sites.fract_transf_vector[2]      -0.191960 
_atom_sites.fract_transf_vector[3]      0.417289 
# 
loop_
_atom_type.symbol 
C 
N 
O 
S 
# 
loop_
_atom_site.group_PDB 
_atom_site.id 
_atom_site.type_symbol 
_atom_site.label_atom_id 
_atom_site.label_alt_id 
_atom_site.label_comp_id 
_atom_site.label_asym_id 
_atom_site.label_entity_id 
_atom_site.label_seq_id 
_atom_site.pdbx_PDB_ins_code 
_atom_site.Cartn_x 
_atom_site.Cartn_y 
_atom_site.Cartn_z 
_atom_site.occupancy 
_atom_site.B_iso_or_equiv 
_atom_site.pdbx_formal_charge 
_atom_site.auth_seq_id 
_atom_site.auth_comp_id 
_atom_site.auth_asym_id 
_atom_site.auth_atom_id 
_atom_site.pdbx_PDB_model_num 
ATOM   1    N N   . SER A 1 23  ? 1.941   -19.207 10.185  1.00 84.40  ? 15  SER A N   1 
ATOM   2    C CA  . SER A 1 23  ? 2.730   -17.977 9.893   1.00 84.47  ? 15  SER A CA  1 
ATOM   3    C C   . SER A 1 23  ? 3.093   -17.284 11.196  1.00 75.70  ? 15  SER A C   1 
ATOM   4    O O   . SER A 1 23  ? 2.416   -17.463 12.205  1.00 82.24  ? 15  SER A O   1 
ATOM   5    C CB  . SER A 1 23  ? 1.919   -17.021 9.015   1.00 87.29  ? 15  SER A CB  1 
ATOM   6    O OG  . SER A 1 23  ? 0.742   -16.600 9.683   1.00 89.72  ? 15  SER A OG  1 
ATOM   7    N N   . THR A 1 24  ? 4.152   -16.484 11.169  1.00 74.91  ? 16  THR A N   1 
ATOM   8    C CA  . THR A 1 24  ? 4.604   -15.781 12.364  1.00 78.85  ? 16  THR A CA  1 
ATOM   9    C C   . THR A 1 24  ? 3.603   -14.783 12.924  1.00 74.86  ? 16  THR A C   1 
ATOM   10   O O   . THR A 1 24  ? 2.725   -14.283 12.219  1.00 63.84  ? 16  THR A O   1 
ATOM   11   C CB  . THR A 1 24  ? 5.914   -15.019 12.105  1.00 88.25  ? 16  THR A CB  1 
ATOM   12   O OG1 . THR A 1 24  ? 5.692   -14.011 11.111  1.00 97.52  ? 16  THR A OG1 1 
ATOM   13   C CG2 . THR A 1 24  ? 7.002   -15.975 11.639  1.00 80.25  ? 16  THR A CG2 1 
ATOM   14   N N   . ALA A 1 25  ? 3.752   -14.498 14.212  1.00 67.68  ? 17  ALA A N   1 
ATOM   15   C CA  . ALA A 1 25  ? 2.887   -13.550 14.886  1.00 72.50  ? 17  ALA A CA  1 
ATOM   16   C C   . ALA A 1 25  ? 3.059   -12.205 14.186  1.00 65.85  ? 17  ALA A C   1 
ATOM   17   O O   . ALA A 1 25  ? 2.085   -11.494 13.938  1.00 72.87  ? 17  ALA A O   1 
ATOM   18   C CB  . ALA A 1 25  ? 3.279   -13.442 16.361  1.00 63.78  ? 17  ALA A CB  1 
ATOM   19   N N   . ARG A 1 26  ? 4.305   -11.871 13.865  1.00 71.02  ? 18  ARG A N   1 
ATOM   20   C CA  . ARG A 1 26  ? 4.625   -10.619 13.181  1.00 68.20  ? 18  ARG A CA  1 
ATOM   21   C C   . ARG A 1 26  ? 3.870   -10.512 11.856  1.00 66.19  ? 18  ARG A C   1 
ATOM   22   O O   . ARG A 1 26  ? 3.268   -9.484  11.545  1.00 65.63  ? 18  ARG A O   1 
ATOM   23   C CB  . ARG A 1 26  ? 6.136   -10.541 12.926  1.00 69.61  ? 18  ARG A CB  1 
ATOM   24   C CG  . ARG A 1 26  ? 6.576   -9.453  11.942  1.00 77.34  ? 18  ARG A CG  1 
ATOM   25   C CD  . ARG A 1 26  ? 8.097   -9.345  11.893  1.00 76.74  ? 18  ARG A CD  1 
ATOM   26   N NE  . ARG A 1 26  ? 8.575   -8.359  10.926  1.00 70.80  ? 18  ARG A NE  1 
ATOM   27   C CZ  . ARG A 1 26  ? 8.822   -8.613  9.643   1.00 68.94  ? 18  ARG A CZ  1 
ATOM   28   N NH1 . ARG A 1 26  ? 8.641   -9.832  9.148   1.00 56.93  ? 18  ARG A NH1 1 
ATOM   29   N NH2 . ARG A 1 26  ? 9.254   -7.641  8.850   1.00 59.65  ? 18  ARG A NH2 1 
ATOM   30   N N   . MET A 1 27  ? 3.907   -11.593 11.090  1.00 56.59  ? 19  MET A N   1 
ATOM   31   C CA  . MET A 1 27  ? 3.256   -11.656 9.797   1.00 62.56  ? 19  MET A CA  1 
ATOM   32   C C   . MET A 1 27  ? 1.739   -11.561 9.925   1.00 66.11  ? 19  MET A C   1 
ATOM   33   O O   . MET A 1 27  ? 1.087   -10.840 9.169   1.00 74.62  ? 19  MET A O   1 
ATOM   34   C CB  . MET A 1 27  ? 3.640   -12.958 9.108   1.00 49.70  ? 19  MET A CB  1 
ATOM   35   C CG  . MET A 1 27  ? 3.463   -12.931 7.622   1.00 69.87  ? 19  MET A CG  1 
ATOM   36   S SD  . MET A 1 27  ? 4.651   -11.841 6.796   1.00 80.31  ? 19  MET A SD  1 
ATOM   37   C CE  . MET A 1 27  ? 4.526   -12.519 5.126   1.00 53.37  ? 19  MET A CE  1 
ATOM   38   N N   . GLN A 1 28  ? 1.177   -12.295 10.879  1.00 72.91  ? 20  GLN A N   1 
ATOM   39   C CA  . GLN A 1 28  ? -0.263  -12.269 11.102  1.00 61.74  ? 20  GLN A CA  1 
ATOM   40   C C   . GLN A 1 28  ? -0.644  -10.867 11.547  1.00 63.17  ? 20  GLN A C   1 
ATOM   41   O O   . GLN A 1 28  ? -1.686  -10.332 11.156  1.00 64.17  ? 20  GLN A O   1 
ATOM   42   C CB  . GLN A 1 28  ? -0.653  -13.265 12.189  1.00 80.07  ? 20  GLN A CB  1 
ATOM   43   C CG  . GLN A 1 28  ? -0.243  -14.694 11.903  1.00 85.76  ? 20  GLN A CG  1 
ATOM   44   C CD  . GLN A 1 28  ? -0.679  -15.649 12.998  1.00 96.78  ? 20  GLN A CD  1 
ATOM   45   O OE1 . GLN A 1 28  ? -1.872  -15.814 13.252  1.00 105.47 ? 20  GLN A OE1 1 
ATOM   46   N NE2 . GLN A 1 28  ? 0.288   -16.280 13.654  1.00 95.90  ? 20  GLN A NE2 1 
ATOM   47   N N   . GLY A 1 29  ? 0.212   -10.279 12.375  1.00 61.48  ? 21  GLY A N   1 
ATOM   48   C CA  . GLY A 1 29  ? -0.035  -8.936  12.862  1.00 62.52  ? 21  GLY A CA  1 
ATOM   49   C C   . GLY A 1 29  ? 0.032   -7.920  11.736  1.00 74.42  ? 21  GLY A C   1 
ATOM   50   O O   . GLY A 1 29  ? -0.611  -6.873  11.811  1.00 75.57  ? 21  GLY A O   1 
ATOM   51   N N   . ALA A 1 30  ? 0.803   -8.227  10.693  1.00 67.13  ? 22  ALA A N   1 
ATOM   52   C CA  . ALA A 1 30  ? 0.950   -7.326  9.552   1.00 58.72  ? 22  ALA A CA  1 
ATOM   53   C C   . ALA A 1 30  ? -0.313  -7.344  8.708   1.00 50.68  ? 22  ALA A C   1 
ATOM   54   O O   . ALA A 1 30  ? -0.840  -6.293  8.341   1.00 54.17  ? 22  ALA A O   1 
ATOM   55   C CB  . ALA A 1 30  ? 2.150   -7.734  8.703   1.00 54.21  ? 22  ALA A CB  1 
ATOM   56   N N   . GLY A 1 31  ? -0.798  -8.544  8.406   1.00 55.09  ? 23  GLY A N   1 
ATOM   57   C CA  . GLY A 1 31  ? -2.007  -8.671  7.619   1.00 61.28  ? 23  GLY A CA  1 
ATOM   58   C C   . GLY A 1 31  ? -3.135  -7.882  8.259   1.00 71.20  ? 23  GLY A C   1 
ATOM   59   O O   . GLY A 1 31  ? -3.806  -7.092  7.592   1.00 72.82  ? 23  GLY A O   1 
ATOM   60   N N   . LYS A 1 32  ? -3.339  -8.091  9.557   1.00 69.71  ? 24  LYS A N   1 
ATOM   61   C CA  . LYS A 1 32  ? -4.391  -7.391  10.282  1.00 69.99  ? 24  LYS A CA  1 
ATOM   62   C C   . LYS A 1 32  ? -4.175  -5.885  10.268  1.00 65.15  ? 24  LYS A C   1 
ATOM   63   O O   . LYS A 1 32  ? -5.108  -5.124  10.025  1.00 65.67  ? 24  LYS A O   1 
ATOM   64   C CB  . LYS A 1 32  ? -4.470  -7.877  11.733  1.00 75.94  ? 24  LYS A CB  1 
ATOM   65   C CG  . LYS A 1 32  ? -5.382  -9.082  11.953  1.00 87.35  ? 24  LYS A CG  1 
ATOM   66   C CD  . LYS A 1 32  ? -4.881  -10.324 11.232  1.00 98.90  ? 24  LYS A CD  1 
ATOM   67   C CE  . LYS A 1 32  ? -5.767  -11.535 11.509  1.00 98.86  ? 24  LYS A CE  1 
ATOM   68   N NZ  . LYS A 1 32  ? -5.233  -12.776 10.871  1.00 95.98  ? 24  LYS A NZ  1 
ATOM   69   N N   . ALA A 1 33  ? -2.944  -5.458  10.529  1.00 57.81  ? 25  ALA A N   1 
ATOM   70   C CA  . ALA A 1 33  ? -2.631  -4.036  10.546  1.00 64.03  ? 25  ALA A CA  1 
ATOM   71   C C   . ALA A 1 33  ? -2.871  -3.388  9.181   1.00 69.84  ? 25  ALA A C   1 
ATOM   72   O O   . ALA A 1 33  ? -3.412  -2.286  9.102   1.00 68.15  ? 25  ALA A O   1 
ATOM   73   C CB  . ALA A 1 33  ? -1.186  -3.823  10.984  1.00 67.74  ? 25  ALA A CB  1 
ATOM   74   N N   . LEU A 1 34  ? -2.475  -4.067  8.108   1.00 67.26  ? 26  LEU A N   1 
ATOM   75   C CA  . LEU A 1 34  ? -2.669  -3.514  6.772   1.00 66.86  ? 26  LEU A CA  1 
ATOM   76   C C   . LEU A 1 34  ? -4.149  -3.507  6.421   1.00 64.60  ? 26  LEU A C   1 
ATOM   77   O O   . LEU A 1 34  ? -4.642  -2.572  5.791   1.00 66.98  ? 26  LEU A O   1 
ATOM   78   C CB  . LEU A 1 34  ? -1.895  -4.317  5.722   1.00 57.90  ? 26  LEU A CB  1 
ATOM   79   C CG  . LEU A 1 34  ? -2.086  -3.821  4.281   1.00 63.97  ? 26  LEU A CG  1 
ATOM   80   C CD1 . LEU A 1 34  ? -1.581  -2.390  4.164   1.00 63.83  ? 26  LEU A CD1 1 
ATOM   81   C CD2 . LEU A 1 34  ? -1.345  -4.733  3.312   1.00 52.57  ? 26  LEU A CD2 1 
ATOM   82   N N   . HIS A 1 35  ? -4.854  -4.554  6.831   1.00 64.12  ? 27  HIS A N   1 
ATOM   83   C CA  . HIS A 1 35  ? -6.280  -4.653  6.567   1.00 67.84  ? 27  HIS A CA  1 
ATOM   84   C C   . HIS A 1 35  ? -6.972  -3.477  7.240   1.00 69.98  ? 27  HIS A C   1 
ATOM   85   O O   . HIS A 1 35  ? -7.713  -2.725  6.609   1.00 68.73  ? 27  HIS A O   1 
ATOM   86   C CB  . HIS A 1 35  ? -6.834  -5.960  7.131   1.00 72.94  ? 27  HIS A CB  1 
ATOM   87   C CG  . HIS A 1 35  ? -8.276  -6.193  6.809   1.00 75.85  ? 27  HIS A CG  1 
ATOM   88   N ND1 . HIS A 1 35  ? -8.959  -7.313  7.230   1.00 81.87  ? 27  HIS A ND1 1 
ATOM   89   C CD2 . HIS A 1 35  ? -9.162  -5.459  6.095   1.00 82.53  ? 27  HIS A CD2 1 
ATOM   90   C CE1 . HIS A 1 35  ? -10.203 -7.260  6.787   1.00 77.80  ? 27  HIS A CE1 1 
ATOM   91   N NE2 . HIS A 1 35  ? -10.352 -6.145  6.097   1.00 81.04  ? 27  HIS A NE2 1 
ATOM   92   N N   . GLU A 1 36  ? -6.709  -3.320  8.527   1.00 70.73  ? 28  GLU A N   1 
ATOM   93   C CA  . GLU A 1 36  ? -7.304  -2.243  9.297   1.00 74.42  ? 28  GLU A CA  1 
ATOM   94   C C   . GLU A 1 36  ? -6.926  -0.894  8.706   1.00 73.24  ? 28  GLU A C   1 
ATOM   95   O O   . GLU A 1 36  ? -7.767  -0.006  8.585   1.00 77.77  ? 28  GLU A O   1 
ATOM   96   C CB  . GLU A 1 36  ? -6.845  -2.338  10.753  1.00 78.79  ? 28  GLU A CB  1 
ATOM   97   C CG  . GLU A 1 36  ? -7.162  -3.690  11.390  1.00 95.35  ? 28  GLU A CG  1 
ATOM   98   C CD  . GLU A 1 36  ? -6.438  -3.918  12.707  1.00 104.18 ? 28  GLU A CD  1 
ATOM   99   O OE1 . GLU A 1 36  ? -6.512  -5.051  13.231  1.00 105.68 ? 28  GLU A OE1 1 
ATOM   100  O OE2 . GLU A 1 36  ? -5.797  -2.970  13.218  1.00 102.20 ? 28  GLU A OE2 1 
ATOM   101  N N   . LEU A 1 37  ? -5.661  -0.745  8.326   1.00 73.67  ? 29  LEU A N   1 
ATOM   102  C CA  . LEU A 1 37  ? -5.188  0.511   7.757   1.00 66.06  ? 29  LEU A CA  1 
ATOM   103  C C   . LEU A 1 37  ? -5.931  0.862   6.478   1.00 65.76  ? 29  LEU A C   1 
ATOM   104  O O   . LEU A 1 37  ? -6.247  2.026   6.235   1.00 61.21  ? 29  LEU A O   1 
ATOM   105  C CB  . LEU A 1 37  ? -3.692  0.443   7.463   1.00 64.35  ? 29  LEU A CB  1 
ATOM   106  C CG  . LEU A 1 37  ? -3.125  1.733   6.867   1.00 68.21  ? 29  LEU A CG  1 
ATOM   107  C CD1 . LEU A 1 37  ? -3.210  2.852   7.897   1.00 63.56  ? 29  LEU A CD1 1 
ATOM   108  C CD2 . LEU A 1 37  ? -1.687  1.509   6.436   1.00 73.29  ? 29  LEU A CD2 1 
ATOM   109  N N   . LEU A 1 38  ? -6.206  -0.144  5.657   1.00 65.82  ? 30  LEU A N   1 
ATOM   110  C CA  . LEU A 1 38  ? -6.914  0.092   4.409   1.00 72.33  ? 30  LEU A CA  1 
ATOM   111  C C   . LEU A 1 38  ? -8.324  0.607   4.680   1.00 76.82  ? 30  LEU A C   1 
ATOM   112  O O   . LEU A 1 38  ? -8.755  1.598   4.095   1.00 74.01  ? 30  LEU A O   1 
ATOM   113  C CB  . LEU A 1 38  ? -6.969  -1.195  3.584   1.00 62.47  ? 30  LEU A CB  1 
ATOM   114  C CG  . LEU A 1 38  ? -5.618  -1.652  3.025   1.00 54.86  ? 30  LEU A CG  1 
ATOM   115  C CD1 . LEU A 1 38  ? -5.752  -3.037  2.426   1.00 53.28  ? 30  LEU A CD1 1 
ATOM   116  C CD2 . LEU A 1 38  ? -5.132  -0.653  1.985   1.00 52.79  ? 30  LEU A CD2 1 
ATOM   117  N N   . LEU A 1 39  ? -9.038  -0.056  5.581   1.00 75.55  ? 31  LEU A N   1 
ATOM   118  C CA  . LEU A 1 39  ? -10.396 0.355   5.902   1.00 73.13  ? 31  LEU A CA  1 
ATOM   119  C C   . LEU A 1 39  ? -10.461 1.767   6.475   1.00 69.00  ? 31  LEU A C   1 
ATOM   120  O O   . LEU A 1 39  ? -11.202 2.611   5.970   1.00 70.34  ? 31  LEU A O   1 
ATOM   121  C CB  . LEU A 1 39  ? -11.027 -0.637  6.876   1.00 66.82  ? 31  LEU A CB  1 
ATOM   122  C CG  . LEU A 1 39  ? -11.204 -2.037  6.286   1.00 73.73  ? 31  LEU A CG  1 
ATOM   123  C CD1 . LEU A 1 39  ? -11.805 -2.967  7.324   1.00 81.51  ? 31  LEU A CD1 1 
ATOM   124  C CD2 . LEU A 1 39  ? -12.100 -1.960  5.061   1.00 78.68  ? 31  LEU A CD2 1 
ATOM   125  N N   . SER A 1 40  ? -9.679  2.034   7.516   1.00 66.80  ? 32  SER A N   1 
ATOM   126  C CA  . SER A 1 40  ? -9.700  3.359   8.125   1.00 75.41  ? 32  SER A CA  1 
ATOM   127  C C   . SER A 1 40  ? -9.393  4.449   7.102   1.00 81.23  ? 32  SER A C   1 
ATOM   128  O O   . SER A 1 40  ? -10.027 5.501   7.101   1.00 86.64  ? 32  SER A O   1 
ATOM   129  C CB  . SER A 1 40  ? -8.696  3.440   9.280   1.00 77.27  ? 32  SER A CB  1 
ATOM   130  O OG  . SER A 1 40  ? -7.360  3.515   8.814   1.00 90.07  ? 32  SER A OG  1 
ATOM   131  N N   . ALA A 1 41  ? -8.426  4.185   6.227   1.00 79.36  ? 33  ALA A N   1 
ATOM   132  C CA  . ALA A 1 41  ? -8.021  5.150   5.207   1.00 73.70  ? 33  ALA A CA  1 
ATOM   133  C C   . ALA A 1 41  ? -9.120  5.461   4.195   1.00 71.38  ? 33  ALA A C   1 
ATOM   134  O O   . ALA A 1 41  ? -9.377  6.627   3.886   1.00 72.12  ? 33  ALA A O   1 
ATOM   135  C CB  . ALA A 1 41  ? -6.772  4.652   4.479   1.00 63.72  ? 33  ALA A CB  1 
ATOM   136  N N   . GLN A 1 42  ? -9.765  4.428   3.670   1.00 72.90  ? 34  GLN A N   1 
ATOM   137  C CA  . GLN A 1 42  ? -10.816 4.655   2.694   1.00 82.31  ? 34  GLN A CA  1 
ATOM   138  C C   . GLN A 1 42  ? -11.996 5.360   3.352   1.00 89.91  ? 34  GLN A C   1 
ATOM   139  O O   . GLN A 1 42  ? -12.682 6.155   2.711   1.00 92.10  ? 34  GLN A O   1 
ATOM   140  C CB  . GLN A 1 42  ? -11.273 3.340   2.067   1.00 83.88  ? 34  GLN A CB  1 
ATOM   141  C CG  . GLN A 1 42  ? -11.812 3.520   0.654   1.00 98.31  ? 34  GLN A CG  1 
ATOM   142  C CD  . GLN A 1 42  ? -12.265 2.221   0.020   1.00 104.30 ? 34  GLN A CD  1 
ATOM   143  O OE1 . GLN A 1 42  ? -12.549 2.171   -1.177  1.00 108.91 ? 34  GLN A OE1 1 
ATOM   144  N NE2 . GLN A 1 42  ? -12.344 1.163   0.821   1.00 101.67 ? 34  GLN A NE2 1 
ATOM   145  N N   . ARG A 1 43  ? -12.229 5.071   4.630   1.00 90.85  ? 35  ARG A N   1 
ATOM   146  C CA  . ARG A 1 43  ? -13.322 5.707   5.355   1.00 91.20  ? 35  ARG A CA  1 
ATOM   147  C C   . ARG A 1 43  ? -13.005 7.172   5.606   1.00 92.06  ? 35  ARG A C   1 
ATOM   148  O O   . ARG A 1 43  ? -13.907 8.004   5.687   1.00 97.85  ? 35  ARG A O   1 
ATOM   149  C CB  . ARG A 1 43  ? -13.570 5.024   6.699   1.00 88.40  ? 35  ARG A CB  1 
ATOM   150  C CG  . ARG A 1 43  ? -14.439 3.788   6.638   1.00 97.53  ? 35  ARG A CG  1 
ATOM   151  C CD  . ARG A 1 43  ? -14.937 3.445   8.036   1.00 99.86  ? 35  ARG A CD  1 
ATOM   152  N NE  . ARG A 1 43  ? -13.835 3.204   8.965   1.00 97.82  ? 35  ARG A NE  1 
ATOM   153  C CZ  . ARG A 1 43  ? -13.293 2.012   9.192   1.00 90.99  ? 35  ARG A CZ  1 
ATOM   154  N NH1 . ARG A 1 43  ? -13.754 0.939   8.561   1.00 77.17  ? 35  ARG A NH1 1 
ATOM   155  N NH2 . ARG A 1 43  ? -12.283 1.897   10.047  1.00 83.75  ? 35  ARG A NH2 1 
ATOM   156  N N   . GLN A 1 44  ? -11.720 7.483   5.732   1.00 84.89  ? 36  GLN A N   1 
ATOM   157  C CA  . GLN A 1 44  ? -11.295 8.852   5.981   1.00 83.19  ? 36  GLN A CA  1 
ATOM   158  C C   . GLN A 1 44  ? -10.944 9.576   4.687   1.00 77.36  ? 36  GLN A C   1 
ATOM   159  O O   . GLN A 1 44  ? -10.463 10.707  4.710   1.00 74.99  ? 36  GLN A O   1 
ATOM   160  C CB  . GLN A 1 44  ? -10.104 8.862   6.939   1.00 81.37  ? 36  GLN A CB  1 
ATOM   161  C CG  . GLN A 1 44  ? -10.426 8.267   8.302   1.00 98.22  ? 36  GLN A CG  1 
ATOM   162  C CD  . GLN A 1 44  ? -9.209  8.158   9.198   1.00 109.06 ? 36  GLN A CD  1 
ATOM   163  O OE1 . GLN A 1 44  ? -8.546  9.154   9.487   1.00 114.07 ? 36  GLN A OE1 1 
ATOM   164  N NE2 . GLN A 1 44  ? -8.909  6.943   9.644   1.00 110.95 ? 36  GLN A NE2 1 
ATOM   165  N N   . GLY A 1 45  ? -11.190 8.916   3.559   1.00 77.97  ? 37  GLY A N   1 
ATOM   166  C CA  . GLY A 1 45  ? -10.907 9.510   2.263   1.00 67.49  ? 37  GLY A CA  1 
ATOM   167  C C   . GLY A 1 45  ? -9.462  9.918   2.027   1.00 74.75  ? 37  GLY A C   1 
ATOM   168  O O   . GLY A 1 45  ? -9.198  10.932  1.378   1.00 76.71  ? 37  GLY A O   1 
ATOM   169  N N   . CYS A 1 46  ? -8.517  9.140   2.545   1.00 66.55  ? 38  CYS A N   1 
ATOM   170  C CA  . CYS A 1 46  ? -7.105  9.456   2.354   1.00 70.17  ? 38  CYS A CA  1 
ATOM   171  C C   . CYS A 1 46  ? -6.382  8.282   1.685   1.00 67.92  ? 38  CYS A C   1 
ATOM   172  O O   . CYS A 1 46  ? -5.168  8.111   1.826   1.00 61.97  ? 38  CYS A O   1 
ATOM   173  C CB  . CYS A 1 46  ? -6.461  9.798   3.697   1.00 76.16  ? 38  CYS A CB  1 
ATOM   174  S SG  . CYS A 1 46  ? -6.695  8.544   4.954   1.00 89.03  ? 38  CYS A SG  1 
ATOM   175  N N   . LEU A 1 47  ? -7.155  7.489   0.949   1.00 61.36  ? 39  LEU A N   1 
ATOM   176  C CA  . LEU A 1 47  ? -6.663  6.324   0.223   1.00 62.77  ? 39  LEU A CA  1 
ATOM   177  C C   . LEU A 1 47  ? -6.719  6.582   -1.291  1.00 63.14  ? 39  LEU A C   1 
ATOM   178  O O   . LEU A 1 47  ? -7.800  6.760   -1.850  1.00 67.69  ? 39  LEU A O   1 
ATOM   179  C CB  . LEU A 1 47  ? -7.531  5.113   0.574   1.00 56.14  ? 39  LEU A CB  1 
ATOM   180  C CG  . LEU A 1 47  ? -7.217  3.705   0.048   1.00 61.40  ? 39  LEU A CG  1 
ATOM   181  C CD1 . LEU A 1 47  ? -7.360  3.625   -1.468  1.00 55.09  ? 39  LEU A CD1 1 
ATOM   182  C CD2 . LEU A 1 47  ? -5.820  3.336   0.487   1.00 71.45  ? 39  LEU A CD2 1 
ATOM   183  N N   . THR A 1 48  ? -5.559  6.608   -1.945  1.00 55.02  ? 40  THR A N   1 
ATOM   184  C CA  . THR A 1 48  ? -5.490  6.820   -3.392  1.00 47.99  ? 40  THR A CA  1 
ATOM   185  C C   . THR A 1 48  ? -5.311  5.469   -4.088  1.00 58.26  ? 40  THR A C   1 
ATOM   186  O O   . THR A 1 48  ? -4.382  4.725   -3.771  1.00 55.78  ? 40  THR A O   1 
ATOM   187  C CB  . THR A 1 48  ? -4.299  7.717   -3.779  1.00 55.06  ? 40  THR A CB  1 
ATOM   188  O OG1 . THR A 1 48  ? -4.403  8.980   -3.105  1.00 49.23  ? 40  THR A OG1 1 
ATOM   189  C CG2 . THR A 1 48  ? -4.285  7.952   -5.276  1.00 49.56  ? 40  THR A CG2 1 
ATOM   190  N N   . ALA A 1 49  ? -6.189  5.165   -5.043  1.00 52.37  ? 41  ALA A N   1 
ATOM   191  C CA  . ALA A 1 49  ? -6.139  3.890   -5.757  1.00 46.67  ? 41  ALA A CA  1 
ATOM   192  C C   . ALA A 1 49  ? -5.654  3.948   -7.203  1.00 54.38  ? 41  ALA A C   1 
ATOM   193  O O   . ALA A 1 49  ? -6.103  4.780   -7.987  1.00 53.92  ? 41  ALA A O   1 
ATOM   194  C CB  . ALA A 1 49  ? -7.513  3.236   -5.709  1.00 46.87  ? 41  ALA A CB  1 
ATOM   195  N N   . GLY A 1 50  ? -4.739  3.053   -7.560  1.00 49.81  ? 42  GLY A N   1 
ATOM   196  C CA  . GLY A 1 50  ? -4.241  3.017   -8.925  1.00 36.69  ? 42  GLY A CA  1 
ATOM   197  C C   . GLY A 1 50  ? -2.946  3.759   -9.190  1.00 38.54  ? 42  GLY A C   1 
ATOM   198  O O   . GLY A 1 50  ? -2.643  4.767   -8.548  1.00 40.20  ? 42  GLY A O   1 
ATOM   199  N N   . VAL A 1 51  ? -2.190  3.263   -10.169 1.00 41.26  ? 43  VAL A N   1 
ATOM   200  C CA  . VAL A 1 51  ? -0.913  3.850   -10.539 1.00 36.21  ? 43  VAL A CA  1 
ATOM   201  C C   . VAL A 1 51  ? -1.033  5.302   -10.999 1.00 34.95  ? 43  VAL A C   1 
ATOM   202  O O   . VAL A 1 51  ? -0.349  6.190   -10.488 1.00 38.49  ? 43  VAL A O   1 
ATOM   203  C CB  . VAL A 1 51  ? -0.243  3.014   -11.669 1.00 40.94  ? 43  VAL A CB  1 
ATOM   204  C CG1 . VAL A 1 51  ? 1.126   3.601   -12.022 1.00 38.16  ? 43  VAL A CG1 1 
ATOM   205  C CG2 . VAL A 1 51  ? -0.114  1.569   -11.225 1.00 43.17  ? 43  VAL A CG2 1 
ATOM   206  N N   . TYR A 1 52  ? -1.884  5.537   -11.993 1.00 41.50  ? 44  TYR A N   1 
ATOM   207  C CA  . TYR A 1 52  ? -2.094  6.884   -12.507 1.00 34.88  ? 44  TYR A CA  1 
ATOM   208  C C   . TYR A 1 52  ? -2.380  7.864   -11.357 1.00 29.11  ? 44  TYR A C   1 
ATOM   209  O O   . TYR A 1 52  ? -1.665  8.851   -11.181 1.00 40.33  ? 44  TYR A O   1 
ATOM   210  C CB  . TYR A 1 52  ? -3.258  6.893   -13.504 1.00 49.81  ? 44  TYR A CB  1 
ATOM   211  C CG  . TYR A 1 52  ? -3.646  8.287   -13.922 1.00 43.28  ? 44  TYR A CG  1 
ATOM   212  C CD1 . TYR A 1 52  ? -2.855  9.015   -14.815 1.00 43.88  ? 44  TYR A CD1 1 
ATOM   213  C CD2 . TYR A 1 52  ? -4.772  8.907   -13.376 1.00 45.99  ? 44  TYR A CD2 1 
ATOM   214  C CE1 . TYR A 1 52  ? -3.174  10.330  -15.152 1.00 44.69  ? 44  TYR A CE1 1 
ATOM   215  C CE2 . TYR A 1 52  ? -5.099  10.217  -13.706 1.00 45.05  ? 44  TYR A CE2 1 
ATOM   216  C CZ  . TYR A 1 52  ? -4.298  10.919  -14.589 1.00 44.51  ? 44  TYR A CZ  1 
ATOM   217  O OH  . TYR A 1 52  ? -4.612  12.220  -14.885 1.00 46.61  ? 44  TYR A OH  1 
ATOM   218  N N   . GLU A 1 53  ? -3.411  7.586   -10.562 1.00 39.56  ? 45  GLU A N   1 
ATOM   219  C CA  . GLU A 1 53  ? -3.726  8.476   -9.442  1.00 37.11  ? 45  GLU A CA  1 
ATOM   220  C C   . GLU A 1 53  ? -2.571  8.592   -8.452  1.00 50.26  ? 45  GLU A C   1 
ATOM   221  O O   . GLU A 1 53  ? -2.291  9.684   -7.959  1.00 50.36  ? 45  GLU A O   1 
ATOM   222  C CB  . GLU A 1 53  ? -4.987  8.000   -8.704  1.00 48.10  ? 45  GLU A CB  1 
ATOM   223  C CG  . GLU A 1 53  ? -6.315  8.327   -9.416  1.00 56.19  ? 45  GLU A CG  1 
ATOM   224  C CD  . GLU A 1 53  ? -6.523  9.834   -9.632  1.00 72.68  ? 45  GLU A CD  1 
ATOM   225  O OE1 . GLU A 1 53  ? -6.245  10.620  -8.701  1.00 79.35  ? 45  GLU A OE1 1 
ATOM   226  O OE2 . GLU A 1 53  ? -6.975  10.235  -10.729 1.00 77.48  ? 45  GLU A OE2 1 
ATOM   227  N N   . SER A 1 54  ? -1.899  7.479   -8.151  1.00 41.71  ? 46  SER A N   1 
ATOM   228  C CA  . SER A 1 54  ? -0.778  7.522   -7.206  1.00 44.70  ? 46  SER A CA  1 
ATOM   229  C C   . SER A 1 54  ? 0.360   8.394   -7.722  1.00 39.65  ? 46  SER A C   1 
ATOM   230  O O   . SER A 1 54  ? 0.954   9.153   -6.959  1.00 47.69  ? 46  SER A O   1 
ATOM   231  C CB  . SER A 1 54  ? -0.253  6.110   -6.909  1.00 43.86  ? 46  SER A CB  1 
ATOM   232  O OG  . SER A 1 54  ? -1.220  5.350   -6.198  1.00 39.77  ? 46  SER A OG  1 
ATOM   233  N N   . ALA A 1 55  ? 0.651   8.296   -9.018  1.00 41.62  ? 47  ALA A N   1 
ATOM   234  C CA  . ALA A 1 55  ? 1.723   9.089   -9.616  1.00 41.31  ? 47  ALA A CA  1 
ATOM   235  C C   . ALA A 1 55  ? 1.408   10.585  -9.504  1.00 42.12  ? 47  ALA A C   1 
ATOM   236  O O   . ALA A 1 55  ? 2.296   11.408  -9.261  1.00 49.44  ? 47  ALA A O   1 
ATOM   237  C CB  . ALA A 1 55  ? 1.897   8.701   -11.064 1.00 36.36  ? 47  ALA A CB  1 
ATOM   238  N N   . LYS A 1 56  ? 0.138   10.930  -9.687  1.00 44.40  ? 48  LYS A N   1 
ATOM   239  C CA  . LYS A 1 56  ? -0.289  12.320  -9.595  1.00 51.30  ? 48  LYS A CA  1 
ATOM   240  C C   . LYS A 1 56  ? -0.012  12.813  -8.176  1.00 43.06  ? 48  LYS A C   1 
ATOM   241  O O   . LYS A 1 56  ? 0.630   13.845  -7.973  1.00 45.94  ? 48  LYS A O   1 
ATOM   242  C CB  . LYS A 1 56  ? -1.776  12.427  -9.920  1.00 52.92  ? 48  LYS A CB  1 
ATOM   243  C CG  . LYS A 1 56  ? -2.333  13.836  -9.839  1.00 73.40  ? 48  LYS A CG  1 
ATOM   244  C CD  . LYS A 1 56  ? -3.832  13.851  -10.111 1.00 71.39  ? 48  LYS A CD  1 
ATOM   245  C CE  . LYS A 1 56  ? -4.151  13.359  -11.511 1.00 62.62  ? 48  LYS A CE  1 
ATOM   246  N NZ  . LYS A 1 56  ? -5.617  13.228  -11.722 1.00 77.34  ? 48  LYS A NZ  1 
ATOM   247  N N   . VAL A 1 57  ? -0.486  12.060  -7.193  1.00 44.29  ? 49  VAL A N   1 
ATOM   248  C CA  . VAL A 1 57  ? -0.253  12.423  -5.801  1.00 43.06  ? 49  VAL A CA  1 
ATOM   249  C C   . VAL A 1 57  ? 1.235   12.579  -5.472  1.00 52.29  ? 49  VAL A C   1 
ATOM   250  O O   . VAL A 1 57  ? 1.623   13.517  -4.771  1.00 47.28  ? 49  VAL A O   1 
ATOM   251  C CB  . VAL A 1 57  ? -0.867  11.384  -4.841  1.00 50.97  ? 49  VAL A CB  1 
ATOM   252  C CG1 . VAL A 1 57  ? -0.521  11.739  -3.404  1.00 43.44  ? 49  VAL A CG1 1 
ATOM   253  C CG2 . VAL A 1 57  ? -2.382  11.340  -5.024  1.00 37.59  ? 49  VAL A CG2 1 
ATOM   254  N N   . LEU A 1 58  ? 2.076   11.674  -5.973  1.00 45.46  ? 50  LEU A N   1 
ATOM   255  C CA  . LEU A 1 58  ? 3.508   11.766  -5.680  1.00 46.40  ? 50  LEU A CA  1 
ATOM   256  C C   . LEU A 1 58  ? 4.090   13.027  -6.292  1.00 43.71  ? 50  LEU A C   1 
ATOM   257  O O   . LEU A 1 58  ? 5.124   13.534  -5.848  1.00 49.30  ? 50  LEU A O   1 
ATOM   258  C CB  . LEU A 1 58  ? 4.265   10.537  -6.208  1.00 42.37  ? 50  LEU A CB  1 
ATOM   259  C CG  . LEU A 1 58  ? 3.851   9.179   -5.628  1.00 49.86  ? 50  LEU A CG  1 
ATOM   260  C CD1 . LEU A 1 58  ? 4.716   8.087   -6.228  1.00 46.95  ? 50  LEU A CD1 1 
ATOM   261  C CD2 . LEU A 1 58  ? 3.994   9.201   -4.105  1.00 52.05  ? 50  LEU A CD2 1 
ATOM   262  N N   . ASN A 1 59  ? 3.422   13.541  -7.314  1.00 55.90  ? 51  ASN A N   1 
ATOM   263  C CA  . ASN A 1 59  ? 3.900   14.747  -7.965  1.00 56.77  ? 51  ASN A CA  1 
ATOM   264  C C   . ASN A 1 59  ? 3.257   15.983  -7.357  1.00 62.99  ? 51  ASN A C   1 
ATOM   265  O O   . ASN A 1 59  ? 3.868   17.048  -7.293  1.00 71.41  ? 51  ASN A O   1 
ATOM   266  C CB  . ASN A 1 59  ? 3.600   14.680  -9.457  1.00 55.35  ? 51  ASN A CB  1 
ATOM   267  C CG  . ASN A 1 59  ? 4.809   15.008  -10.303 1.00 43.31  ? 51  ASN A CG  1 
ATOM   268  O OD1 . ASN A 1 59  ? 4.826   14.709  -11.482 1.00 44.58  ? 51  ASN A OD1 1 
ATOM   269  N ND2 . ASN A 1 59  ? 5.817   15.636  -9.708  1.00 70.05  ? 51  ASN A ND2 1 
ATOM   270  N N   . VAL A 1 60  ? 2.028   15.832  -6.883  1.00 67.79  ? 52  VAL A N   1 
ATOM   271  C CA  . VAL A 1 60  ? 1.311   16.944  -6.288  1.00 65.43  ? 52  VAL A CA  1 
ATOM   272  C C   . VAL A 1 60  ? 1.562   17.120  -4.792  1.00 66.71  ? 52  VAL A C   1 
ATOM   273  O O   . VAL A 1 60  ? 2.007   18.181  -4.362  1.00 73.01  ? 52  VAL A O   1 
ATOM   274  C CB  . VAL A 1 60  ? -0.205  16.806  -6.515  1.00 61.87  ? 52  VAL A CB  1 
ATOM   275  C CG1 . VAL A 1 60  ? -0.940  17.933  -5.811  1.00 64.73  ? 52  VAL A CG1 1 
ATOM   276  C CG2 . VAL A 1 60  ? -0.507  16.829  -8.004  1.00 53.94  ? 52  VAL A CG2 1 
ATOM   277  N N   . ASP A 1 61  ? 1.280   16.093  -3.998  1.00 62.54  ? 53  ASP A N   1 
ATOM   278  C CA  . ASP A 1 61  ? 1.463   16.204  -2.556  1.00 63.57  ? 53  ASP A CA  1 
ATOM   279  C C   . ASP A 1 61  ? 2.139   14.990  -1.917  1.00 66.31  ? 53  ASP A C   1 
ATOM   280  O O   . ASP A 1 61  ? 1.512   14.242  -1.165  1.00 61.87  ? 53  ASP A O   1 
ATOM   281  C CB  . ASP A 1 61  ? 0.109   16.431  -1.886  1.00 70.25  ? 53  ASP A CB  1 
ATOM   282  C CG  . ASP A 1 61  ? 0.244   16.828  -0.430  1.00 81.76  ? 53  ASP A CG  1 
ATOM   283  O OD1 . ASP A 1 61  ? -0.721  16.624  0.337   1.00 77.11  ? 53  ASP A OD1 1 
ATOM   284  O OD2 . ASP A 1 61  ? 1.316   17.353  -0.059  1.00 75.38  ? 53  ASP A OD2 1 
ATOM   285  N N   . PRO A 1 62  ? 3.436   14.792  -2.195  1.00 60.20  ? 54  PRO A N   1 
ATOM   286  C CA  . PRO A 1 62  ? 4.180   13.657  -1.638  1.00 54.08  ? 54  PRO A CA  1 
ATOM   287  C C   . PRO A 1 62  ? 4.374   13.725  -0.124  1.00 64.34  ? 54  PRO A C   1 
ATOM   288  O O   . PRO A 1 62  ? 4.231   12.721  0.577   1.00 59.25  ? 54  PRO A O   1 
ATOM   289  C CB  . PRO A 1 62  ? 5.505   13.718  -2.390  1.00 58.73  ? 54  PRO A CB  1 
ATOM   290  C CG  . PRO A 1 62  ? 5.681   15.193  -2.619  1.00 58.62  ? 54  PRO A CG  1 
ATOM   291  C CD  . PRO A 1 62  ? 4.300   15.613  -3.060  1.00 56.71  ? 54  PRO A CD  1 
ATOM   292  N N   . ASP A 1 63  ? 4.693   14.914  0.373   1.00 60.47  ? 55  ASP A N   1 
ATOM   293  C CA  . ASP A 1 63  ? 4.925   15.109  1.796   1.00 63.95  ? 55  ASP A CA  1 
ATOM   294  C C   . ASP A 1 63  ? 3.878   14.503  2.727   1.00 55.91  ? 55  ASP A C   1 
ATOM   295  O O   . ASP A 1 63  ? 4.177   14.221  3.879   1.00 64.13  ? 55  ASP A O   1 
ATOM   296  C CB  . ASP A 1 63  ? 5.093   16.602  2.095   1.00 63.66  ? 55  ASP A CB  1 
ATOM   297  C CG  . ASP A 1 63  ? 6.255   17.216  1.324   1.00 80.23  ? 55  ASP A CG  1 
ATOM   298  O OD1 . ASP A 1 63  ? 7.294   16.535  1.157   1.00 78.84  ? 55  ASP A OD1 1 
ATOM   299  O OD2 . ASP A 1 63  ? 6.135   18.382  0.891   1.00 83.94  ? 55  ASP A OD2 1 
ATOM   300  N N   . ASN A 1 64  ? 2.665   14.278  2.238   1.00 53.75  ? 56  ASN A N   1 
ATOM   301  C CA  . ASN A 1 64  ? 1.625   13.696  3.085   1.00 48.47  ? 56  ASN A CA  1 
ATOM   302  C C   . ASN A 1 64  ? 1.341   12.209  2.872   1.00 57.85  ? 56  ASN A C   1 
ATOM   303  O O   . ASN A 1 64  ? 0.382   11.669  3.432   1.00 55.22  ? 56  ASN A O   1 
ATOM   304  C CB  . ASN A 1 64  ? 0.323   14.492  2.949   1.00 63.32  ? 56  ASN A CB  1 
ATOM   305  C CG  . ASN A 1 64  ? 0.382   15.821  3.686   1.00 74.91  ? 56  ASN A CG  1 
ATOM   306  O OD1 . ASN A 1 64  ? 0.661   15.862  4.887   1.00 72.01  ? 56  ASN A OD1 1 
ATOM   307  N ND2 . ASN A 1 64  ? 0.126   16.914  2.971   1.00 63.02  ? 56  ASN A ND2 1 
ATOM   308  N N   . VAL A 1 65  ? 2.160   11.541  2.064   1.00 50.93  ? 57  VAL A N   1 
ATOM   309  C CA  . VAL A 1 65  ? 1.979   10.107  1.846   1.00 50.96  ? 57  VAL A CA  1 
ATOM   310  C C   . VAL A 1 65  ? 2.653   9.377   3.010   1.00 50.43  ? 57  VAL A C   1 
ATOM   311  O O   . VAL A 1 65  ? 3.786   9.694   3.365   1.00 60.22  ? 57  VAL A O   1 
ATOM   312  C CB  . VAL A 1 65  ? 2.638   9.640   0.534   1.00 52.68  ? 57  VAL A CB  1 
ATOM   313  C CG1 . VAL A 1 65  ? 2.404   8.152   0.350   1.00 44.18  ? 57  VAL A CG1 1 
ATOM   314  C CG2 . VAL A 1 65  ? 2.081   10.431  -0.647  1.00 47.14  ? 57  VAL A CG2 1 
ATOM   315  N N   . THR A 1 66  ? 1.970   8.398   3.598   1.00 60.87  ? 58  THR A N   1 
ATOM   316  C CA  . THR A 1 66  ? 2.547   7.675   4.731   1.00 59.26  ? 58  THR A CA  1 
ATOM   317  C C   . THR A 1 66  ? 2.735   6.178   4.528   1.00 65.14  ? 58  THR A C   1 
ATOM   318  O O   . THR A 1 66  ? 3.425   5.529   5.314   1.00 71.30  ? 58  THR A O   1 
ATOM   319  C CB  . THR A 1 66  ? 1.695   7.861   6.007   1.00 66.28  ? 58  THR A CB  1 
ATOM   320  O OG1 . THR A 1 66  ? 0.370   7.368   5.774   1.00 62.57  ? 58  THR A OG1 1 
ATOM   321  C CG2 . THR A 1 66  ? 1.626   9.328   6.392   1.00 76.63  ? 58  THR A CG2 1 
ATOM   322  N N   . PHE A 1 67  ? 2.127   5.620   3.488   1.00 62.05  ? 59  PHE A N   1 
ATOM   323  C CA  . PHE A 1 67  ? 2.253   4.187   3.249   1.00 57.31  ? 59  PHE A CA  1 
ATOM   324  C C   . PHE A 1 67  ? 1.929   3.820   1.797   1.00 47.60  ? 59  PHE A C   1 
ATOM   325  O O   . PHE A 1 67  ? 1.049   4.412   1.180   1.00 53.71  ? 59  PHE A O   1 
ATOM   326  C CB  . PHE A 1 67  ? 1.314   3.438   4.195   1.00 52.38  ? 59  PHE A CB  1 
ATOM   327  C CG  . PHE A 1 67  ? 1.624   1.982   4.330   1.00 50.73  ? 59  PHE A CG  1 
ATOM   328  C CD1 . PHE A 1 67  ? 2.633   1.552   5.186   1.00 52.71  ? 59  PHE A CD1 1 
ATOM   329  C CD2 . PHE A 1 67  ? 0.929   1.042   3.585   1.00 43.11  ? 59  PHE A CD2 1 
ATOM   330  C CE1 . PHE A 1 67  ? 2.945   0.204   5.299   1.00 49.87  ? 59  PHE A CE1 1 
ATOM   331  C CE2 . PHE A 1 67  ? 1.232   -0.319  3.687   1.00 47.09  ? 59  PHE A CE2 1 
ATOM   332  C CZ  . PHE A 1 67  ? 2.243   -0.738  4.547   1.00 52.81  ? 59  PHE A CZ  1 
ATOM   333  N N   . CYS A 1 68  ? 2.643   2.839   1.253   1.00 54.46  ? 60  CYS A N   1 
ATOM   334  C CA  . CYS A 1 68  ? 2.420   2.406   -0.124  1.00 44.38  ? 60  CYS A CA  1 
ATOM   335  C C   . CYS A 1 68  ? 2.294   0.895   -0.263  1.00 50.27  ? 60  CYS A C   1 
ATOM   336  O O   . CYS A 1 68  ? 3.074   0.130   0.317   1.00 46.05  ? 60  CYS A O   1 
ATOM   337  C CB  . CYS A 1 68  ? 3.559   2.887   -1.027  1.00 45.04  ? 60  CYS A CB  1 
ATOM   338  S SG  . CYS A 1 68  ? 3.416   2.323   -2.756  1.00 45.03  ? 60  CYS A SG  1 
ATOM   339  N N   . VAL A 1 69  ? 1.310   0.472   -1.046  1.00 45.43  ? 61  VAL A N   1 
ATOM   340  C CA  . VAL A 1 69  ? 1.082   -0.940  -1.295  1.00 44.62  ? 61  VAL A CA  1 
ATOM   341  C C   . VAL A 1 69  ? 1.088   -1.182  -2.793  1.00 50.67  ? 61  VAL A C   1 
ATOM   342  O O   . VAL A 1 69  ? 0.354   -0.522  -3.532  1.00 47.49  ? 61  VAL A O   1 
ATOM   343  C CB  . VAL A 1 69  ? -0.292  -1.405  -0.755  1.00 42.21  ? 61  VAL A CB  1 
ATOM   344  C CG1 . VAL A 1 69  ? -0.543  -2.860  -1.143  1.00 39.12  ? 61  VAL A CG1 1 
ATOM   345  C CG2 . VAL A 1 69  ? -0.340  -1.234  0.750   1.00 40.29  ? 61  VAL A CG2 1 
ATOM   346  N N   . LEU A 1 70  ? 1.928   -2.115  -3.232  1.00 40.70  ? 62  LEU A N   1 
ATOM   347  C CA  . LEU A 1 70  ? 2.007   -2.490  -4.638  1.00 41.36  ? 62  LEU A CA  1 
ATOM   348  C C   . LEU A 1 70  ? 1.335   -3.856  -4.695  1.00 44.13  ? 62  LEU A C   1 
ATOM   349  O O   . LEU A 1 70  ? 1.527   -4.687  -3.805  1.00 47.32  ? 62  LEU A O   1 
ATOM   350  C CB  . LEU A 1 70  ? 3.465   -2.589  -5.099  1.00 38.91  ? 62  LEU A CB  1 
ATOM   351  C CG  . LEU A 1 70  ? 4.328   -1.323  -5.001  1.00 37.48  ? 62  LEU A CG  1 
ATOM   352  C CD1 . LEU A 1 70  ? 5.710   -1.624  -5.554  1.00 31.69  ? 62  LEU A CD1 1 
ATOM   353  C CD2 . LEU A 1 70  ? 3.677   -0.174  -5.792  1.00 40.58  ? 62  LEU A CD2 1 
ATOM   354  N N   . ALA A 1 71  ? 0.524   -4.084  -5.720  1.00 42.05  ? 63  ALA A N   1 
ATOM   355  C CA  . ALA A 1 71  ? -0.180  -5.350  -5.837  1.00 47.55  ? 63  ALA A CA  1 
ATOM   356  C C   . ALA A 1 71  ? -0.229  -5.800  -7.281  1.00 49.46  ? 63  ALA A C   1 
ATOM   357  O O   . ALA A 1 71  ? -0.427  -4.993  -8.195  1.00 55.54  ? 63  ALA A O   1 
ATOM   358  C CB  . ALA A 1 71  ? -1.588  -5.216  -5.278  1.00 41.67  ? 63  ALA A CB  1 
ATOM   359  N N   . ALA A 1 72  ? -0.048  -7.102  -7.476  1.00 50.08  ? 64  ALA A N   1 
ATOM   360  C CA  . ALA A 1 72  ? -0.054  -7.696  -8.807  1.00 51.19  ? 64  ALA A CA  1 
ATOM   361  C C   . ALA A 1 72  ? -0.290  -9.185  -8.661  1.00 56.08  ? 64  ALA A C   1 
ATOM   362  O O   . ALA A 1 72  ? -0.100  -9.744  -7.583  1.00 62.24  ? 64  ALA A O   1 
ATOM   363  C CB  . ALA A 1 72  ? 1.276   -7.446  -9.496  1.00 44.68  ? 64  ALA A CB  1 
ATOM   364  N N   . GLY A 1 73  ? -0.715  -9.822  -9.743  1.00 58.73  ? 65  GLY A N   1 
ATOM   365  C CA  . GLY A 1 73  ? -0.958  -11.248 -9.703  1.00 59.23  ? 65  GLY A CA  1 
ATOM   366  C C   . GLY A 1 73  ? -0.513  -11.924 -10.979 1.00 65.25  ? 65  GLY A C   1 
ATOM   367  O O   . GLY A 1 73  ? 0.045   -11.280 -11.870 1.00 64.40  ? 65  GLY A O   1 
ATOM   368  N N   . GLU A 1 74  ? -0.763  -13.227 -11.069 1.00 70.96  ? 66  GLU A N   1 
ATOM   369  C CA  . GLU A 1 74  ? -0.389  -14.010 -12.240 1.00 76.86  ? 66  GLU A CA  1 
ATOM   370  C C   . GLU A 1 74  ? -0.892  -13.378 -13.528 1.00 72.53  ? 66  GLU A C   1 
ATOM   371  O O   . GLU A 1 74  ? -0.287  -13.538 -14.580 1.00 71.62  ? 66  GLU A O   1 
ATOM   372  C CB  . GLU A 1 74  ? -0.954  -15.428 -12.129 1.00 88.78  ? 66  GLU A CB  1 
ATOM   373  C CG  . GLU A 1 74  ? -0.460  -16.211 -10.928 1.00 106.27 ? 66  GLU A CG  1 
ATOM   374  C CD  . GLU A 1 74  ? -1.125  -17.568 -10.812 1.00 113.89 ? 66  GLU A CD  1 
ATOM   375  O OE1 . GLU A 1 74  ? -0.794  -18.314 -9.863  1.00 118.01 ? 66  GLU A OE1 1 
ATOM   376  O OE2 . GLU A 1 74  ? -1.978  -17.889 -11.669 1.00 116.31 ? 66  GLU A OE2 1 
ATOM   377  N N   . GLU A 1 75  ? -2.007  -12.665 -13.444 1.00 73.82  ? 67  GLU A N   1 
ATOM   378  C CA  . GLU A 1 75  ? -2.584  -12.030 -14.617 1.00 78.54  ? 67  GLU A CA  1 
ATOM   379  C C   . GLU A 1 75  ? -1.756  -10.828 -15.088 1.00 77.27  ? 67  GLU A C   1 
ATOM   380  O O   . GLU A 1 75  ? -1.981  -10.294 -16.175 1.00 75.12  ? 67  GLU A O   1 
ATOM   381  C CB  . GLU A 1 75  ? -4.018  -11.594 -14.307 1.00 86.53  ? 67  GLU A CB  1 
ATOM   382  C CG  . GLU A 1 75  ? -4.915  -11.463 -15.531 1.00 105.77 ? 67  GLU A CG  1 
ATOM   383  C CD  . GLU A 1 75  ? -5.090  -12.779 -16.277 1.00 112.41 ? 67  GLU A CD  1 
ATOM   384  O OE1 . GLU A 1 75  ? -4.120  -13.245 -16.915 1.00 110.39 ? 67  GLU A OE1 1 
ATOM   385  O OE2 . GLU A 1 75  ? -6.201  -13.351 -16.223 1.00 113.98 ? 67  GLU A OE2 1 
ATOM   386  N N   . ASP A 1 76  ? -0.792  -10.410 -14.272 1.00 68.14  ? 68  ASP A N   1 
ATOM   387  C CA  . ASP A 1 76  ? 0.052   -9.271  -14.609 1.00 65.68  ? 68  ASP A CA  1 
ATOM   388  C C   . ASP A 1 76  ? 1.426   -9.663  -15.131 1.00 69.10  ? 68  ASP A C   1 
ATOM   389  O O   . ASP A 1 76  ? 2.155   -8.819  -15.656 1.00 66.00  ? 68  ASP A O   1 
ATOM   390  C CB  . ASP A 1 76  ? 0.235   -8.367  -13.390 1.00 53.23  ? 68  ASP A CB  1 
ATOM   391  C CG  . ASP A 1 76  ? -1.055  -7.751  -12.929 1.00 55.23  ? 68  ASP A CG  1 
ATOM   392  O OD1 . ASP A 1 76  ? -1.695  -7.056  -13.743 1.00 53.77  ? 68  ASP A OD1 1 
ATOM   393  O OD2 . ASP A 1 76  ? -1.426  -7.959  -11.754 1.00 54.92  ? 68  ASP A OD2 1 
ATOM   394  N N   . GLU A 1 77  ? 1.798   -10.931 -14.978 1.00 70.84  ? 69  GLU A N   1 
ATOM   395  C CA  . GLU A 1 77  ? 3.103   -11.370 -15.454 1.00 77.83  ? 69  GLU A CA  1 
ATOM   396  C C   . GLU A 1 77  ? 3.217   -11.076 -16.946 1.00 68.73  ? 69  GLU A C   1 
ATOM   397  O O   . GLU A 1 77  ? 2.303   -11.361 -17.723 1.00 69.36  ? 69  GLU A O   1 
ATOM   398  C CB  . GLU A 1 77  ? 3.308   -12.860 -15.168 1.00 89.09  ? 69  GLU A CB  1 
ATOM   399  C CG  . GLU A 1 77  ? 2.250   -13.776 -15.738 1.00 102.17 ? 69  GLU A CG  1 
ATOM   400  C CD  . GLU A 1 77  ? 2.444   -15.215 -15.303 1.00 108.76 ? 69  GLU A CD  1 
ATOM   401  O OE1 . GLU A 1 77  ? 2.435   -15.473 -14.079 1.00 107.27 ? 69  GLU A OE1 1 
ATOM   402  O OE2 . GLU A 1 77  ? 2.608   -16.088 -16.184 1.00 113.51 ? 69  GLU A OE2 1 
ATOM   403  N N   . GLY A 1 78  ? 4.342   -10.483 -17.337 1.00 61.57  ? 70  GLY A N   1 
ATOM   404  C CA  . GLY A 1 78  ? 4.538   -10.126 -18.728 1.00 65.65  ? 70  GLY A CA  1 
ATOM   405  C C   . GLY A 1 78  ? 4.175   -8.670  -19.002 1.00 63.01  ? 70  GLY A C   1 
ATOM   406  O O   . GLY A 1 78  ? 4.226   -8.221  -20.150 1.00 64.39  ? 70  GLY A O   1 
ATOM   407  N N   . ASP A 1 79  ? 3.794   -7.934  -17.956 1.00 58.99  ? 71  ASP A N   1 
ATOM   408  C CA  . ASP A 1 79  ? 3.437   -6.516  -18.101 1.00 50.23  ? 71  ASP A CA  1 
ATOM   409  C C   . ASP A 1 79  ? 4.693   -5.712  -17.811 1.00 40.08  ? 71  ASP A C   1 
ATOM   410  O O   . ASP A 1 79  ? 5.016   -5.440  -16.666 1.00 44.16  ? 71  ASP A O   1 
ATOM   411  C CB  . ASP A 1 79  ? 2.327   -6.134  -17.114 1.00 49.65  ? 71  ASP A CB  1 
ATOM   412  C CG  . ASP A 1 79  ? 1.661   -4.809  -17.464 1.00 53.29  ? 71  ASP A CG  1 
ATOM   413  O OD1 . ASP A 1 79  ? 0.554   -4.547  -16.956 1.00 53.43  ? 71  ASP A OD1 1 
ATOM   414  O OD2 . ASP A 1 79  ? 2.242   -4.028  -18.243 1.00 48.90  ? 71  ASP A OD2 1 
ATOM   415  N N   . ILE A 1 80  ? 5.407   -5.357  -18.869 1.00 37.12  ? 72  ILE A N   1 
ATOM   416  C CA  . ILE A 1 80  ? 6.651   -4.608  -18.772 1.00 42.92  ? 72  ILE A CA  1 
ATOM   417  C C   . ILE A 1 80  ? 6.470   -3.224  -18.174 1.00 47.01  ? 72  ILE A C   1 
ATOM   418  O O   . ILE A 1 80  ? 7.166   -2.852  -17.222 1.00 45.55  ? 72  ILE A O   1 
ATOM   419  C CB  . ILE A 1 80  ? 7.279   -4.458  -20.168 1.00 41.91  ? 72  ILE A CB  1 
ATOM   420  C CG1 . ILE A 1 80  ? 7.438   -5.839  -20.793 1.00 57.30  ? 72  ILE A CG1 1 
ATOM   421  C CG2 . ILE A 1 80  ? 8.630   -3.745  -20.079 1.00 54.44  ? 72  ILE A CG2 1 
ATOM   422  C CD1 . ILE A 1 80  ? 8.341   -6.751  -20.008 1.00 70.74  ? 72  ILE A CD1 1 
ATOM   423  N N   . ALA A 1 81  ? 5.536   -2.467  -18.744 1.00 43.63  ? 73  ALA A N   1 
ATOM   424  C CA  . ALA A 1 81  ? 5.259   -1.106  -18.289 1.00 40.30  ? 73  ALA A CA  1 
ATOM   425  C C   . ALA A 1 81  ? 4.964   -1.097  -16.801 1.00 34.81  ? 73  ALA A C   1 
ATOM   426  O O   . ALA A 1 81  ? 5.453   -0.240  -16.074 1.00 35.06  ? 73  ALA A O   1 
ATOM   427  C CB  . ALA A 1 81  ? 4.051   -0.511  -19.075 1.00 30.64  ? 73  ALA A CB  1 
ATOM   428  N N   . LEU A 1 82  ? 4.157   -2.054  -16.357 1.00 40.13  ? 74  LEU A N   1 
ATOM   429  C CA  . LEU A 1 82  ? 3.797   -2.148  -14.945 1.00 43.65  ? 74  LEU A CA  1 
ATOM   430  C C   . LEU A 1 82  ? 5.018   -2.358  -14.045 1.00 47.19  ? 74  LEU A C   1 
ATOM   431  O O   . LEU A 1 82  ? 5.137   -1.711  -12.999 1.00 45.79  ? 74  LEU A O   1 
ATOM   432  C CB  . LEU A 1 82  ? 2.790   -3.280  -14.735 1.00 35.43  ? 74  LEU A CB  1 
ATOM   433  C CG  . LEU A 1 82  ? 2.346   -3.511  -13.290 1.00 37.53  ? 74  LEU A CG  1 
ATOM   434  C CD1 . LEU A 1 82  ? 1.693   -2.230  -12.702 1.00 36.60  ? 74  LEU A CD1 1 
ATOM   435  C CD2 . LEU A 1 82  ? 1.359   -4.682  -13.266 1.00 43.95  ? 74  LEU A CD2 1 
ATOM   436  N N   . GLN A 1 83  ? 5.929   -3.246  -14.446 1.00 42.65  ? 75  GLN A N   1 
ATOM   437  C CA  . GLN A 1 83  ? 7.122   -3.497  -13.624 1.00 39.89  ? 75  GLN A CA  1 
ATOM   438  C C   . GLN A 1 83  ? 7.969   -2.230  -13.556 1.00 31.23  ? 75  GLN A C   1 
ATOM   439  O O   . GLN A 1 83  ? 8.561   -1.922  -12.520 1.00 32.44  ? 75  GLN A O   1 
ATOM   440  C CB  . GLN A 1 83  ? 7.956   -4.666  -14.189 1.00 42.52  ? 75  GLN A CB  1 
ATOM   441  C CG  . GLN A 1 83  ? 7.283   -6.049  -14.069 1.00 47.20  ? 75  GLN A CG  1 
ATOM   442  C CD  . GLN A 1 83  ? 7.052   -6.494  -12.610 1.00 55.66  ? 75  GLN A CD  1 
ATOM   443  O OE1 . GLN A 1 83  ? 7.929   -6.350  -11.748 1.00 50.67  ? 75  GLN A OE1 1 
ATOM   444  N NE2 . GLN A 1 83  ? 5.876   -7.052  -12.339 1.00 47.85  ? 75  GLN A NE2 1 
ATOM   445  N N   . ILE A 1 84  ? 8.040   -1.484  -14.657 1.00 37.29  ? 76  ILE A N   1 
ATOM   446  C CA  . ILE A 1 84  ? 8.813   -0.249  -14.617 1.00 43.39  ? 76  ILE A CA  1 
ATOM   447  C C   . ILE A 1 84  ? 8.153   0.691   -13.605 1.00 46.01  ? 76  ILE A C   1 
ATOM   448  O O   . ILE A 1 84  ? 8.837   1.375   -12.845 1.00 42.28  ? 76  ILE A O   1 
ATOM   449  C CB  . ILE A 1 84  ? 8.892   0.422   -15.992 1.00 40.21  ? 76  ILE A CB  1 
ATOM   450  C CG1 . ILE A 1 84  ? 9.760   -0.438  -16.930 1.00 36.74  ? 76  ILE A CG1 1 
ATOM   451  C CG2 . ILE A 1 84  ? 9.479   1.840   -15.845 1.00 37.23  ? 76  ILE A CG2 1 
ATOM   452  C CD1 . ILE A 1 84  ? 9.853   0.058   -18.353 1.00 70.74  ? 76  ILE A CD1 1 
ATOM   453  N N   . HIS A 1 85  ? 6.820   0.692   -13.576 1.00 41.97  ? 77  HIS A N   1 
ATOM   454  C CA  . HIS A 1 85  ? 6.079   1.518   -12.626 1.00 42.14  ? 77  HIS A CA  1 
ATOM   455  C C   . HIS A 1 85  ? 6.450   1.116   -11.200 1.00 44.24  ? 77  HIS A C   1 
ATOM   456  O O   . HIS A 1 85  ? 6.721   1.979   -10.365 1.00 40.44  ? 77  HIS A O   1 
ATOM   457  C CB  . HIS A 1 85  ? 4.565   1.363   -12.847 1.00 35.95  ? 77  HIS A CB  1 
ATOM   458  C CG  . HIS A 1 85  ? 4.088   1.921   -14.153 1.00 36.60  ? 77  HIS A CG  1 
ATOM   459  N ND1 . HIS A 1 85  ? 2.889   1.554   -14.727 1.00 39.82  ? 77  HIS A ND1 1 
ATOM   460  C CD2 . HIS A 1 85  ? 4.646   2.828   -14.993 1.00 33.29  ? 77  HIS A CD2 1 
ATOM   461  C CE1 . HIS A 1 85  ? 2.729   2.207   -15.864 1.00 31.23  ? 77  HIS A CE1 1 
ATOM   462  N NE2 . HIS A 1 85  ? 3.780   2.988   -16.048 1.00 40.06  ? 77  HIS A NE2 1 
ATOM   463  N N   . PHE A 1 86  ? 6.465   -0.192  -10.925 1.00 40.76  ? 78  PHE A N   1 
ATOM   464  C CA  . PHE A 1 86  ? 6.835   -0.695  -9.594  1.00 38.99  ? 78  PHE A CA  1 
ATOM   465  C C   . PHE A 1 86  ? 8.270   -0.249  -9.222  1.00 32.36  ? 78  PHE A C   1 
ATOM   466  O O   . PHE A 1 86  ? 8.533   0.188   -8.109  1.00 33.26  ? 78  PHE A O   1 
ATOM   467  C CB  . PHE A 1 86  ? 6.745   -2.225  -9.549  1.00 41.56  ? 78  PHE A CB  1 
ATOM   468  C CG  . PHE A 1 86  ? 5.329   -2.771  -9.574  1.00 33.10  ? 78  PHE A CG  1 
ATOM   469  C CD1 . PHE A 1 86  ? 4.269   -2.044  -9.042  1.00 37.46  ? 78  PHE A CD1 1 
ATOM   470  C CD2 . PHE A 1 86  ? 5.073   -4.036  -10.088 1.00 39.77  ? 78  PHE A CD2 1 
ATOM   471  C CE1 . PHE A 1 86  ? 2.970   -2.573  -9.022  1.00 36.52  ? 78  PHE A CE1 1 
ATOM   472  C CE2 . PHE A 1 86  ? 3.790   -4.574  -10.072 1.00 43.38  ? 78  PHE A CE2 1 
ATOM   473  C CZ  . PHE A 1 86  ? 2.735   -3.839  -9.537  1.00 43.95  ? 78  PHE A CZ  1 
ATOM   474  N N   . THR A 1 87  ? 9.188   -0.335  -10.172 1.00 31.65  ? 79  THR A N   1 
ATOM   475  C CA  . THR A 1 87  ? 10.565  0.077   -9.946  1.00 36.24  ? 79  THR A CA  1 
ATOM   476  C C   . THR A 1 87  ? 10.642  1.575   -9.620  1.00 40.33  ? 79  THR A C   1 
ATOM   477  O O   . THR A 1 87  ? 11.367  1.995   -8.712  1.00 45.13  ? 79  THR A O   1 
ATOM   478  C CB  . THR A 1 87  ? 11.418  -0.213  -11.199 1.00 34.11  ? 79  THR A CB  1 
ATOM   479  O OG1 . THR A 1 87  ? 11.247  -1.588  -11.575 1.00 39.61  ? 79  THR A OG1 1 
ATOM   480  C CG2 . THR A 1 87  ? 12.892  0.063   -10.932 1.00 32.65  ? 79  THR A CG2 1 
ATOM   481  N N   . LEU A 1 88  ? 9.892   2.385   -10.360 1.00 42.62  ? 80  LEU A N   1 
ATOM   482  C CA  . LEU A 1 88  ? 9.897   3.825   -10.127 1.00 40.07  ? 80  LEU A CA  1 
ATOM   483  C C   . LEU A 1 88  ? 9.213   4.177   -8.807  1.00 25.37  ? 80  LEU A C   1 
ATOM   484  O O   . LEU A 1 88  ? 9.727   4.994   -8.042  1.00 46.88  ? 80  LEU A O   1 
ATOM   485  C CB  . LEU A 1 88  ? 9.217   4.540   -11.289 1.00 36.71  ? 80  LEU A CB  1 
ATOM   486  C CG  . LEU A 1 88  ? 10.013  4.450   -12.593 1.00 37.78  ? 80  LEU A CG  1 
ATOM   487  C CD1 . LEU A 1 88  ? 9.146   4.888   -13.766 1.00 30.90  ? 80  LEU A CD1 1 
ATOM   488  C CD2 . LEU A 1 88  ? 11.272  5.325   -12.488 1.00 36.11  ? 80  LEU A CD2 1 
ATOM   489  N N   . ILE A 1 89  ? 8.063   3.556   -8.535  1.00 33.28  ? 81  ILE A N   1 
ATOM   490  C CA  . ILE A 1 89  ? 7.335   3.804   -7.288  1.00 36.51  ? 81  ILE A CA  1 
ATOM   491  C C   . ILE A 1 89  ? 8.224   3.390   -6.102  1.00 44.74  ? 81  ILE A C   1 
ATOM   492  O O   . ILE A 1 89  ? 8.319   4.102   -5.092  1.00 47.48  ? 81  ILE A O   1 
ATOM   493  C CB  . ILE A 1 89  ? 5.995   2.985   -7.207  1.00 37.75  ? 81  ILE A CB  1 
ATOM   494  C CG1 . ILE A 1 89  ? 5.007   3.403   -8.317  1.00 37.37  ? 81  ILE A CG1 1 
ATOM   495  C CG2 . ILE A 1 89  ? 5.327   3.216   -5.844  1.00 28.48  ? 81  ILE A CG2 1 
ATOM   496  C CD1 . ILE A 1 89  ? 4.487   4.795   -8.173  1.00 70.74  ? 81  ILE A CD1 1 
ATOM   497  N N   . GLN A 1 90  ? 8.870   2.232   -6.219  1.00 47.79  ? 82  GLN A N   1 
ATOM   498  C CA  . GLN A 1 90  ? 9.747   1.768   -5.152  1.00 41.95  ? 82  GLN A CA  1 
ATOM   499  C C   . GLN A 1 90  ? 10.923  2.739   -4.966  1.00 39.11  ? 82  GLN A C   1 
ATOM   500  O O   . GLN A 1 90  ? 11.292  3.064   -3.843  1.00 42.54  ? 82  GLN A O   1 
ATOM   501  C CB  . GLN A 1 90  ? 10.291  0.357   -5.443  1.00 40.50  ? 82  GLN A CB  1 
ATOM   502  C CG  . GLN A 1 90  ? 11.395  -0.028  -4.452  1.00 41.30  ? 82  GLN A CG  1 
ATOM   503  C CD  . GLN A 1 90  ? 11.993  -1.414  -4.662  1.00 44.57  ? 82  GLN A CD  1 
ATOM   504  O OE1 . GLN A 1 90  ? 12.998  -1.756  -4.032  1.00 44.33  ? 82  GLN A OE1 1 
ATOM   505  N NE2 . GLN A 1 90  ? 11.387  -2.214  -5.530  1.00 38.04  ? 82  GLN A NE2 1 
ATOM   506  N N   . ALA A 1 91  ? 11.522  3.198   -6.058  1.00 37.00  ? 83  ALA A N   1 
ATOM   507  C CA  . ALA A 1 91  ? 12.641  4.128   -5.916  1.00 33.73  ? 83  ALA A CA  1 
ATOM   508  C C   . ALA A 1 91  ? 12.187  5.391   -5.196  1.00 47.52  ? 83  ALA A C   1 
ATOM   509  O O   . ALA A 1 91  ? 12.915  5.924   -4.356  1.00 47.42  ? 83  ALA A O   1 
ATOM   510  C CB  . ALA A 1 91  ? 13.233  4.489   -7.288  1.00 34.68  ? 83  ALA A CB  1 
ATOM   511  N N   . PHE A 1 92  ? 10.987  5.872   -5.517  1.00 42.27  ? 84  PHE A N   1 
ATOM   512  C CA  . PHE A 1 92  ? 10.479  7.077   -4.874  1.00 45.64  ? 84  PHE A CA  1 
ATOM   513  C C   . PHE A 1 92  ? 10.213  6.877   -3.383  1.00 34.90  ? 84  PHE A C   1 
ATOM   514  O O   . PHE A 1 92  ? 10.690  7.642   -2.560  1.00 42.14  ? 84  PHE A O   1 
ATOM   515  C CB  . PHE A 1 92  ? 9.180   7.554   -5.541  1.00 37.44  ? 84  PHE A CB  1 
ATOM   516  C CG  . PHE A 1 92  ? 8.670   8.863   -4.997  1.00 44.71  ? 84  PHE A CG  1 
ATOM   517  C CD1 . PHE A 1 92  ? 9.016   10.070  -5.607  1.00 39.11  ? 84  PHE A CD1 1 
ATOM   518  C CD2 . PHE A 1 92  ? 7.890   8.896   -3.839  1.00 35.96  ? 84  PHE A CD2 1 
ATOM   519  C CE1 . PHE A 1 92  ? 8.592   11.291  -5.068  1.00 46.03  ? 84  PHE A CE1 1 
ATOM   520  C CE2 . PHE A 1 92  ? 7.460   10.113  -3.288  1.00 46.05  ? 84  PHE A CE2 1 
ATOM   521  C CZ  . PHE A 1 92  ? 7.814   11.311  -3.903  1.00 43.90  ? 84  PHE A CZ  1 
ATOM   522  N N   . CYS A 1 93  ? 9.429   5.860   -3.042  1.00 44.00  ? 85  CYS A N   1 
ATOM   523  C CA  . CYS A 1 93  ? 9.088   5.601   -1.645  1.00 46.25  ? 85  CYS A CA  1 
ATOM   524  C C   . CYS A 1 93  ? 10.313  5.400   -0.769  1.00 47.90  ? 85  CYS A C   1 
ATOM   525  O O   . CYS A 1 93  ? 10.379  5.887   0.359   1.00 49.14  ? 85  CYS A O   1 
ATOM   526  C CB  . CYS A 1 93  ? 8.194   4.370   -1.533  1.00 43.39  ? 85  CYS A CB  1 
ATOM   527  S SG  . CYS A 1 93  ? 6.525   4.609   -2.114  1.00 48.85  ? 85  CYS A SG  1 
ATOM   528  N N   . CYS A 1 94  ? 11.286  4.675   -1.292  1.00 42.78  ? 86  CYS A N   1 
ATOM   529  C CA  . CYS A 1 94  ? 12.488  4.417   -0.532  1.00 56.80  ? 86  CYS A CA  1 
ATOM   530  C C   . CYS A 1 94  ? 13.305  5.692   -0.304  1.00 56.46  ? 86  CYS A C   1 
ATOM   531  O O   . CYS A 1 94  ? 13.720  5.966   0.820   1.00 64.64  ? 86  CYS A O   1 
ATOM   532  C CB  . CYS A 1 94  ? 13.292  3.309   -1.223  1.00 59.96  ? 86  CYS A CB  1 
ATOM   533  S SG  . CYS A 1 94  ? 12.413  1.670   -1.217  1.00 62.79  ? 86  CYS A SG  1 
ATOM   534  N N   . GLU A 1 95  ? 13.512  6.488   -1.348  1.00 56.61  ? 87  GLU A N   1 
ATOM   535  C CA  . GLU A 1 95  ? 14.264  7.731   -1.195  1.00 50.98  ? 87  GLU A CA  1 
ATOM   536  C C   . GLU A 1 95  ? 13.518  8.723   -0.300  1.00 58.77  ? 87  GLU A C   1 
ATOM   537  O O   . GLU A 1 95  ? 14.119  9.621   0.287   1.00 60.55  ? 87  GLU A O   1 
ATOM   538  C CB  . GLU A 1 95  ? 14.515  8.387   -2.555  1.00 48.35  ? 87  GLU A CB  1 
ATOM   539  C CG  . GLU A 1 95  ? 15.748  7.895   -3.287  1.00 73.00  ? 87  GLU A CG  1 
ATOM   540  C CD  . GLU A 1 95  ? 17.036  8.307   -2.601  1.00 75.73  ? 87  GLU A CD  1 
ATOM   541  O OE1 . GLU A 1 95  ? 17.271  7.854   -1.468  1.00 79.08  ? 87  GLU A OE1 1 
ATOM   542  O OE2 . GLU A 1 95  ? 17.813  9.088   -3.190  1.00 99.13  ? 87  GLU A OE2 1 
ATOM   543  N N   . ASN A 1 96  ? 12.206  8.564   -0.191  1.00 55.68  ? 88  ASN A N   1 
ATOM   544  C CA  . ASN A 1 96  ? 11.417  9.477   0.630   1.00 55.72  ? 88  ASN A CA  1 
ATOM   545  C C   . ASN A 1 96  ? 11.013  8.908   1.969   1.00 56.44  ? 88  ASN A C   1 
ATOM   546  O O   . ASN A 1 96  ? 10.215  9.511   2.684   1.00 54.13  ? 88  ASN A O   1 
ATOM   547  C CB  . ASN A 1 96  ? 10.168  9.911   -0.125  1.00 63.28  ? 88  ASN A CB  1 
ATOM   548  C CG  . ASN A 1 96  ? 10.361  11.221  -0.842  1.00 67.78  ? 88  ASN A CG  1 
ATOM   549  O OD1 . ASN A 1 96  ? 11.270  11.367  -1.660  1.00 62.08  ? 88  ASN A OD1 1 
ATOM   550  N ND2 . ASN A 1 96  ? 9.506   12.191  -0.536  1.00 60.80  ? 88  ASN A ND2 1 
ATOM   551  N N   . ASP A 1 97  ? 11.557  7.744   2.306   1.00 57.20  ? 89  ASP A N   1 
ATOM   552  C CA  . ASP A 1 97  ? 11.246  7.104   3.574   1.00 53.23  ? 89  ASP A CA  1 
ATOM   553  C C   . ASP A 1 97  ? 9.768   6.804   3.700   1.00 50.62  ? 89  ASP A C   1 
ATOM   554  O O   . ASP A 1 97  ? 9.175   6.983   4.765   1.00 53.22  ? 89  ASP A O   1 
ATOM   555  C CB  . ASP A 1 97  ? 11.691  7.988   4.740   1.00 62.04  ? 89  ASP A CB  1 
ATOM   556  C CG  . ASP A 1 97  ? 13.178  8.248   4.726   1.00 64.08  ? 89  ASP A CG  1 
ATOM   557  O OD1 . ASP A 1 97  ? 13.947  7.264   4.685   1.00 73.21  ? 89  ASP A OD1 1 
ATOM   558  O OD2 . ASP A 1 97  ? 13.579  9.431   4.749   1.00 82.48  ? 89  ASP A OD2 1 
ATOM   559  N N   . ILE A 1 98  ? 9.166   6.367   2.600   1.00 49.14  ? 90  ILE A N   1 
ATOM   560  C CA  . ILE A 1 98  ? 7.763   6.003   2.635   1.00 46.22  ? 90  ILE A CA  1 
ATOM   561  C C   . ILE A 1 98  ? 7.752   4.489   2.794   1.00 50.70  ? 90  ILE A C   1 
ATOM   562  O O   . ILE A 1 98  ? 8.384   3.782   2.016   1.00 51.09  ? 90  ILE A O   1 
ATOM   563  C CB  . ILE A 1 98  ? 7.024   6.318   1.316   1.00 53.06  ? 90  ILE A CB  1 
ATOM   564  C CG1 . ILE A 1 98  ? 7.129   7.806   0.963   1.00 58.93  ? 90  ILE A CG1 1 
ATOM   565  C CG2 . ILE A 1 98  ? 5.567   5.874   1.448   1.00 42.74  ? 90  ILE A CG2 1 
ATOM   566  C CD1 . ILE A 1 98  ? 6.379   8.711   1.881   1.00 70.74  ? 90  ILE A CD1 1 
ATOM   567  N N   . ASP A 1 99  ? 7.044   3.995   3.801   1.00 48.66  ? 91  ASP A N   1 
ATOM   568  C CA  . ASP A 1 99  ? 6.952   2.563   4.016   1.00 50.28  ? 91  ASP A CA  1 
ATOM   569  C C   . ASP A 1 99  ? 6.200   1.954   2.834   1.00 49.15  ? 91  ASP A C   1 
ATOM   570  O O   . ASP A 1 99  ? 5.139   2.437   2.446   1.00 47.99  ? 91  ASP A O   1 
ATOM   571  C CB  . ASP A 1 99  ? 6.226   2.281   5.333   1.00 57.26  ? 91  ASP A CB  1 
ATOM   572  C CG  . ASP A 1 99  ? 7.100   2.556   6.539   1.00 58.42  ? 91  ASP A CG  1 
ATOM   573  O OD1 . ASP A 1 99  ? 6.570   2.609   7.668   1.00 68.57  ? 91  ASP A OD1 1 
ATOM   574  O OD2 . ASP A 1 99  ? 8.327   2.713   6.351   1.00 57.56  ? 91  ASP A OD2 1 
ATOM   575  N N   . ILE A 1 100 ? 6.753   0.888   2.267   1.00 42.91  ? 92  ILE A N   1 
ATOM   576  C CA  . ILE A 1 100 ? 6.143   0.253   1.113   1.00 41.65  ? 92  ILE A CA  1 
ATOM   577  C C   . ILE A 1 100 ? 6.141   -1.271  1.217   1.00 38.15  ? 92  ILE A C   1 
ATOM   578  O O   . ILE A 1 100 ? 7.147   -1.890  1.565   1.00 48.21  ? 92  ILE A O   1 
ATOM   579  C CB  . ILE A 1 100 ? 6.879   0.704   -0.177  1.00 47.22  ? 92  ILE A CB  1 
ATOM   580  C CG1 . ILE A 1 100 ? 6.215   0.097   -1.416  1.00 38.22  ? 92  ILE A CG1 1 
ATOM   581  C CG2 . ILE A 1 100 ? 8.371   0.345   -0.076  1.00 35.71  ? 92  ILE A CG2 1 
ATOM   582  C CD1 . ILE A 1 100 ? 6.810   0.575   -2.722  1.00 70.74  ? 92  ILE A CD1 1 
ATOM   583  N N   . VAL A 1 101 ? 4.994   -1.871  0.920   1.00 43.17  ? 93  VAL A N   1 
ATOM   584  C CA  . VAL A 1 101 ? 4.856   -3.316  0.969   1.00 37.30  ? 93  VAL A CA  1 
ATOM   585  C C   . VAL A 1 101 ? 4.187   -3.815  -0.299  1.00 43.59  ? 93  VAL A C   1 
ATOM   586  O O   . VAL A 1 101 ? 3.725   -3.022  -1.126  1.00 40.66  ? 93  VAL A O   1 
ATOM   587  C CB  . VAL A 1 101 ? 4.015   -3.735  2.187   1.00 44.31  ? 93  VAL A CB  1 
ATOM   588  C CG1 . VAL A 1 101 ? 4.574   -3.062  3.442   1.00 38.41  ? 93  VAL A CG1 1 
ATOM   589  C CG2 . VAL A 1 101 ? 2.562   -3.353  1.979   1.00 47.08  ? 93  VAL A CG2 1 
ATOM   590  N N   . ARG A 1 102 ? 4.136   -5.128  -0.462  1.00 39.40  ? 94  ARG A N   1 
ATOM   591  C CA  . ARG A 1 102 ? 3.497   -5.689  -1.642  1.00 43.89  ? 94  ARG A CA  1 
ATOM   592  C C   . ARG A 1 102 ? 2.545   -6.809  -1.275  1.00 47.92  ? 94  ARG A C   1 
ATOM   593  O O   . ARG A 1 102 ? 2.781   -7.560  -0.331  1.00 50.03  ? 94  ARG A O   1 
ATOM   594  C CB  . ARG A 1 102 ? 4.545   -6.205  -2.636  1.00 41.19  ? 94  ARG A CB  1 
ATOM   595  C CG  . ARG A 1 102 ? 5.466   -7.276  -2.099  1.00 49.89  ? 94  ARG A CG  1 
ATOM   596  C CD  . ARG A 1 102 ? 6.641   -7.490  -3.056  1.00 62.53  ? 94  ARG A CD  1 
ATOM   597  N NE  . ARG A 1 102 ? 7.725   -8.228  -2.416  1.00 75.26  ? 94  ARG A NE  1 
ATOM   598  C CZ  . ARG A 1 102 ? 7.815   -9.552  -2.379  1.00 79.44  ? 94  ARG A CZ  1 
ATOM   599  N NH1 . ARG A 1 102 ? 6.886   -10.297 -2.962  1.00 74.47  ? 94  ARG A NH1 1 
ATOM   600  N NH2 . ARG A 1 102 ? 8.821   -10.131 -1.736  1.00 77.63  ? 94  ARG A NH2 1 
ATOM   601  N N   . VAL A 1 103 ? 1.462   -6.907  -2.031  1.00 44.14  ? 95  VAL A N   1 
ATOM   602  C CA  . VAL A 1 103 ? 0.464   -7.929  -1.808  1.00 45.50  ? 95  VAL A CA  1 
ATOM   603  C C   . VAL A 1 103 ? 0.281   -8.695  -3.104  1.00 43.98  ? 95  VAL A C   1 
ATOM   604  O O   . VAL A 1 103 ? 0.288   -8.104  -4.182  1.00 47.92  ? 95  VAL A O   1 
ATOM   605  C CB  . VAL A 1 103 ? -0.872  -7.302  -1.374  1.00 53.66  ? 95  VAL A CB  1 
ATOM   606  C CG1 . VAL A 1 103 ? -1.936  -8.371  -1.258  1.00 64.00  ? 95  VAL A CG1 1 
ATOM   607  C CG2 . VAL A 1 103 ? -0.696  -6.598  -0.037  1.00 49.52  ? 95  VAL A CG2 1 
ATOM   608  N N   . GLY A 1 104 ? 0.117   -10.011 -2.990  1.00 52.66  ? 96  GLY A N   1 
ATOM   609  C CA  . GLY A 1 104 ? -0.052  -10.849 -4.161  1.00 49.79  ? 96  GLY A CA  1 
ATOM   610  C C   . GLY A 1 104 ? -1.464  -11.351 -4.395  1.00 55.49  ? 96  GLY A C   1 
ATOM   611  O O   . GLY A 1 104 ? -1.748  -11.931 -5.443  1.00 60.40  ? 96  GLY A O   1 
ATOM   612  N N   . ASP A 1 105 ? -2.350  -11.141 -3.428  1.00 59.72  ? 97  ASP A N   1 
ATOM   613  C CA  . ASP A 1 105 ? -3.734  -11.586 -3.558  1.00 61.19  ? 97  ASP A CA  1 
ATOM   614  C C   . ASP A 1 105 ? -4.579  -10.385 -3.953  1.00 59.49  ? 97  ASP A C   1 
ATOM   615  O O   . ASP A 1 105 ? -5.209  -9.747  -3.105  1.00 63.83  ? 97  ASP A O   1 
ATOM   616  C CB  . ASP A 1 105 ? -4.241  -12.151 -2.228  1.00 71.07  ? 97  ASP A CB  1 
ATOM   617  C CG  . ASP A 1 105 ? -5.462  -13.042 -2.401  1.00 71.59  ? 97  ASP A CG  1 
ATOM   618  O OD1 . ASP A 1 105 ? -6.414  -12.633 -3.100  1.00 67.91  ? 97  ASP A OD1 1 
ATOM   619  O OD2 . ASP A 1 105 ? -5.469  -14.155 -1.831  1.00 80.19  ? 97  ASP A OD2 1 
ATOM   620  N N   . VAL A 1 106 ? -4.582  -10.075 -5.244  1.00 60.36  ? 98  VAL A N   1 
ATOM   621  C CA  . VAL A 1 106 ? -5.328  -8.933  -5.749  1.00 66.91  ? 98  VAL A CA  1 
ATOM   622  C C   . VAL A 1 106 ? -6.815  -8.994  -5.421  1.00 70.61  ? 98  VAL A C   1 
ATOM   623  O O   . VAL A 1 106 ? -7.406  -7.989  -5.023  1.00 80.54  ? 98  VAL A O   1 
ATOM   624  C CB  . VAL A 1 106 ? -5.138  -8.787  -7.270  1.00 75.07  ? 98  VAL A CB  1 
ATOM   625  C CG1 . VAL A 1 106 ? -3.782  -8.169  -7.560  1.00 84.63  ? 98  VAL A CG1 1 
ATOM   626  C CG2 . VAL A 1 106 ? -5.236  -10.152 -7.939  1.00 78.59  ? 98  VAL A CG2 1 
ATOM   627  N N   . GLN A 1 107 ? -7.420  -10.164 -5.579  1.00 74.09  ? 99  GLN A N   1 
ATOM   628  C CA  . GLN A 1 107 ? -8.841  -10.315 -5.284  1.00 74.81  ? 99  GLN A CA  1 
ATOM   629  C C   . GLN A 1 107 ? -9.127  -9.994  -3.824  1.00 73.03  ? 99  GLN A C   1 
ATOM   630  O O   . GLN A 1 107 ? -10.046 -9.235  -3.515  1.00 73.37  ? 99  GLN A O   1 
ATOM   631  C CB  . GLN A 1 107 ? -9.311  -11.734 -5.618  1.00 86.01  ? 99  GLN A CB  1 
ATOM   632  C CG  . GLN A 1 107 ? -8.299  -12.827 -5.312  1.00 112.30 ? 99  GLN A CG  1 
ATOM   633  C CD  . GLN A 1 107 ? -7.088  -12.776 -6.229  1.00 119.63 ? 99  GLN A CD  1 
ATOM   634  O OE1 . GLN A 1 107 ? -7.219  -12.865 -7.451  1.00 120.98 ? 99  GLN A OE1 1 
ATOM   635  N NE2 . GLN A 1 107 ? -5.905  -12.632 -5.645  1.00 118.28 ? 99  GLN A NE2 1 
ATOM   636  N N   . ARG A 1 108 ? -8.334  -10.566 -2.925  1.00 73.31  ? 100 ARG A N   1 
ATOM   637  C CA  . ARG A 1 108 ? -8.510  -10.317 -1.499  1.00 69.65  ? 100 ARG A CA  1 
ATOM   638  C C   . ARG A 1 108 ? -8.408  -8.812  -1.267  1.00 68.13  ? 100 ARG A C   1 
ATOM   639  O O   . ARG A 1 108 ? -9.146  -8.251  -0.460  1.00 68.60  ? 100 ARG A O   1 
ATOM   640  C CB  . ARG A 1 108 ? -7.429  -11.051 -0.697  1.00 77.43  ? 100 ARG A CB  1 
ATOM   641  C CG  . ARG A 1 108 ? -7.612  -11.049 0.819   1.00 88.40  ? 100 ARG A CG  1 
ATOM   642  C CD  . ARG A 1 108 ? -8.775  -11.936 1.257   1.00 99.70  ? 100 ARG A CD  1 
ATOM   643  N NE  . ARG A 1 108 ? -10.047 -11.218 1.302   1.00 99.60  ? 100 ARG A NE  1 
ATOM   644  C CZ  . ARG A 1 108 ? -10.380 -10.347 2.249   1.00 98.24  ? 100 ARG A CZ  1 
ATOM   645  N NH1 . ARG A 1 108 ? -9.538  -10.081 3.238   1.00 97.10  ? 100 ARG A NH1 1 
ATOM   646  N NH2 . ARG A 1 108 ? -11.556 -9.738  2.207   1.00 102.41 ? 100 ARG A NH2 1 
ATOM   647  N N   . LEU A 1 109 ? -7.498  -8.161  -1.989  1.00 64.21  ? 101 LEU A N   1 
ATOM   648  C CA  . LEU A 1 109 ? -7.306  -6.717  -1.863  1.00 70.57  ? 101 LEU A CA  1 
ATOM   649  C C   . LEU A 1 109 ? -8.485  -5.944  -2.456  1.00 67.96  ? 101 LEU A C   1 
ATOM   650  O O   . LEU A 1 109 ? -8.906  -4.919  -1.917  1.00 66.03  ? 101 LEU A O   1 
ATOM   651  C CB  . LEU A 1 109 ? -6.013  -6.285  -2.562  1.00 62.02  ? 101 LEU A CB  1 
ATOM   652  C CG  . LEU A 1 109 ? -5.682  -4.787  -2.516  1.00 63.93  ? 101 LEU A CG  1 
ATOM   653  C CD1 . LEU A 1 109 ? -5.519  -4.337  -1.074  1.00 40.74  ? 101 LEU A CD1 1 
ATOM   654  C CD2 . LEU A 1 109 ? -4.404  -4.515  -3.299  1.00 50.95  ? 101 LEU A CD2 1 
ATOM   655  N N   . ALA A 1 110 ? -9.007  -6.436  -3.574  1.00 63.53  ? 102 ALA A N   1 
ATOM   656  C CA  . ALA A 1 110 ? -10.143 -5.797  -4.228  1.00 74.93  ? 102 ALA A CA  1 
ATOM   657  C C   . ALA A 1 110 ? -11.334 -5.785  -3.272  1.00 75.87  ? 102 ALA A C   1 
ATOM   658  O O   . ALA A 1 110 ? -12.035 -4.782  -3.142  1.00 74.79  ? 102 ALA A O   1 
ATOM   659  C CB  . ALA A 1 110 ? -10.501 -6.550  -5.506  1.00 55.68  ? 102 ALA A CB  1 
ATOM   660  N N   . ALA A 1 111 ? -11.548 -6.913  -2.602  1.00 79.80  ? 103 ALA A N   1 
ATOM   661  C CA  . ALA A 1 111 ? -12.645 -7.046  -1.655  1.00 80.63  ? 103 ALA A CA  1 
ATOM   662  C C   . ALA A 1 111 ? -12.534 -6.016  -0.540  1.00 80.21  ? 103 ALA A C   1 
ATOM   663  O O   . ALA A 1 111 ? -13.508 -5.337  -0.222  1.00 87.75  ? 103 ALA A O   1 
ATOM   664  C CB  . ALA A 1 111 ? -12.656 -8.446  -1.068  1.00 77.42  ? 103 ALA A CB  1 
ATOM   665  N N   . ILE A 1 112 ? -11.350 -5.905  0.055   1.00 76.80  ? 104 ILE A N   1 
ATOM   666  C CA  . ILE A 1 112 ? -11.137 -4.950  1.134   1.00 73.12  ? 104 ILE A CA  1 
ATOM   667  C C   . ILE A 1 112 ? -11.354 -3.529  0.635   1.00 78.59  ? 104 ILE A C   1 
ATOM   668  O O   . ILE A 1 112 ? -12.229 -2.817  1.124   1.00 83.89  ? 104 ILE A O   1 
ATOM   669  C CB  . ILE A 1 112 ? -9.708  -5.033  1.706   1.00 68.13  ? 104 ILE A CB  1 
ATOM   670  C CG1 . ILE A 1 112 ? -9.376  -6.470  2.112   1.00 70.17  ? 104 ILE A CG1 1 
ATOM   671  C CG2 . ILE A 1 112 ? -9.579  -4.102  2.903   1.00 70.57  ? 104 ILE A CG2 1 
ATOM   672  C CD1 . ILE A 1 112 ? -10.277 -7.041  3.185   1.00 70.74  ? 104 ILE A CD1 1 
ATOM   673  N N   . VAL A 1 113 ? -10.551 -3.120  -0.340  1.00 84.09  ? 105 VAL A N   1 
ATOM   674  C CA  . VAL A 1 113 ? -10.651 -1.777  -0.899  1.00 83.58  ? 105 VAL A CA  1 
ATOM   675  C C   . VAL A 1 113 ? -12.030 -1.521  -1.488  1.00 92.01  ? 105 VAL A C   1 
ATOM   676  O O   . VAL A 1 113 ? -12.519 -0.393  -1.474  1.00 91.92  ? 105 VAL A O   1 
ATOM   677  C CB  . VAL A 1 113 ? -9.594  -1.553  -1.994  1.00 78.03  ? 105 VAL A CB  1 
ATOM   678  C CG1 . VAL A 1 113 ? -9.703  -0.146  -2.539  1.00 72.25  ? 105 VAL A CG1 1 
ATOM   679  C CG2 . VAL A 1 113 ? -8.207  -1.788  -1.424  1.00 73.67  ? 105 VAL A CG2 1 
ATOM   680  N N   . GLY A 1 114 ? -12.656 -2.573  -2.005  1.00 98.47  ? 106 GLY A N   1 
ATOM   681  C CA  . GLY A 1 114 ? -13.980 -2.431  -2.582  1.00 111.76 ? 106 GLY A CA  1 
ATOM   682  C C   . GLY A 1 114 ? -15.065 -2.388  -1.520  1.00 120.53 ? 106 GLY A C   1 
ATOM   683  O O   . GLY A 1 114 ? -15.938 -3.256  -1.470  1.00 118.92 ? 106 GLY A O   1 
ATOM   684  N N   . ALA A 1 115 ? -15.007 -1.372  -0.664  1.00 126.43 ? 107 ALA A N   1 
ATOM   685  C CA  . ALA A 1 115 ? -15.982 -1.209  0.407   1.00 132.55 ? 107 ALA A CA  1 
ATOM   686  C C   . ALA A 1 115 ? -17.109 -0.272  -0.020  1.00 138.31 ? 107 ALA A C   1 
ATOM   687  O O   . ALA A 1 115 ? -18.286 -0.623  0.072   1.00 139.07 ? 107 ALA A O   1 
ATOM   688  C CB  . ALA A 1 115 ? -15.296 -0.670  1.660   1.00 129.42 ? 107 ALA A CB  1 
ATOM   689  N N   . GLY A 1 116 ? -16.742 0.918   -0.486  1.00 142.13 ? 108 GLY A N   1 
ATOM   690  C CA  . GLY A 1 116 ? -17.737 1.883   -0.920  1.00 145.91 ? 108 GLY A CA  1 
ATOM   691  C C   . GLY A 1 116 ? -18.502 1.425   -2.148  1.00 150.23 ? 108 GLY A C   1 
ATOM   692  O O   . GLY A 1 116 ? -18.374 0.278   -2.578  1.00 150.27 ? 108 GLY A O   1 
ATOM   693  N N   . GLU A 1 117 ? -19.303 2.322   -2.714  1.00 153.72 ? 109 GLU A N   1 
ATOM   694  C CA  . GLU A 1 117 ? -20.091 2.005   -3.901  1.00 157.96 ? 109 GLU A CA  1 
ATOM   695  C C   . GLU A 1 117 ? -19.218 2.010   -5.152  1.00 158.57 ? 109 GLU A C   1 
ATOM   696  O O   . GLU A 1 117 ? -19.107 3.025   -5.841  1.00 159.75 ? 109 GLU A O   1 
ATOM   697  C CB  . GLU A 1 117 ? -21.231 3.014   -4.064  1.00 159.21 ? 109 GLU A CB  1 
ATOM   698  C CG  . GLU A 1 117 ? -22.066 2.811   -5.320  1.00 159.07 ? 109 GLU A CG  1 
ATOM   699  C CD  . GLU A 1 117 ? -22.655 1.418   -5.411  1.00 158.84 ? 109 GLU A CD  1 
ATOM   700  O OE1 . GLU A 1 117 ? -23.438 1.041   -4.513  1.00 159.88 ? 109 GLU A OE1 1 
ATOM   701  O OE2 . GLU A 1 117 ? -22.334 0.697   -6.379  1.00 156.52 ? 109 GLU A OE2 1 
ATOM   702  N N   . GLU A 1 118 ? -18.607 0.866   -5.444  1.00 159.42 ? 110 GLU A N   1 
ATOM   703  C CA  . GLU A 1 118 ? -17.736 0.734   -6.606  1.00 160.31 ? 110 GLU A CA  1 
ATOM   704  C C   . GLU A 1 118 ? -18.464 1.044   -7.910  1.00 160.55 ? 110 GLU A C   1 
ATOM   705  O O   . GLU A 1 118 ? -19.602 0.618   -8.116  1.00 160.14 ? 110 GLU A O   1 
ATOM   706  C CB  . GLU A 1 118 ? -17.162 -0.683  -6.679  1.00 158.58 ? 110 GLU A CB  1 
ATOM   707  C CG  . GLU A 1 118 ? -16.409 -1.121  -5.437  1.00 162.39 ? 110 GLU A CG  1 
ATOM   708  C CD  . GLU A 1 118 ? -15.868 -2.533  -5.560  1.00 165.78 ? 110 GLU A CD  1 
ATOM   709  O OE1 . GLU A 1 118 ? -16.664 -3.453  -5.843  1.00 167.64 ? 110 GLU A OE1 1 
ATOM   710  O OE2 . GLU A 1 118 ? -14.649 -2.724  -5.372  1.00 166.18 ? 110 GLU A OE2 1 
ATOM   711  N N   . ALA A 1 119 ? -17.798 1.789   -8.786  1.00 161.03 ? 111 ALA A N   1 
ATOM   712  C CA  . ALA A 1 119 ? -18.366 2.143   -10.082 1.00 160.63 ? 111 ALA A CA  1 
ATOM   713  C C   . ALA A 1 119 ? -18.094 0.988   -11.042 1.00 159.55 ? 111 ALA A C   1 
ATOM   714  O O   . ALA A 1 119 ? -17.867 1.191   -12.236 1.00 158.91 ? 111 ALA A O   1 
ATOM   715  C CB  . ALA A 1 119 ? -17.724 3.426   -10.603 1.00 157.95 ? 111 ALA A CB  1 
ATOM   716  N N   . GLY A 1 120 ? -18.121 -0.226  -10.498 1.00 158.05 ? 112 GLY A N   1 
ATOM   717  C CA  . GLY A 1 120 ? -17.869 -1.417  -11.287 1.00 155.69 ? 112 GLY A CA  1 
ATOM   718  C C   . GLY A 1 120 ? -16.847 -2.297  -10.592 1.00 154.20 ? 112 GLY A C   1 
ATOM   719  O O   . GLY A 1 120 ? -17.077 -3.489  -10.379 1.00 156.20 ? 112 GLY A O   1 
ATOM   720  N N   . ALA A 1 121 ? -15.718 -1.689  -10.230 1.00 149.48 ? 113 ALA A N   1 
ATOM   721  C CA  . ALA A 1 121 ? -14.608 -2.355  -9.546  1.00 142.42 ? 113 ALA A CA  1 
ATOM   722  C C   . ALA A 1 121 ? -13.373 -1.484  -9.740  1.00 136.66 ? 113 ALA A C   1 
ATOM   723  O O   . ALA A 1 121 ? -12.964 -1.241  -10.875 1.00 138.21 ? 113 ALA A O   1 
ATOM   724  C CB  . ALA A 1 121 ? -14.363 -3.742  -10.137 1.00 140.19 ? 113 ALA A CB  1 
ATOM   725  N N   . PRO A 1 122 ? -12.764 -1.002  -8.639  1.00 130.46 ? 114 PRO A N   1 
ATOM   726  C CA  . PRO A 1 122 ? -11.570 -0.153  -8.717  1.00 123.92 ? 114 PRO A CA  1 
ATOM   727  C C   . PRO A 1 122 ? -10.640 -0.563  -9.857  1.00 116.60 ? 114 PRO A C   1 
ATOM   728  O O   . PRO A 1 122 ? -9.732  -1.375  -9.680  1.00 116.12 ? 114 PRO A O   1 
ATOM   729  C CB  . PRO A 1 122 ? -10.944 -0.328  -7.340  1.00 126.93 ? 114 PRO A CB  1 
ATOM   730  C CG  . PRO A 1 122 ? -12.154 -0.406  -6.463  1.00 124.64 ? 114 PRO A CG  1 
ATOM   731  C CD  . PRO A 1 122 ? -13.063 -1.348  -7.238  1.00 126.89 ? 114 PRO A CD  1 
ATOM   732  N N   . GLY A 1 123 ? -10.893 0.017   -11.026 1.00 107.99 ? 115 GLY A N   1 
ATOM   733  C CA  . GLY A 1 123 ? -10.126 -0.275  -12.222 1.00 100.27 ? 115 GLY A CA  1 
ATOM   734  C C   . GLY A 1 123 ? -8.675  -0.679  -12.060 1.00 92.37  ? 115 GLY A C   1 
ATOM   735  O O   . GLY A 1 123 ? -8.186  -1.536  -12.798 1.00 93.84  ? 115 GLY A O   1 
ATOM   736  N N   . ASP A 1 124 ? -7.977  -0.074  -11.106 1.00 78.61  ? 116 ASP A N   1 
ATOM   737  C CA  . ASP A 1 124 ? -6.572  -0.392  -10.909 1.00 67.68  ? 116 ASP A CA  1 
ATOM   738  C C   . ASP A 1 124 ? -6.129  -0.356  -9.452  1.00 62.28  ? 116 ASP A C   1 
ATOM   739  O O   . ASP A 1 124 ? -6.077  0.706   -8.826  1.00 56.04  ? 116 ASP A O   1 
ATOM   740  C CB  . ASP A 1 124 ? -5.705  0.557   -11.750 1.00 62.08  ? 116 ASP A CB  1 
ATOM   741  C CG  . ASP A 1 124 ? -4.224  0.416   -11.450 1.00 59.18  ? 116 ASP A CG  1 
ATOM   742  O OD1 . ASP A 1 124 ? -3.806  -0.662  -10.985 1.00 61.11  ? 116 ASP A OD1 1 
ATOM   743  O OD2 . ASP A 1 124 ? -3.470  1.379   -11.688 1.00 51.65  ? 116 ASP A OD2 1 
ATOM   744  N N   . LEU A 1 125 ? -5.802  -1.526  -8.917  1.00 58.36  ? 117 LEU A N   1 
ATOM   745  C CA  . LEU A 1 125 ? -5.349  -1.615  -7.538  1.00 55.11  ? 117 LEU A CA  1 
ATOM   746  C C   . LEU A 1 125 ? -3.887  -2.043  -7.468  1.00 54.14  ? 117 LEU A C   1 
ATOM   747  O O   . LEU A 1 125 ? -3.425  -2.517  -6.431  1.00 61.77  ? 117 LEU A O   1 
ATOM   748  C CB  . LEU A 1 125 ? -6.221  -2.602  -6.762  1.00 61.30  ? 117 LEU A CB  1 
ATOM   749  C CG  . LEU A 1 125 ? -7.683  -2.191  -6.576  1.00 58.73  ? 117 LEU A CG  1 
ATOM   750  C CD1 . LEU A 1 125 ? -8.477  -3.365  -6.008  1.00 53.66  ? 117 LEU A CD1 1 
ATOM   751  C CD2 . LEU A 1 125 ? -7.758  -0.980  -5.647  1.00 48.82  ? 117 LEU A CD2 1 
ATOM   752  N N   . HIS A 1 126 ? -3.166  -1.873  -8.574  1.00 42.80  ? 118 HIS A N   1 
ATOM   753  C CA  . HIS A 1 126 ? -1.751  -2.242  -8.641  1.00 46.20  ? 118 HIS A CA  1 
ATOM   754  C C   . HIS A 1 126 ? -0.915  -1.404  -7.677  1.00 43.83  ? 118 HIS A C   1 
ATOM   755  O O   . HIS A 1 126 ? 0.128   -1.833  -7.198  1.00 48.32  ? 118 HIS A O   1 
ATOM   756  C CB  . HIS A 1 126 ? -1.229  -2.088  -10.074 1.00 38.21  ? 118 HIS A CB  1 
ATOM   757  C CG  . HIS A 1 126 ? -1.725  -3.141  -11.015 1.00 44.89  ? 118 HIS A CG  1 
ATOM   758  N ND1 . HIS A 1 126 ? -2.000  -2.884  -12.344 1.00 45.80  ? 118 HIS A ND1 1 
ATOM   759  C CD2 . HIS A 1 126 ? -1.925  -4.470  -10.841 1.00 41.31  ? 118 HIS A CD2 1 
ATOM   760  C CE1 . HIS A 1 126 ? -2.341  -4.010  -12.947 1.00 47.86  ? 118 HIS A CE1 1 
ATOM   761  N NE2 . HIS A 1 126 ? -2.303  -4.988  -12.058 1.00 48.97  ? 118 HIS A NE2 1 
ATOM   762  N N   . CYS A 1 127 ? -1.367  -0.190  -7.409  1.00 43.27  ? 119 CYS A N   1 
ATOM   763  C CA  . CYS A 1 127 ? -0.670  0.666   -6.463  1.00 45.68  ? 119 CYS A CA  1 
ATOM   764  C C   . CYS A 1 127 ? -1.720  1.349   -5.609  1.00 49.41  ? 119 CYS A C   1 
ATOM   765  O O   . CYS A 1 127 ? -2.784  1.723   -6.103  1.00 52.85  ? 119 CYS A O   1 
ATOM   766  C CB  . CYS A 1 127 ? 0.182   1.716   -7.176  1.00 38.44  ? 119 CYS A CB  1 
ATOM   767  S SG  . CYS A 1 127 ? 1.009   2.853   -6.034  1.00 40.57  ? 119 CYS A SG  1 
ATOM   768  N N   . ILE A 1 128 ? -1.424  1.483   -4.323  1.00 55.77  ? 120 ILE A N   1 
ATOM   769  C CA  . ILE A 1 128 ? -2.316  2.127   -3.370  1.00 34.04  ? 120 ILE A CA  1 
ATOM   770  C C   . ILE A 1 128 ? -1.484  3.014   -2.458  1.00 46.59  ? 120 ILE A C   1 
ATOM   771  O O   . ILE A 1 128 ? -0.467  2.582   -1.914  1.00 43.17  ? 120 ILE A O   1 
ATOM   772  C CB  . ILE A 1 128 ? -3.041  1.120   -2.474  1.00 46.06  ? 120 ILE A CB  1 
ATOM   773  C CG1 . ILE A 1 128 ? -4.011  0.266   -3.286  1.00 47.19  ? 120 ILE A CG1 1 
ATOM   774  C CG2 . ILE A 1 128 ? -3.779  1.860   -1.385  1.00 45.28  ? 120 ILE A CG2 1 
ATOM   775  C CD1 . ILE A 1 128 ? -5.118  1.057   -3.944  1.00 70.74  ? 120 ILE A CD1 1 
ATOM   776  N N   . LEU A 1 129 ? -1.908  4.259   -2.300  1.00 50.08  ? 121 LEU A N   1 
ATOM   777  C CA  . LEU A 1 129 ? -1.208  5.178   -1.422  1.00 49.03  ? 121 LEU A CA  1 
ATOM   778  C C   . LEU A 1 129 ? -2.144  5.574   -0.292  1.00 45.11  ? 121 LEU A C   1 
ATOM   779  O O   . LEU A 1 129 ? -3.367  5.580   -0.458  1.00 53.00  ? 121 LEU A O   1 
ATOM   780  C CB  . LEU A 1 129 ? -0.789  6.444   -2.171  1.00 41.93  ? 121 LEU A CB  1 
ATOM   781  C CG  . LEU A 1 129 ? 0.264   6.337   -3.266  1.00 53.58  ? 121 LEU A CG  1 
ATOM   782  C CD1 . LEU A 1 129 ? 0.613   7.740   -3.749  1.00 45.07  ? 121 LEU A CD1 1 
ATOM   783  C CD2 . LEU A 1 129 ? 1.508   5.628   -2.728  1.00 43.89  ? 121 LEU A CD2 1 
ATOM   784  N N   . ILE A 1 130 ? -1.575  5.873   0.866   1.00 52.78  ? 122 ILE A N   1 
ATOM   785  C CA  . ILE A 1 130 ? -2.389  6.336   1.970   1.00 58.96  ? 122 ILE A CA  1 
ATOM   786  C C   . ILE A 1 130 ? -1.694  7.577   2.487   1.00 58.97  ? 122 ILE A C   1 
ATOM   787  O O   . ILE A 1 130 ? -0.478  7.582   2.717   1.00 58.81  ? 122 ILE A O   1 
ATOM   788  C CB  . ILE A 1 130 ? -2.541  5.310   3.120   1.00 57.32  ? 122 ILE A CB  1 
ATOM   789  C CG1 . ILE A 1 130 ? -1.252  5.218   3.921   1.00 77.19  ? 122 ILE A CG1 1 
ATOM   790  C CG2 . ILE A 1 130 ? -2.957  3.956   2.565   1.00 55.45  ? 122 ILE A CG2 1 
ATOM   791  C CD1 . ILE A 1 130 ? -1.472  4.730   5.338   1.00 70.74  ? 122 ILE A CD1 1 
ATOM   792  N N   . SER A 1 131 ? -2.466  8.645   2.626   1.00 61.62  ? 123 SER A N   1 
ATOM   793  C CA  . SER A 1 131 ? -1.933  9.905   3.117   1.00 70.54  ? 123 SER A CA  1 
ATOM   794  C C   . SER A 1 131 ? -2.629  10.205  4.436   1.00 69.42  ? 123 SER A C   1 
ATOM   795  O O   . SER A 1 131 ? -3.671  9.625   4.740   1.00 66.58  ? 123 SER A O   1 
ATOM   796  C CB  . SER A 1 131 ? -2.209  11.023  2.109   1.00 72.33  ? 123 SER A CB  1 
ATOM   797  O OG  . SER A 1 131 ? -1.796  10.654  0.805   1.00 64.20  ? 123 SER A OG  1 
ATOM   798  N N   . ASN A 1 132 ? -2.055  11.097  5.228   1.00 81.25  ? 124 ASN A N   1 
ATOM   799  C CA  . ASN A 1 132 ? -2.665  11.444  6.502   1.00 92.66  ? 124 ASN A CA  1 
ATOM   800  C C   . ASN A 1 132 ? -3.614  12.623  6.313   1.00 101.46 ? 124 ASN A C   1 
ATOM   801  O O   . ASN A 1 132 ? -3.267  13.617  5.678   1.00 98.68  ? 124 ASN A O   1 
ATOM   802  C CB  . ASN A 1 132 ? -1.578  11.759  7.537   1.00 88.15  ? 124 ASN A CB  1 
ATOM   803  C CG  . ASN A 1 132 ? -0.460  12.607  6.970   1.00 92.24  ? 124 ASN A CG  1 
ATOM   804  O OD1 . ASN A 1 132 ? 0.649   12.626  7.503   1.00 98.80  ? 124 ASN A OD1 1 
ATOM   805  N ND2 . ASN A 1 132 ? -0.747  13.323  5.891   1.00 84.53  ? 124 ASN A ND2 1 
ATOM   806  N N   . PRO A 1 133 ? -4.841  12.510  6.847   1.00 111.67 ? 125 PRO A N   1 
ATOM   807  C CA  . PRO A 1 133 ? -5.852  13.564  6.741   1.00 116.22 ? 125 PRO A CA  1 
ATOM   808  C C   . PRO A 1 133 ? -5.311  14.955  7.067   1.00 122.77 ? 125 PRO A C   1 
ATOM   809  O O   . PRO A 1 133 ? -5.610  15.924  6.372   1.00 125.54 ? 125 PRO A O   1 
ATOM   810  C CB  . PRO A 1 133 ? -6.921  13.106  7.726   1.00 116.97 ? 125 PRO A CB  1 
ATOM   811  C CG  . PRO A 1 133 ? -6.854  11.617  7.594   1.00 112.50 ? 125 PRO A CG  1 
ATOM   812  C CD  . PRO A 1 133 ? -5.365  11.361  7.607   1.00 111.41 ? 125 PRO A CD  1 
ATOM   813  N N   . ASN A 1 134 ? -4.512  15.042  8.125   1.00 129.21 ? 126 ASN A N   1 
ATOM   814  C CA  . ASN A 1 134 ? -3.928  16.313  8.544   1.00 135.98 ? 126 ASN A CA  1 
ATOM   815  C C   . ASN A 1 134 ? -2.486  16.422  8.065   1.00 141.19 ? 126 ASN A C   1 
ATOM   816  O O   . ASN A 1 134 ? -1.879  15.425  7.673   1.00 144.50 ? 126 ASN A O   1 
ATOM   817  C CB  . ASN A 1 134 ? -3.963  16.431  10.069  1.00 134.95 ? 126 ASN A CB  1 
ATOM   818  C CG  . ASN A 1 134 ? -5.363  16.295  10.633  1.00 137.25 ? 126 ASN A CG  1 
ATOM   819  O OD1 . ASN A 1 134 ? -6.018  15.265  10.463  1.00 137.09 ? 126 ASN A OD1 1 
ATOM   820  N ND2 . ASN A 1 134 ? -5.829  17.336  11.313  1.00 137.04 ? 126 ASN A ND2 1 
ATOM   821  N N   . GLU A 1 135 ? -1.941  17.634  8.098   1.00 147.00 ? 127 GLU A N   1 
ATOM   822  C CA  . GLU A 1 135 ? -0.561  17.862  7.678   1.00 151.70 ? 127 GLU A CA  1 
ATOM   823  C C   . GLU A 1 135 ? 0.380   17.202  8.681   1.00 155.42 ? 127 GLU A C   1 
ATOM   824  O O   . GLU A 1 135 ? 1.417   16.648  8.310   1.00 156.81 ? 127 GLU A O   1 
ATOM   825  C CB  . GLU A 1 135 ? -0.258  19.362  7.616   1.00 152.72 ? 127 GLU A CB  1 
ATOM   826  C CG  . GLU A 1 135 ? -1.092  20.140  6.614   1.00 155.32 ? 127 GLU A CG  1 
ATOM   827  C CD  . GLU A 1 135 ? -0.787  21.627  6.641   1.00 157.83 ? 127 GLU A CD  1 
ATOM   828  O OE1 . GLU A 1 135 ? -1.000  22.263  7.697   1.00 155.52 ? 127 GLU A OE1 1 
ATOM   829  O OE2 . GLU A 1 135 ? -0.332  22.161  5.606   1.00 160.66 ? 127 GLU A OE2 1 
ATOM   830  N N   . ASP A 1 136 ? 0.005   17.272  9.956   1.00 156.67 ? 128 ASP A N   1 
ATOM   831  C CA  . ASP A 1 136 ? 0.795   16.689  11.033  1.00 155.69 ? 128 ASP A CA  1 
ATOM   832  C C   . ASP A 1 136 ? 0.720   15.166  11.000  1.00 155.10 ? 128 ASP A C   1 
ATOM   833  O O   . ASP A 1 136 ? -0.052  14.588  10.235  1.00 154.08 ? 128 ASP A O   1 
ATOM   834  C CB  . ASP A 1 136 ? 0.293   17.195  12.385  1.00 155.68 ? 128 ASP A CB  1 
ATOM   835  C CG  . ASP A 1 136 ? -1.181  16.914  12.598  1.00 157.84 ? 128 ASP A CG  1 
ATOM   836  O OD1 . ASP A 1 136 ? -2.005  17.467  11.841  1.00 158.15 ? 128 ASP A OD1 1 
ATOM   837  O OD2 . ASP A 1 136 ? -1.515  16.139  13.517  1.00 161.68 ? 128 ASP A OD2 1 
ATOM   838  N N   . ALA A 1 137 ? 1.520   14.526  11.845  1.00 154.16 ? 129 ALA A N   1 
ATOM   839  C CA  . ALA A 1 137 ? 1.563   13.070  11.918  1.00 153.18 ? 129 ALA A CA  1 
ATOM   840  C C   . ALA A 1 137 ? 0.189   12.443  12.143  1.00 152.59 ? 129 ALA A C   1 
ATOM   841  O O   . ALA A 1 137 ? -0.742  13.098  12.614  1.00 153.42 ? 129 ALA A O   1 
ATOM   842  C CB  . ALA A 1 137 ? 2.519   12.635  13.023  1.00 154.82 ? 129 ALA A CB  1 
ATOM   843  N N   . TRP A 1 138 ? 0.081   11.165  11.796  1.00 151.65 ? 130 TRP A N   1 
ATOM   844  C CA  . TRP A 1 138 ? -1.155  10.409  11.957  1.00 149.56 ? 130 TRP A CA  1 
ATOM   845  C C   . TRP A 1 138 ? -0.841  9.219   12.861  1.00 147.04 ? 130 TRP A C   1 
ATOM   846  O O   . TRP A 1 138 ? -0.408  8.165   12.395  1.00 145.76 ? 130 TRP A O   1 
ATOM   847  C CB  . TRP A 1 138 ? -1.658  9.940   10.587  1.00 151.35 ? 130 TRP A CB  1 
ATOM   848  C CG  . TRP A 1 138 ? -2.941  9.161   10.621  1.00 155.50 ? 130 TRP A CG  1 
ATOM   849  C CD1 . TRP A 1 138 ? -3.969  9.307   11.509  1.00 156.76 ? 130 TRP A CD1 1 
ATOM   850  C CD2 . TRP A 1 138 ? -3.356  8.153   9.689   1.00 157.15 ? 130 TRP A CD2 1 
ATOM   851  N NE1 . TRP A 1 138 ? -4.997  8.453   11.189  1.00 157.27 ? 130 TRP A NE1 1 
ATOM   852  C CE2 . TRP A 1 138 ? -4.648  7.733   10.076  1.00 157.28 ? 130 TRP A CE2 1 
ATOM   853  C CE3 . TRP A 1 138 ? -2.762  7.564   8.564   1.00 155.42 ? 130 TRP A CE3 1 
ATOM   854  C CZ2 . TRP A 1 138 ? -5.359  6.750   9.378   1.00 156.50 ? 130 TRP A CZ2 1 
ATOM   855  C CZ3 . TRP A 1 138 ? -3.469  6.586   7.869   1.00 156.86 ? 130 TRP A CZ3 1 
ATOM   856  C CH2 . TRP A 1 138 ? -4.755  6.191   8.281   1.00 155.65 ? 130 TRP A CH2 1 
ATOM   857  N N   . LYS A 1 139 ? -1.056  9.402   14.161  1.00 141.74 ? 131 LYS A N   1 
ATOM   858  C CA  . LYS A 1 139 ? -0.770  8.366   15.147  1.00 135.85 ? 131 LYS A CA  1 
ATOM   859  C C   . LYS A 1 139 ? -1.741  7.186   15.113  1.00 131.17 ? 131 LYS A C   1 
ATOM   860  O O   . LYS A 1 139 ? -2.350  6.841   16.124  1.00 130.95 ? 131 LYS A O   1 
ATOM   861  C CB  . LYS A 1 139 ? -0.744  8.981   16.551  1.00 135.83 ? 131 LYS A CB  1 
ATOM   862  C CG  . LYS A 1 139 ? -0.190  8.058   17.632  1.00 137.99 ? 131 LYS A CG  1 
ATOM   863  C CD  . LYS A 1 139 ? -0.142  8.751   18.990  1.00 138.32 ? 131 LYS A CD  1 
ATOM   864  C CE  . LYS A 1 139 ? 0.408   7.827   20.069  1.00 136.24 ? 131 LYS A CE  1 
ATOM   865  N NZ  . LYS A 1 139 ? 0.479   8.494   21.399  1.00 134.84 ? 131 LYS A NZ  1 
ATOM   866  N N   . ASP A 1 140 ? -1.879  6.568   13.945  1.00 122.14 ? 132 ASP A N   1 
ATOM   867  C CA  . ASP A 1 140 ? -2.756  5.414   13.796  1.00 111.86 ? 132 ASP A CA  1 
ATOM   868  C C   . ASP A 1 140 ? -1.966  4.186   14.242  1.00 109.38 ? 132 ASP A C   1 
ATOM   869  O O   . ASP A 1 140 ? -0.858  3.946   13.762  1.00 112.45 ? 132 ASP A O   1 
ATOM   870  C CB  . ASP A 1 140 ? -3.189  5.272   12.333  1.00 103.81 ? 132 ASP A CB  1 
ATOM   871  C CG  . ASP A 1 140 ? -4.093  4.075   12.101  1.00 102.43 ? 132 ASP A CG  1 
ATOM   872  O OD1 . ASP A 1 140 ? -4.613  3.933   10.974  1.00 110.55 ? 132 ASP A OD1 1 
ATOM   873  O OD2 . ASP A 1 140 ? -4.282  3.272   13.034  1.00 91.51  ? 132 ASP A OD2 1 
ATOM   874  N N   . PRO A 1 141 ? -2.522  3.397   15.175  1.00 108.75 ? 133 PRO A N   1 
ATOM   875  C CA  . PRO A 1 141 ? -1.853  2.193   15.681  1.00 105.44 ? 133 PRO A CA  1 
ATOM   876  C C   . PRO A 1 141 ? -1.462  1.168   14.614  1.00 99.48  ? 133 PRO A C   1 
ATOM   877  O O   . PRO A 1 141 ? -0.414  0.529   14.721  1.00 100.34 ? 133 PRO A O   1 
ATOM   878  C CB  . PRO A 1 141 ? -2.862  1.638   16.686  1.00 102.54 ? 133 PRO A CB  1 
ATOM   879  C CG  . PRO A 1 141 ? -4.177  2.102   16.138  1.00 98.86  ? 133 PRO A CG  1 
ATOM   880  C CD  . PRO A 1 141 ? -3.866  3.526   15.763  1.00 106.59 ? 133 PRO A CD  1 
ATOM   881  N N   . ALA A 1 142 ? -2.304  1.009   13.595  1.00 94.07  ? 134 ALA A N   1 
ATOM   882  C CA  . ALA A 1 142 ? -2.033  0.059   12.517  1.00 87.82  ? 134 ALA A CA  1 
ATOM   883  C C   . ALA A 1 142 ? -0.856  0.543   11.681  1.00 83.15  ? 134 ALA A C   1 
ATOM   884  O O   . ALA A 1 142 ? -0.039  -0.249  11.218  1.00 80.10  ? 134 ALA A O   1 
ATOM   885  C CB  . ALA A 1 142 ? -3.267  -0.104  11.636  1.00 84.98  ? 134 ALA A CB  1 
ATOM   886  N N   . LEU A 1 143 ? -0.778  1.854   11.500  1.00 75.93  ? 135 LEU A N   1 
ATOM   887  C CA  . LEU A 1 143 ? 0.291   2.462   10.729  1.00 73.32  ? 135 LEU A CA  1 
ATOM   888  C C   . LEU A 1 143 ? 1.624   2.291   11.447  1.00 77.16  ? 135 LEU A C   1 
ATOM   889  O O   . LEU A 1 143 ? 2.655   2.041   10.817  1.00 76.82  ? 135 LEU A O   1 
ATOM   890  C CB  . LEU A 1 143 ? -0.004  3.944   10.519  1.00 70.30  ? 135 LEU A CB  1 
ATOM   891  C CG  . LEU A 1 143 ? 0.967   4.727   9.640   1.00 73.14  ? 135 LEU A CG  1 
ATOM   892  C CD1 . LEU A 1 143 ? 1.042   4.099   8.257   1.00 71.68  ? 135 LEU A CD1 1 
ATOM   893  C CD2 . LEU A 1 143 ? 0.500   6.163   9.550   1.00 66.20  ? 135 LEU A CD2 1 
ATOM   894  N N   . GLU A 1 144 ? 1.603   2.428   12.769  1.00 78.35  ? 136 GLU A N   1 
ATOM   895  C CA  . GLU A 1 144 ? 2.816   2.276   13.567  1.00 79.92  ? 136 GLU A CA  1 
ATOM   896  C C   . GLU A 1 144 ? 3.249   0.814   13.572  1.00 71.44  ? 136 GLU A C   1 
ATOM   897  O O   . GLU A 1 144 ? 4.443   0.508   13.576  1.00 67.52  ? 136 GLU A O   1 
ATOM   898  C CB  . GLU A 1 144 ? 2.573   2.753   15.002  1.00 91.96  ? 136 GLU A CB  1 
ATOM   899  C CG  . GLU A 1 144 ? 3.755   2.537   15.939  1.00 106.88 ? 136 GLU A CG  1 
ATOM   900  C CD  . GLU A 1 144 ? 5.050   3.114   15.390  1.00 118.09 ? 136 GLU A CD  1 
ATOM   901  O OE1 . GLU A 1 144 ? 5.089   4.332   15.106  1.00 121.00 ? 136 GLU A OE1 1 
ATOM   902  O OE2 . GLU A 1 144 ? 6.031   2.349   15.245  1.00 117.30 ? 136 GLU A OE2 1 
ATOM   903  N N   . LYS A 1 145 ? 2.268   -0.080  13.574  1.00 68.62  ? 137 LYS A N   1 
ATOM   904  C CA  . LYS A 1 145 ? 2.527   -1.514  13.567  1.00 70.39  ? 137 LYS A CA  1 
ATOM   905  C C   . LYS A 1 145 ? 3.275   -1.888  12.287  1.00 76.08  ? 137 LYS A C   1 
ATOM   906  O O   . LYS A 1 145 ? 4.273   -2.613  12.325  1.00 79.42  ? 137 LYS A O   1 
ATOM   907  C CB  . LYS A 1 145 ? 1.200   -2.280  13.634  1.00 74.22  ? 137 LYS A CB  1 
ATOM   908  C CG  . LYS A 1 145 ? 1.338   -3.800  13.639  1.00 86.32  ? 137 LYS A CG  1 
ATOM   909  C CD  . LYS A 1 145 ? 1.621   -4.341  15.030  1.00 93.12  ? 137 LYS A CD  1 
ATOM   910  C CE  . LYS A 1 145 ? 0.386   -4.255  15.912  1.00 94.73  ? 137 LYS A CE  1 
ATOM   911  N NZ  . LYS A 1 145 ? -0.736  -5.067  15.360  1.00 93.70  ? 137 LYS A NZ  1 
ATOM   912  N N   . LEU A 1 146 ? 2.782   -1.380  11.155  1.00 69.29  ? 138 LEU A N   1 
ATOM   913  C CA  . LEU A 1 146 ? 3.376   -1.645  9.846   1.00 60.33  ? 138 LEU A CA  1 
ATOM   914  C C   . LEU A 1 146 ? 4.728   -0.968  9.719   1.00 57.43  ? 138 LEU A C   1 
ATOM   915  O O   . LEU A 1 146 ? 5.653   -1.515  9.123   1.00 55.46  ? 138 LEU A O   1 
ATOM   916  C CB  . LEU A 1 146 ? 2.445   -1.154  8.738   1.00 60.20  ? 138 LEU A CB  1 
ATOM   917  C CG  . LEU A 1 146 ? 1.120   -1.913  8.675   1.00 53.31  ? 138 LEU A CG  1 
ATOM   918  C CD1 . LEU A 1 146 ? 0.165   -1.224  7.718   1.00 60.00  ? 138 LEU A CD1 1 
ATOM   919  C CD2 . LEU A 1 146 ? 1.379   -3.345  8.249   1.00 56.00  ? 138 LEU A CD2 1 
ATOM   920  N N   . SER A 1 147 ? 4.834   0.227   10.286  1.00 55.84  ? 139 SER A N   1 
ATOM   921  C CA  . SER A 1 147 ? 6.084   0.971   10.253  1.00 58.58  ? 139 SER A CA  1 
ATOM   922  C C   . SER A 1 147 ? 7.198   0.154   10.906  1.00 62.44  ? 139 SER A C   1 
ATOM   923  O O   . SER A 1 147 ? 8.352   0.203   10.473  1.00 68.60  ? 139 SER A O   1 
ATOM   924  C CB  . SER A 1 147 ? 5.925   2.305   10.983  1.00 59.01  ? 139 SER A CB  1 
ATOM   925  O OG  . SER A 1 147 ? 7.156   3.003   11.052  1.00 72.99  ? 139 SER A OG  1 
ATOM   926  N N   . LEU A 1 148 ? 6.856   -0.607  11.943  1.00 60.99  ? 140 LEU A N   1 
ATOM   927  C CA  . LEU A 1 148 ? 7.858   -1.417  12.632  1.00 61.76  ? 140 LEU A CA  1 
ATOM   928  C C   . LEU A 1 148 ? 8.144   -2.680  11.822  1.00 55.93  ? 140 LEU A C   1 
ATOM   929  O O   . LEU A 1 148 ? 9.285   -3.141  11.737  1.00 59.85  ? 140 LEU A O   1 
ATOM   930  C CB  . LEU A 1 148 ? 7.370   -1.790  14.032  1.00 67.41  ? 140 LEU A CB  1 
ATOM   931  C CG  . LEU A 1 148 ? 8.391   -1.631  15.166  1.00 70.55  ? 140 LEU A CG  1 
ATOM   932  C CD1 . LEU A 1 148 ? 7.730   -2.030  16.475  1.00 81.74  ? 140 LEU A CD1 1 
ATOM   933  C CD2 . LEU A 1 148 ? 9.636   -2.478  14.912  1.00 66.26  ? 140 LEU A CD2 1 
ATOM   934  N N   . PHE A 1 149 ? 7.092   -3.232  11.231  1.00 55.50  ? 141 PHE A N   1 
ATOM   935  C CA  . PHE A 1 149 ? 7.205   -4.424  10.401  1.00 52.80  ? 141 PHE A CA  1 
ATOM   936  C C   . PHE A 1 149 ? 8.161   -4.143  9.222   1.00 57.92  ? 141 PHE A C   1 
ATOM   937  O O   . PHE A 1 149 ? 9.044   -4.948  8.910   1.00 56.99  ? 141 PHE A O   1 
ATOM   938  C CB  . PHE A 1 149 ? 5.818   -4.789  9.880   1.00 50.06  ? 141 PHE A CB  1 
ATOM   939  C CG  . PHE A 1 149 ? 5.819   -5.875  8.851   1.00 58.32  ? 141 PHE A CG  1 
ATOM   940  C CD1 . PHE A 1 149 ? 5.757   -7.216  9.231   1.00 46.73  ? 141 PHE A CD1 1 
ATOM   941  C CD2 . PHE A 1 149 ? 5.865   -5.559  7.493   1.00 47.44  ? 141 PHE A CD2 1 
ATOM   942  C CE1 . PHE A 1 149 ? 5.736   -8.229  8.270   1.00 49.91  ? 141 PHE A CE1 1 
ATOM   943  C CE2 . PHE A 1 149 ? 5.847   -6.565  6.526   1.00 48.87  ? 141 PHE A CE2 1 
ATOM   944  C CZ  . PHE A 1 149 ? 5.782   -7.901  6.915   1.00 41.50  ? 141 PHE A CZ  1 
ATOM   945  N N   . CYS A 1 150 ? 7.981   -2.994  8.575   1.00 46.64  ? 142 CYS A N   1 
ATOM   946  C CA  . CYS A 1 150 ? 8.821   -2.615  7.443   1.00 53.73  ? 142 CYS A CA  1 
ATOM   947  C C   . CYS A 1 150 ? 10.261  -2.384  7.880   1.00 50.39  ? 142 CYS A C   1 
ATOM   948  O O   . CYS A 1 150 ? 11.202  -2.795  7.202   1.00 58.31  ? 142 CYS A O   1 
ATOM   949  C CB  . CYS A 1 150 ? 8.271   -1.348  6.772   1.00 47.41  ? 142 CYS A CB  1 
ATOM   950  S SG  . CYS A 1 150 ? 6.671   -1.601  6.001   1.00 48.32  ? 142 CYS A SG  1 
ATOM   951  N N   . GLU A 1 151 ? 10.427  -1.721  9.015   1.00 52.38  ? 143 GLU A N   1 
ATOM   952  C CA  . GLU A 1 151 ? 11.752  -1.445  9.546   1.00 59.08  ? 143 GLU A CA  1 
ATOM   953  C C   . GLU A 1 151 ? 12.530  -2.756  9.733   1.00 55.43  ? 143 GLU A C   1 
ATOM   954  O O   . GLU A 1 151 ? 13.723  -2.828  9.441   1.00 54.50  ? 143 GLU A O   1 
ATOM   955  C CB  . GLU A 1 151 ? 11.613  -0.713  10.875  1.00 59.25  ? 143 GLU A CB  1 
ATOM   956  C CG  . GLU A 1 151 ? 12.913  -0.421  11.573  1.00 76.21  ? 143 GLU A CG  1 
ATOM   957  C CD  . GLU A 1 151 ? 12.704  -0.187  13.053  1.00 89.63  ? 143 GLU A CD  1 
ATOM   958  O OE1 . GLU A 1 151 ? 11.992  0.777   13.409  1.00 97.36  ? 143 GLU A OE1 1 
ATOM   959  O OE2 . GLU A 1 151 ? 13.243  -0.977  13.860  1.00 98.53  ? 143 GLU A OE2 1 
ATOM   960  N N   . GLU A 1 152 ? 11.839  -3.789  10.205  1.00 53.66  ? 144 GLU A N   1 
ATOM   961  C CA  . GLU A 1 152 ? 12.447  -5.099  10.432  1.00 56.31  ? 144 GLU A CA  1 
ATOM   962  C C   . GLU A 1 152 ? 12.821  -5.788  9.119   1.00 54.52  ? 144 GLU A C   1 
ATOM   963  O O   . GLU A 1 152 ? 13.889  -6.387  9.018   1.00 55.34  ? 144 GLU A O   1 
ATOM   964  C CB  . GLU A 1 152 ? 11.487  -5.983  11.253  1.00 52.83  ? 144 GLU A CB  1 
ATOM   965  C CG  . GLU A 1 152 ? 11.060  -5.312  12.564  1.00 59.92  ? 144 GLU A CG  1 
ATOM   966  C CD  . GLU A 1 152 ? 10.001  -6.080  13.348  1.00 69.02  ? 144 GLU A CD  1 
ATOM   967  O OE1 . GLU A 1 152 ? 9.030   -6.581  12.739  1.00 68.84  ? 144 GLU A OE1 1 
ATOM   968  O OE2 . GLU A 1 152 ? 10.135  -6.163  14.588  1.00 70.93  ? 144 GLU A OE2 1 
ATOM   969  N N   . SER A 1 153 ? 11.945  -5.712  8.118   1.00 50.68  ? 145 SER A N   1 
ATOM   970  C CA  . SER A 1 153 ? 12.225  -6.327  6.815   1.00 40.48  ? 145 SER A CA  1 
ATOM   971  C C   . SER A 1 153 ? 13.362  -5.573  6.129   1.00 46.81  ? 145 SER A C   1 
ATOM   972  O O   . SER A 1 153 ? 14.149  -6.148  5.380   1.00 46.54  ? 145 SER A O   1 
ATOM   973  C CB  . SER A 1 153 ? 10.984  -6.286  5.920   1.00 47.64  ? 145 SER A CB  1 
ATOM   974  O OG  . SER A 1 153 ? 10.030  -7.261  6.309   1.00 48.28  ? 145 SER A OG  1 
ATOM   975  N N   . ARG A 1 154 ? 13.434  -4.279  6.397   1.00 37.29  ? 146 ARG A N   1 
ATOM   976  C CA  . ARG A 1 154 ? 14.454  -3.424  5.819   1.00 44.84  ? 146 ARG A CA  1 
ATOM   977  C C   . ARG A 1 154 ? 15.828  -3.841  6.339   1.00 57.44  ? 146 ARG A C   1 
ATOM   978  O O   . ARG A 1 154 ? 16.821  -3.760  5.620   1.00 52.20  ? 146 ARG A O   1 
ATOM   979  C CB  . ARG A 1 154 ? 14.145  -1.964  6.183   1.00 46.58  ? 146 ARG A CB  1 
ATOM   980  C CG  . ARG A 1 154 ? 14.801  -0.911  5.298   1.00 56.02  ? 146 ARG A CG  1 
ATOM   981  C CD  . ARG A 1 154 ? 14.134  0.460   5.495   1.00 52.91  ? 146 ARG A CD  1 
ATOM   982  N NE  . ARG A 1 154 ? 12.785  0.484   4.928   1.00 52.07  ? 146 ARG A NE  1 
ATOM   983  C CZ  . ARG A 1 154 ? 11.690  0.849   5.589   1.00 46.99  ? 146 ARG A CZ  1 
ATOM   984  N NH1 . ARG A 1 154 ? 11.770  1.231   6.857   1.00 45.79  ? 146 ARG A NH1 1 
ATOM   985  N NH2 . ARG A 1 154 ? 10.505  0.821   4.984   1.00 57.23  ? 146 ARG A NH2 1 
ATOM   986  N N   . SER A 1 155 ? 15.869  -4.310  7.588   1.00 49.29  ? 147 SER A N   1 
ATOM   987  C CA  . SER A 1 155 ? 17.112  -4.737  8.227   1.00 49.45  ? 147 SER A CA  1 
ATOM   988  C C   . SER A 1 155 ? 17.760  -5.916  7.514   1.00 50.66  ? 147 SER A C   1 
ATOM   989  O O   . SER A 1 155 ? 18.975  -6.101  7.574   1.00 49.29  ? 147 SER A O   1 
ATOM   990  C CB  . SER A 1 155 ? 16.838  -5.098  9.685   1.00 57.44  ? 147 SER A CB  1 
ATOM   991  O OG  . SER A 1 155 ? 16.440  -3.941  10.404  1.00 62.51  ? 147 SER A OG  1 
ATOM   992  N N   . VAL A 1 156 ? 16.944  -6.731  6.855   1.00 43.27  ? 148 VAL A N   1 
ATOM   993  C CA  . VAL A 1 156 ? 17.473  -7.859  6.111   1.00 46.27  ? 148 VAL A CA  1 
ATOM   994  C C   . VAL A 1 156 ? 17.388  -7.524  4.617   1.00 48.03  ? 148 VAL A C   1 
ATOM   995  O O   . VAL A 1 156 ? 17.219  -8.402  3.775   1.00 38.16  ? 148 VAL A O   1 
ATOM   996  C CB  . VAL A 1 156 ? 16.690  -9.166  6.430   1.00 46.73  ? 148 VAL A CB  1 
ATOM   997  C CG1 . VAL A 1 156 ? 16.879  -9.530  7.904   1.00 48.09  ? 148 VAL A CG1 1 
ATOM   998  C CG2 . VAL A 1 156 ? 15.215  -8.985  6.136   1.00 47.58  ? 148 VAL A CG2 1 
ATOM   999  N N   . ASN A 1 157 ? 17.514  -6.237  4.299   1.00 50.51  ? 149 ASN A N   1 
ATOM   1000 C CA  . ASN A 1 157 ? 17.467  -5.770  2.913   1.00 48.47  ? 149 ASN A CA  1 
ATOM   1001 C C   . ASN A 1 157 ? 16.238  -6.205  2.123   1.00 43.77  ? 149 ASN A C   1 
ATOM   1002 O O   . ASN A 1 157 ? 16.331  -6.472  0.926   1.00 47.97  ? 149 ASN A O   1 
ATOM   1003 C CB  . ASN A 1 157 ? 18.724  -6.203  2.143   1.00 48.97  ? 149 ASN A CB  1 
ATOM   1004 C CG  . ASN A 1 157 ? 19.982  -5.513  2.640   1.00 69.15  ? 149 ASN A CG  1 
ATOM   1005 O OD1 . ASN A 1 157 ? 19.923  -4.427  3.216   1.00 84.07  ? 149 ASN A OD1 1 
ATOM   1006 N ND2 . ASN A 1 157 ? 21.131  -6.136  2.403   1.00 80.40  ? 149 ASN A ND2 1 
ATOM   1007 N N   . ASP A 1 158 ? 15.093  -6.303  2.790   1.00 43.65  ? 150 ASP A N   1 
ATOM   1008 C CA  . ASP A 1 158 ? 13.853  -6.656  2.108   1.00 47.37  ? 150 ASP A CA  1 
ATOM   1009 C C   . ASP A 1 158 ? 13.103  -5.326  2.109   1.00 51.08  ? 150 ASP A C   1 
ATOM   1010 O O   . ASP A 1 158 ? 12.373  -5.004  3.053   1.00 46.32  ? 150 ASP A O   1 
ATOM   1011 C CB  . ASP A 1 158 ? 13.082  -7.711  2.895   1.00 41.17  ? 150 ASP A CB  1 
ATOM   1012 C CG  . ASP A 1 158 ? 11.851  -8.194  2.164   1.00 51.51  ? 150 ASP A CG  1 
ATOM   1013 O OD1 . ASP A 1 158 ? 11.564  -7.647  1.079   1.00 61.31  ? 150 ASP A OD1 1 
ATOM   1014 O OD2 . ASP A 1 158 ? 11.169  -9.111  2.670   1.00 58.70  ? 150 ASP A OD2 1 
ATOM   1015 N N   . TRP A 1 159 ? 13.309  -4.548  1.050   1.00 47.17  ? 151 TRP A N   1 
ATOM   1016 C CA  . TRP A 1 159 ? 12.720  -3.219  0.935   1.00 49.02  ? 151 TRP A CA  1 
ATOM   1017 C C   . TRP A 1 159 ? 11.237  -3.109  0.603   1.00 45.32  ? 151 TRP A C   1 
ATOM   1018 O O   . TRP A 1 159 ? 10.587  -2.134  0.976   1.00 48.60  ? 151 TRP A O   1 
ATOM   1019 C CB  . TRP A 1 159 ? 13.573  -2.398  -0.030  1.00 54.66  ? 151 TRP A CB  1 
ATOM   1020 C CG  . TRP A 1 159 ? 14.940  -2.168  0.557   1.00 62.90  ? 151 TRP A CG  1 
ATOM   1021 C CD1 . TRP A 1 159 ? 15.242  -1.407  1.657   1.00 65.91  ? 151 TRP A CD1 1 
ATOM   1022 C CD2 . TRP A 1 159 ? 16.172  -2.774  0.146   1.00 56.62  ? 151 TRP A CD2 1 
ATOM   1023 N NE1 . TRP A 1 159 ? 16.580  -1.507  1.957   1.00 57.05  ? 151 TRP A NE1 1 
ATOM   1024 C CE2 . TRP A 1 159 ? 17.174  -2.341  1.046   1.00 69.33  ? 151 TRP A CE2 1 
ATOM   1025 C CE3 . TRP A 1 159 ? 16.527  -3.643  -0.893  1.00 73.60  ? 151 TRP A CE3 1 
ATOM   1026 C CZ2 . TRP A 1 159 ? 18.508  -2.751  0.939   1.00 79.26  ? 151 TRP A CZ2 1 
ATOM   1027 C CZ3 . TRP A 1 159 ? 17.858  -4.053  -1.000  1.00 85.57  ? 151 TRP A CZ3 1 
ATOM   1028 C CH2 . TRP A 1 159 ? 18.831  -3.604  -0.087  1.00 90.22  ? 151 TRP A CH2 1 
ATOM   1029 N N   . VAL A 1 160 ? 10.696  -4.104  -0.083  1.00 45.99  ? 152 VAL A N   1 
ATOM   1030 C CA  . VAL A 1 160 ? 9.281   -4.106  -0.412  1.00 44.14  ? 152 VAL A CA  1 
ATOM   1031 C C   . VAL A 1 160 ? 8.767   -5.480  0.010   1.00 42.73  ? 152 VAL A C   1 
ATOM   1032 O O   . VAL A 1 160 ? 8.514   -6.344  -0.825  1.00 43.25  ? 152 VAL A O   1 
ATOM   1033 C CB  . VAL A 1 160 ? 9.046   -3.880  -1.941  1.00 41.41  ? 152 VAL A CB  1 
ATOM   1034 C CG1 . VAL A 1 160 ? 7.569   -3.691  -2.222  1.00 38.03  ? 152 VAL A CG1 1 
ATOM   1035 C CG2 . VAL A 1 160 ? 9.816   -2.667  -2.416  1.00 42.00  ? 152 VAL A CG2 1 
ATOM   1036 N N   . PRO A 1 161 ? 8.624   -5.699  1.332   1.00 50.37  ? 153 PRO A N   1 
ATOM   1037 C CA  . PRO A 1 161 ? 8.148   -6.975  1.870   1.00 43.18  ? 153 PRO A CA  1 
ATOM   1038 C C   . PRO A 1 161 ? 6.690   -7.266  1.573   1.00 48.04  ? 153 PRO A C   1 
ATOM   1039 O O   . PRO A 1 161 ? 5.869   -6.352  1.466   1.00 49.85  ? 153 PRO A O   1 
ATOM   1040 C CB  . PRO A 1 161 ? 8.415   -6.833  3.363   1.00 50.03  ? 153 PRO A CB  1 
ATOM   1041 C CG  . PRO A 1 161 ? 8.187   -5.369  3.591   1.00 45.20  ? 153 PRO A CG  1 
ATOM   1042 C CD  . PRO A 1 161 ? 8.912   -4.750  2.424   1.00 37.46  ? 153 PRO A CD  1 
ATOM   1043 N N   . SER A 1 162 ? 6.368   -8.546  1.427   1.00 39.16  ? 154 SER A N   1 
ATOM   1044 C CA  . SER A 1 162 ? 4.995   -8.925  1.160   1.00 47.97  ? 154 SER A CA  1 
ATOM   1045 C C   . SER A 1 162 ? 4.238   -9.197  2.444   1.00 53.22  ? 154 SER A C   1 
ATOM   1046 O O   . SER A 1 162 ? 4.791   -9.712  3.415   1.00 52.30  ? 154 SER A O   1 
ATOM   1047 C CB  . SER A 1 162 ? 4.934   -10.150 0.246   1.00 50.66  ? 154 SER A CB  1 
ATOM   1048 O OG  . SER A 1 162 ? 5.866   -11.123 0.635   1.00 62.31  ? 154 SER A OG  1 
ATOM   1049 N N   . ILE A 1 163 ? 2.974   -8.796  2.450   1.00 49.92  ? 155 ILE A N   1 
ATOM   1050 C CA  . ILE A 1 163 ? 2.105   -9.017  3.591   1.00 45.81  ? 155 ILE A CA  1 
ATOM   1051 C C   . ILE A 1 163 ? 0.995   -9.904  3.067   1.00 53.81  ? 155 ILE A C   1 
ATOM   1052 O O   . ILE A 1 163 ? 0.570   -9.775  1.916   1.00 54.14  ? 155 ILE A O   1 
ATOM   1053 C CB  . ILE A 1 163 ? 1.451   -7.719  4.119   1.00 53.92  ? 155 ILE A CB  1 
ATOM   1054 C CG1 . ILE A 1 163 ? 2.443   -6.908  4.952   1.00 52.09  ? 155 ILE A CG1 1 
ATOM   1055 C CG2 . ILE A 1 163 ? 0.233   -8.073  4.967   1.00 49.25  ? 155 ILE A CG2 1 
ATOM   1056 C CD1 . ILE A 1 163 ? 3.634   -6.446  4.182   1.00 70.74  ? 155 ILE A CD1 1 
ATOM   1057 N N   . THR A 1 164 ? 0.535   -10.813 3.909   1.00 60.71  ? 156 THR A N   1 
ATOM   1058 C CA  . THR A 1 164 ? -0.542  -11.702 3.533   1.00 67.35  ? 156 THR A CA  1 
ATOM   1059 C C   . THR A 1 164 ? -1.792  -11.187 4.227   1.00 70.06  ? 156 THR A C   1 
ATOM   1060 O O   . THR A 1 164 ? -1.903  -11.239 5.451   1.00 70.77  ? 156 THR A O   1 
ATOM   1061 C CB  . THR A 1 164 ? -0.247  -13.133 3.975   1.00 62.87  ? 156 THR A CB  1 
ATOM   1062 O OG1 . THR A 1 164 ? 0.908   -13.608 3.276   1.00 87.19  ? 156 THR A OG1 1 
ATOM   1063 C CG2 . THR A 1 164 ? -1.435  -14.035 3.675   1.00 62.94  ? 156 THR A CG2 1 
ATOM   1064 N N   . LEU A 1 165 ? -2.721  -10.665 3.439   1.00 66.65  ? 157 LEU A N   1 
ATOM   1065 C CA  . LEU A 1 165 ? -3.957  -10.135 3.987   1.00 70.94  ? 157 LEU A CA  1 
ATOM   1066 C C   . LEU A 1 165 ? -4.791  -11.248 4.608   1.00 68.37  ? 157 LEU A C   1 
ATOM   1067 O O   . LEU A 1 165 ? -4.848  -12.363 4.085   1.00 66.53  ? 157 LEU A O   1 
ATOM   1068 C CB  . LEU A 1 165 ? -4.766  -9.437  2.887   1.00 62.92  ? 157 LEU A CB  1 
ATOM   1069 C CG  . LEU A 1 165 ? -4.199  -8.132  2.319   1.00 60.86  ? 157 LEU A CG  1 
ATOM   1070 C CD1 . LEU A 1 165 ? -4.959  -7.743  1.051   1.00 63.13  ? 157 LEU A CD1 1 
ATOM   1071 C CD2 . LEU A 1 165 ? -4.298  -7.033  3.371   1.00 53.14  ? 157 LEU A CD2 1 
ATOM   1072 N N   . PRO A 1 166 ? -5.434  -10.963 5.749   1.00 71.57  ? 158 PRO A N   1 
ATOM   1073 C CA  . PRO A 1 166 ? -6.267  -11.975 6.404   1.00 77.91  ? 158 PRO A CA  1 
ATOM   1074 C C   . PRO A 1 166 ? -7.459  -12.269 5.498   1.00 76.87  ? 158 PRO A C   1 
ATOM   1075 O O   . PRO A 1 166 ? -8.038  -11.352 4.915   1.00 81.92  ? 158 PRO A O   1 
ATOM   1076 C CB  . PRO A 1 166 ? -6.668  -11.294 7.710   1.00 71.98  ? 158 PRO A CB  1 
ATOM   1077 C CG  . PRO A 1 166 ? -6.699  -9.847  7.338   1.00 77.03  ? 158 PRO A CG  1 
ATOM   1078 C CD  . PRO A 1 166 ? -5.445  -9.702  6.508   1.00 71.66  ? 158 PRO A CD  1 
ATOM   1079 N N   . GLU A 1 167 ? -7.821  -13.542 5.369   1.00 84.66  ? 159 GLU A N   1 
ATOM   1080 C CA  . GLU A 1 167 ? -8.932  -13.915 4.502   1.00 98.85  ? 159 GLU A CA  1 
ATOM   1081 C C   . GLU A 1 167 ? -10.305 -13.571 5.065   1.00 101.62 ? 159 GLU A C   1 
ATOM   1082 O O   . GLU A 1 167 ? -10.368 -13.025 6.187   1.00 70.74  ? 159 GLU A O   1 
ATOM   1083 C CB  . GLU A 1 167 ? -8.862  -15.407 4.173   1.00 104.19 ? 159 GLU A CB  1 
ATOM   1084 C CG  . GLU A 1 167 ? -7.629  -15.790 3.366   1.00 122.09 ? 159 GLU A CG  1 
ATOM   1085 C CD  . GLU A 1 167 ? -7.457  -14.940 2.111   1.00 125.56 ? 159 GLU A CD  1 
ATOM   1086 O OE1 . GLU A 1 167 ? -8.349  -14.974 1.235   1.00 120.31 ? 159 GLU A OE1 1 
ATOM   1087 O OE2 . GLU A 1 167 ? -6.429  -14.236 2.002   1.00 126.11 ? 159 GLU A OE2 1 
ATOM   1088 O OXT . GLU A 1 167 ? -11.303 -13.843 4.363   1.00 96.92  ? 159 GLU A OXT 1 
HETATM 1089 O O   . HOH B 2 .   ? -5.303  5.490   -10.667 1.00 42.35  ? 160 HOH A O   1 
HETATM 1090 O O   . HOH B 2 .   ? 12.242  10.952  -4.150  0.50 42.35  ? 161 HOH A O   1 
HETATM 1091 O O   . HOH B 2 .   ? 3.876   17.708  -0.482  1.00 48.35  ? 162 HOH A O   1 
HETATM 1092 O O   . HOH B 2 .   ? -0.248  10.427  -12.717 1.00 48.35  ? 163 HOH A O   1 
HETATM 1093 O O   . HOH B 2 .   ? 8.901   -1.037  3.315   1.00 50.35  ? 164 HOH A O   1 
HETATM 1094 O O   . HOH B 2 .   ? -3.482  8.899   -0.404  1.00 55.35  ? 165 HOH A O   1 
HETATM 1095 O O   . HOH B 2 .   ? 11.167  -2.701  4.332   1.00 55.35  ? 166 HOH A O   1 
HETATM 1096 O O   . HOH B 2 .   ? -5.621  -4.002  -10.483 1.00 56.35  ? 167 HOH A O   1 
HETATM 1097 O O   . HOH B 2 .   ? 5.972   5.807   5.910   1.00 58.35  ? 168 HOH A O   1 
HETATM 1098 O O   . HOH B 2 .   ? 11.152  -9.532  5.244   1.00 58.35  ? 169 HOH A O   1 
HETATM 1099 O O   . HOH B 2 .   ? 9.641   1.653   8.704   1.00 59.35  ? 170 HOH A O   1 
HETATM 1100 O O   . HOH B 2 .   ? -2.061  -0.091  -13.537 1.00 60.35  ? 171 HOH A O   1 
HETATM 1101 O O   . HOH B 2 .   ? 8.913   18.461  -6.506  1.00 61.35  ? 172 HOH A O   1 
HETATM 1102 O O   . HOH B 2 .   ? -3.151  -11.648 9.157   1.00 63.35  ? 173 HOH A O   1 
HETATM 1103 O O   . HOH B 2 .   ? -0.509  13.099  0.130   1.00 63.35  ? 174 HOH A O   1 
HETATM 1104 O O   . HOH B 2 .   ? 8.892   -10.429 1.655   1.00 62.35  ? 175 HOH A O   1 
HETATM 1105 O O   . HOH B 2 .   ? 2.010   -10.937 6.104   1.00 65.35  ? 176 HOH A O   1 
HETATM 1106 O O   . HOH B 2 .   ? 0.085   -9.906  -18.218 1.00 65.35  ? 177 HOH A O   1 
HETATM 1107 O O   . HOH B 2 .   ? 7.188   -10.836 4.070   1.00 65.35  ? 178 HOH A O   1 
HETATM 1108 O O   . HOH B 2 .   ? 3.579   -4.397  -21.313 1.00 66.35  ? 179 HOH A O   1 
HETATM 1109 O O   . HOH B 2 .   ? -3.641  3.685   -13.101 1.00 64.35  ? 180 HOH A O   1 
HETATM 1110 O O   . HOH B 2 .   ? -12.248 5.131   10.535  1.00 66.35  ? 181 HOH A O   1 
HETATM 1111 O O   . HOH B 2 .   ? 9.430   -2.594  -7.187  1.00 66.35  ? 182 HOH A O   1 
HETATM 1112 O O   . HOH B 2 .   ? 4.352   -7.458  -14.300 1.00 66.35  ? 183 HOH A O   1 
HETATM 1113 O O   . HOH B 2 .   ? 6.387   -6.357  13.485  1.00 67.35  ? 184 HOH A O   1 
HETATM 1114 O O   . HOH B 2 .   ? 4.066   -6.706  -6.354  1.00 33.13  ? 185 HOH A O   1 
HETATM 1115 O O   . HOH B 2 .   ? -1.476  -5.950  -16.224 1.00 66.16  ? 186 HOH A O   1 
HETATM 1116 O O   . HOH B 2 .   ? 6.647   -13.528 2.844   1.00 69.16  ? 187 HOH A O   1 
HETATM 1117 O O   . HOH B 2 .   ? 6.501   -5.611  -6.767  1.00 46.16  ? 188 HOH A O   1 
HETATM 1118 O O   . HOH B 2 .   ? 3.423   -10.465 -11.252 1.00 68.16  ? 189 HOH A O   1 
HETATM 1119 O O   . HOH B 2 .   ? 7.183   15.574  -6.262  1.00 69.16  ? 190 HOH A O   1 
HETATM 1120 O O   . HOH B 2 .   ? 11.744  -6.985  -1.822  1.00 72.16  ? 191 HOH A O   1 
HETATM 1121 O O   . HOH B 2 .   ? 6.381   -9.417  -15.939 1.00 72.16  ? 192 HOH A O   1 
HETATM 1122 O O   . HOH B 2 .   ? 2.623   15.766  -12.246 1.00 70.16  ? 193 HOH A O   1 
HETATM 1123 O O   . HOH B 2 .   ? 4.994   -8.081  -9.771  1.00 71.16  ? 194 HOH A O   1 
HETATM 1124 O O   . HOH B 2 .   ? 9.053   -6.376  -4.824  1.00 73.16  ? 195 HOH A O   1 
HETATM 1125 O O   . HOH B 2 .   ? 14.720  1.412   2.023   1.00 74.16  ? 196 HOH A O   1 
HETATM 1126 O O   . HOH B 2 .   ? 3.396   -9.493  -6.129  1.00 52.16  ? 197 HOH A O   1 
HETATM 1127 O O   . HOH B 2 .   ? 16.021  -0.623  9.190   1.00 73.16  ? 198 HOH A O   1 
HETATM 1128 O O   . HOH B 2 .   ? 9.690   -4.236  -11.139 1.00 73.16  ? 199 HOH A O   1 
HETATM 1129 O O   . HOH B 2 .   ? 7.111   11.970  1.597   1.00 73.16  ? 200 HOH A O   1 
HETATM 1130 O O   . HOH B 2 .   ? -4.419  11.939  -7.416  1.00 74.16  ? 201 HOH A O   1 
HETATM 1131 O O   . HOH B 2 .   ? 11.789  -1.916  -14.199 1.00 75.16  ? 202 HOH A O   1 
HETATM 1132 O O   . HOH B 2 .   ? 3.506   -7.044  12.793  1.00 76.16  ? 203 HOH A O   1 
HETATM 1133 O O   . HOH B 2 .   ? 3.141   -7.554  -22.341 1.00 77.16  ? 204 HOH A O   1 
HETATM 1134 O O   . HOH B 2 .   ? 10.994  -4.728  -15.703 1.00 61.07  ? 205 HOH A O   1 
HETATM 1135 O O   . HOH B 2 .   ? 11.671  0.017   2.101   1.00 70.07  ? 206 HOH A O   1 
HETATM 1136 O O   . HOH B 2 .   ? 8.850   -10.762 6.504   1.00 72.07  ? 207 HOH A O   1 
HETATM 1137 O O   . HOH B 2 .   ? 13.040  3.852   3.337   1.00 76.07  ? 208 HOH A O   1 
HETATM 1138 O O   . HOH B 2 .   ? 10.563  -8.905  -5.702  1.00 75.07  ? 209 HOH A O   1 
HETATM 1139 O O   . HOH B 2 .   ? 8.980   -7.624  -17.130 1.00 79.07  ? 210 HOH A O   1 
HETATM 1140 O O   . HOH B 2 .   ? 1.190   1.656   17.462  1.00 82.07  ? 211 HOH A O   1 
HETATM 1141 O O   . HOH B 2 .   ? 13.935  1.766   9.167   1.00 82.07  ? 212 HOH A O   1 
HETATM 1142 O O   . HOH B 2 .   ? 10.403  4.648   6.426   1.00 84.07  ? 213 HOH A O   1 
HETATM 1143 O O   . HOH B 2 .   ? 9.449   4.415   10.198  1.00 85.07  ? 214 HOH A O   1 
HETATM 1144 O O   . HOH B 2 .   ? 18.877  -2.075  5.697   1.00 85.07  ? 215 HOH A O   1 
HETATM 1145 O O   . HOH B 2 .   ? 3.583   -10.607 -2.812  1.00 85.07  ? 216 HOH A O   1 
HETATM 1146 O O   . HOH B 2 .   ? 12.845  -11.775 2.096   1.00 84.03  ? 217 HOH A O   1 
HETATM 1147 O O   . HOH B 2 .   ? 4.053   3.061   8.137   1.00 78.03  ? 218 HOH A O   1 
HETATM 1148 O O   . HOH B 2 .   ? 0.957   -11.100 -0.514  1.00 85.03  ? 219 HOH A O   1 
HETATM 1149 O O   . HOH B 2 .   ? 6.935   -8.998  -6.411  1.00 55.03  ? 220 HOH A O   1 
HETATM 1150 O O   . HOH B 2 .   ? 10.783  2.856   1.629   1.00 69.03  ? 221 HOH A O   1 
HETATM 1151 O O   . HOH B 2 .   ? -2.629  -11.138 0.623   1.00 87.03  ? 222 HOH A O   1 
HETATM 1152 O O   . HOH B 2 .   ? 14.216  -5.326  -1.305  1.00 75.03  ? 223 HOH A O   1 
HETATM 1153 O O   . HOH B 2 .   ? -9.860  7.427   0.212   1.00 78.03  ? 224 HOH A O   1 
HETATM 1154 O O   . HOH B 2 .   ? 11.910  -8.395  9.392   1.00 79.03  ? 225 HOH A O   1 
HETATM 1155 O O   . HOH B 2 .   ? 8.096   10.220  4.162   1.00 83.03  ? 226 HOH A O   1 
HETATM 1156 O O   . HOH B 2 .   ? -8.363  8.071   -12.522 1.00 85.03  ? 227 HOH A O   1 
# 
